data_4CI2
#
_entry.id   4CI2
#
_cell.length_a   172.110
_cell.length_b   172.110
_cell.length_c   139.840
_cell.angle_alpha   90.00
_cell.angle_beta   90.00
_cell.angle_gamma   120.00
#
_symmetry.space_group_name_H-M   'P 32 2 1'
#
loop_
_entity.id
_entity.type
_entity.pdbx_description
1 polymer 'DNA DAMAGE-BINDING PROTEIN 1'
2 polymer 'PROTEIN CEREBLON'
3 non-polymer 'ZINC ION'
4 non-polymer S-Lenalidomide
5 water water
#
loop_
_entity_poly.entity_id
_entity_poly.type
_entity_poly.pdbx_seq_one_letter_code
_entity_poly.pdbx_strand_id
1 'polypeptide(L)'
;MHHHHHHRRLVPRGSGGRMSYNYVVTAQKPTAVNGCVTGHFTSAEDLNLLIAKNTRLEIYVVTAEGLRPVKEVGMYGKIA
VMELFRPKGESKDLLFILTAKYNACILEYKQSGESIDIITRAHGNVQDRIGRPSETGIIGIIDPECRMIGLRLYDGLFKV
IPLDRDNKELKAFNIRLEELHVIDVKFLYGCQAPTICFVYQDPQGRHVKTYEVSLREKEFNKGPWKQENVEAEASMVIAV
PEPFGGAIIIGQESITYHNGDKYLAIAPPIIKQSTIVCHNRVDPNGSRYLLGDMEGRLFMLLLEKEEQMDGTVTLKDLRV
ELLGETSIAECLTYLDNGVVFVGSRLGDSQLVKLNVDSNEQGSYVVAMETFTNLGPIVDMCVVDLERQGQGQLVTCSGAF
KEGSLRIIRNGIGIHEHASIDLPGIKGLWPLRSDPNRETDDTLVLSFVGQTRVLMLNGEEVEETELMGFVDDQQTFFCGN
VAHQQLIQITSASVRLVSQEPKALVSEWKEPQAKNISVASCNSSQVVVAVGRALYYLQIHPQELRQISHTEMEHEVACLD
ITPLGDSNGLSPLCAIGLWTDISARILKLPSFELLHKEMLGGEIIPRSILMTTFESSHYLLCALGDGALFYFGLNIETGL
LSDRKKVTLGTQPTVLRTFRSLSTTNVFACSDRPTVIYSSNHKLVFSNVNLKEVNYMCPLNSDGYPDSLALANNSTLTIG
TIDEIQKLHIRTVPLYESPRKICYQEVSQCFGVLSSRIEVQDTSGGTTALRPSASTQALSSSVSSSKLFSSSTAPHETSF
GEEVEVHNLLIIDQHTFEVLHAHQFLQNEYALSLVSCKLGKDPNTYFIVGTAMVYPEEAEPKQGRIVVFQYSDGKLQTVA
EKEVKGAVYSMVEFNGKLLASINSTVRLYEWTTEKELRTECNHYNNIMALYLKTKGDFILVGDLMRSVLLLAYKPMEGNF
EEIARDFNPNWMSAVEILDDDNFLGAENAFNLFVCQKDSAATTDEERQHLQEVGLFHLGEFVNVFCHGSLVMQNLGETST
PTQGSVLFGTVNGMIGLVTSLSESWYNLLLDMQNRLNKVIKSVGKIEHSFWRSFHTERKTEPATGFIDGDLIESFLDISR
PKMQEVVANLQYDDGSGMKREATADDLIKVVEELTRIH
;
A
2 'polypeptide(L)'
;MDWSHPQFEKSAVDENLYFQGGGRMAAEEGGDGRRNMGNPPPPAPAESEEEDDNEMEVEDQDGKEAEKPNMINFDTSLPT
SHMYLGSDMEEFHGRTLHDDDSCQVIPVLPHVMVMLIPGQTLPLQLFHPQEVSMVRNLIQKDRTFAVLAYSNVREREAHF
GTTAEIYAYREEQEYGIETVKVKAIGRQRFKVLEIRTQSDGIQQAKVQILPERVLPSTMSAVQLQSLSRRHIFPSSKPKV
WQDRAFRQWWQKYQKRKFHCASLTSWPPWLYSLYDAETLMERVKRQLHEWDENLKDESLPTNPIDFSYRVAACLPIDDAL
RIQLLKIGSAIQRLRCELDIMNKCTSLCCKQCQDTEITTKNEIFSLSLCGPMAAYVNPHGYIHETLTVYKACNLNLSGRP
STEHSWFPGYAWTIAQCRICGNHMGWKFTATKKDMSPQKFWGLTRSALLPRIPEAEDELGHDRSPLLCL
;
B
#
loop_
_chem_comp.id
_chem_comp.type
_chem_comp.name
_chem_comp.formula
LVY non-polymer S-Lenalidomide 'C13 H13 N3 O3'
ZN non-polymer 'ZINC ION' 'Zn 2'
#
# COMPACT_ATOMS: atom_id res chain seq x y z
N SER A 20 17.37 -15.33 7.25
CA SER A 20 16.34 -14.53 7.93
C SER A 20 14.92 -15.06 7.71
N TYR A 21 14.17 -15.15 8.81
CA TYR A 21 12.81 -15.69 8.85
C TYR A 21 11.94 -14.66 9.53
N ASN A 22 10.87 -14.24 8.84
CA ASN A 22 9.95 -13.21 9.32
C ASN A 22 8.51 -13.65 9.34
N TYR A 23 7.69 -12.89 10.08
CA TYR A 23 6.28 -13.12 10.30
C TYR A 23 5.54 -11.82 10.01
N VAL A 24 4.54 -11.90 9.12
CA VAL A 24 3.76 -10.75 8.68
C VAL A 24 2.27 -11.03 8.90
N VAL A 25 1.61 -10.12 9.67
CA VAL A 25 0.18 -10.23 10.02
C VAL A 25 -0.54 -8.87 9.92
N THR A 26 -1.83 -8.91 9.56
CA THR A 26 -2.67 -7.72 9.44
C THR A 26 -3.03 -7.22 10.86
N ALA A 27 -2.65 -5.97 11.19
CA ALA A 27 -2.98 -5.34 12.45
C ALA A 27 -4.36 -4.69 12.32
N GLN A 28 -4.68 -4.17 11.12
CA GLN A 28 -5.94 -3.50 10.75
C GLN A 28 -6.16 -3.75 9.27
N LYS A 29 -7.33 -4.27 8.91
CA LYS A 29 -7.71 -4.59 7.53
C LYS A 29 -7.70 -3.36 6.59
N PRO A 30 -7.73 -3.52 5.22
CA PRO A 30 -7.82 -2.31 4.37
C PRO A 30 -9.18 -1.67 4.62
N THR A 31 -9.21 -0.33 4.61
CA THR A 31 -10.42 0.46 4.85
C THR A 31 -10.96 1.10 3.57
N ALA A 32 -10.08 1.48 2.63
CA ALA A 32 -10.43 2.15 1.38
C ALA A 32 -11.33 1.32 0.45
N VAL A 33 -12.35 1.97 -0.15
CA VAL A 33 -13.30 1.33 -1.07
C VAL A 33 -12.72 1.39 -2.48
N ASN A 34 -12.55 0.23 -3.10
CA ASN A 34 -11.97 0.05 -4.44
C ASN A 34 -13.05 0.01 -5.50
N GLY A 35 -14.25 -0.39 -5.09
CA GLY A 35 -15.41 -0.51 -5.95
C GLY A 35 -16.63 -0.91 -5.16
N CYS A 36 -17.83 -0.72 -5.75
CA CYS A 36 -19.12 -1.12 -5.16
C CYS A 36 -20.20 -1.30 -6.22
N VAL A 37 -21.10 -2.25 -5.95
CA VAL A 37 -22.23 -2.62 -6.81
C VAL A 37 -23.51 -2.90 -6.02
N THR A 38 -24.65 -2.87 -6.75
CA THR A 38 -25.99 -3.15 -6.24
C THR A 38 -26.69 -4.14 -7.13
N GLY A 39 -27.40 -5.06 -6.50
CA GLY A 39 -28.17 -6.12 -7.15
C GLY A 39 -28.88 -7.00 -6.15
N HIS A 40 -29.22 -8.23 -6.57
CA HIS A 40 -29.94 -9.18 -5.71
C HIS A 40 -29.20 -10.53 -5.65
N PHE A 41 -28.07 -10.48 -4.95
CA PHE A 41 -27.11 -11.56 -4.76
C PHE A 41 -27.54 -12.57 -3.67
N THR A 42 -27.94 -12.05 -2.47
CA THR A 42 -28.38 -12.86 -1.33
C THR A 42 -29.73 -13.58 -1.61
N SER A 43 -30.68 -12.84 -2.20
CA SER A 43 -32.00 -13.32 -2.61
C SER A 43 -32.53 -12.35 -3.64
N ALA A 44 -33.36 -12.83 -4.61
CA ALA A 44 -33.98 -12.00 -5.65
C ALA A 44 -34.94 -10.92 -5.10
N GLU A 45 -35.15 -10.92 -3.75
CA GLU A 45 -35.99 -9.98 -3.02
C GLU A 45 -35.14 -8.85 -2.43
N ASP A 46 -34.24 -9.19 -1.47
CA ASP A 46 -33.35 -8.28 -0.74
C ASP A 46 -32.40 -7.46 -1.65
N LEU A 47 -32.44 -6.09 -1.53
CA LEU A 47 -31.54 -5.23 -2.31
C LEU A 47 -30.18 -5.25 -1.64
N ASN A 48 -29.17 -5.68 -2.40
CA ASN A 48 -27.81 -5.81 -1.90
C ASN A 48 -26.83 -4.77 -2.39
N LEU A 49 -25.88 -4.42 -1.50
CA LEU A 49 -24.75 -3.54 -1.78
C LEU A 49 -23.44 -4.28 -1.47
N LEU A 50 -22.66 -4.55 -2.53
CA LEU A 50 -21.36 -5.23 -2.45
C LEU A 50 -20.23 -4.21 -2.58
N ILE A 51 -19.43 -4.10 -1.51
CA ILE A 51 -18.28 -3.21 -1.40
C ILE A 51 -16.96 -4.03 -1.51
N ALA A 52 -16.03 -3.59 -2.38
CA ALA A 52 -14.70 -4.21 -2.52
C ALA A 52 -13.67 -3.37 -1.76
N LYS A 53 -13.12 -3.91 -0.69
CA LYS A 53 -12.09 -3.24 0.09
C LYS A 53 -10.76 -4.02 -0.13
N ASN A 54 -10.40 -4.16 -1.42
CA ASN A 54 -9.21 -4.82 -1.97
C ASN A 54 -9.26 -6.33 -1.91
N THR A 55 -8.63 -6.90 -0.88
CA THR A 55 -8.57 -8.34 -0.62
C THR A 55 -9.90 -8.77 -0.01
N ARG A 56 -10.69 -7.81 0.54
CA ARG A 56 -11.99 -8.00 1.21
C ARG A 56 -13.22 -7.74 0.39
N LEU A 57 -14.29 -8.50 0.70
CA LEU A 57 -15.64 -8.34 0.14
C LEU A 57 -16.68 -8.23 1.27
N GLU A 58 -17.33 -7.05 1.34
CA GLU A 58 -18.39 -6.74 2.30
C GLU A 58 -19.74 -6.86 1.61
N ILE A 59 -20.63 -7.75 2.14
CA ILE A 59 -21.96 -7.94 1.54
C ILE A 59 -23.00 -7.36 2.52
N TYR A 60 -23.94 -6.55 1.94
CA TYR A 60 -24.97 -5.79 2.65
C TYR A 60 -26.38 -5.93 2.11
N VAL A 61 -27.36 -5.51 2.92
CA VAL A 61 -28.79 -5.45 2.57
C VAL A 61 -29.23 -4.01 2.84
N VAL A 62 -29.90 -3.37 1.87
CA VAL A 62 -30.39 -1.98 2.03
C VAL A 62 -31.64 -1.98 2.94
N THR A 63 -31.43 -1.69 4.23
CA THR A 63 -32.45 -1.70 5.29
C THR A 63 -33.53 -0.62 5.13
N ALA A 64 -33.26 0.45 4.34
CA ALA A 64 -34.13 1.62 4.13
C ALA A 64 -34.17 2.48 5.41
N GLU A 65 -33.72 1.90 6.55
CA GLU A 65 -33.57 2.50 7.88
C GLU A 65 -32.10 2.31 8.38
N GLY A 66 -31.23 1.97 7.42
CA GLY A 66 -29.79 1.75 7.62
C GLY A 66 -29.19 0.94 6.50
N LEU A 67 -28.18 0.13 6.83
CA LEU A 67 -27.46 -0.79 5.95
C LEU A 67 -27.15 -2.06 6.76
N ARG A 68 -27.72 -3.21 6.35
CA ARG A 68 -27.61 -4.47 7.06
C ARG A 68 -26.40 -5.32 6.63
N PRO A 69 -25.36 -5.48 7.50
CA PRO A 69 -24.22 -6.33 7.13
C PRO A 69 -24.49 -7.82 7.37
N VAL A 70 -24.58 -8.61 6.27
CA VAL A 70 -24.82 -10.05 6.29
C VAL A 70 -23.54 -10.89 6.50
N LYS A 71 -22.52 -10.75 5.62
CA LYS A 71 -21.26 -11.51 5.69
C LYS A 71 -20.07 -10.66 5.18
N GLU A 72 -18.85 -10.99 5.64
CA GLU A 72 -17.61 -10.35 5.20
C GLU A 72 -16.54 -11.40 4.89
N VAL A 73 -16.40 -11.75 3.61
CA VAL A 73 -15.39 -12.70 3.14
C VAL A 73 -14.10 -12.03 2.66
N GLY A 74 -12.98 -12.69 2.88
CA GLY A 74 -11.67 -12.28 2.42
C GLY A 74 -11.23 -13.16 1.26
N MET A 75 -10.54 -12.58 0.28
CA MET A 75 -10.03 -13.28 -0.91
C MET A 75 -8.50 -13.29 -0.99
N TYR A 76 -7.97 -14.21 -1.81
CA TYR A 76 -6.55 -14.41 -2.09
C TYR A 76 -6.20 -13.74 -3.42
N GLY A 77 -6.52 -12.45 -3.49
CA GLY A 77 -6.27 -11.62 -4.64
C GLY A 77 -6.76 -10.21 -4.42
N LYS A 78 -6.24 -9.27 -5.20
CA LYS A 78 -6.68 -7.90 -5.13
C LYS A 78 -7.81 -7.82 -6.16
N ILE A 79 -9.01 -7.37 -5.75
CA ILE A 79 -10.16 -7.27 -6.65
C ILE A 79 -9.94 -6.16 -7.70
N ALA A 80 -10.06 -6.49 -8.99
CA ALA A 80 -9.92 -5.57 -10.13
C ALA A 80 -11.27 -5.36 -10.83
N VAL A 81 -12.06 -6.43 -10.98
CA VAL A 81 -13.41 -6.38 -11.55
C VAL A 81 -14.36 -6.99 -10.51
N MET A 82 -15.60 -6.46 -10.44
CA MET A 82 -16.66 -6.91 -9.53
C MET A 82 -17.99 -6.44 -10.10
N GLU A 83 -18.63 -7.30 -10.89
CA GLU A 83 -19.94 -7.03 -11.48
C GLU A 83 -20.86 -8.26 -11.38
N LEU A 84 -22.11 -8.03 -10.90
CA LEU A 84 -23.17 -9.03 -10.74
C LEU A 84 -23.84 -9.37 -12.09
N PHE A 85 -24.52 -10.54 -12.19
CA PHE A 85 -25.22 -11.02 -13.39
C PHE A 85 -26.20 -12.17 -13.09
N ARG A 86 -27.34 -12.20 -13.79
CA ARG A 86 -28.36 -13.25 -13.67
C ARG A 86 -28.62 -13.90 -15.07
N PRO A 87 -27.91 -15.02 -15.42
CA PRO A 87 -28.11 -15.64 -16.74
C PRO A 87 -29.32 -16.58 -16.82
N LYS A 88 -30.37 -16.14 -17.54
CA LYS A 88 -31.65 -16.85 -17.71
C LYS A 88 -32.26 -17.25 -16.35
N GLY A 89 -32.76 -18.48 -16.23
CA GLY A 89 -33.39 -19.00 -15.02
C GLY A 89 -32.48 -19.17 -13.82
N GLU A 90 -32.39 -18.13 -12.97
CA GLU A 90 -31.58 -18.15 -11.75
C GLU A 90 -32.38 -17.64 -10.55
N SER A 91 -32.19 -18.30 -9.38
CA SER A 91 -32.84 -17.97 -8.09
C SER A 91 -32.48 -16.56 -7.56
N LYS A 92 -31.23 -16.10 -7.82
CA LYS A 92 -30.69 -14.80 -7.41
C LYS A 92 -29.58 -14.38 -8.40
N ASP A 93 -28.64 -13.52 -7.96
CA ASP A 93 -27.53 -13.03 -8.79
C ASP A 93 -26.21 -13.77 -8.56
N LEU A 94 -25.42 -13.86 -9.65
CA LEU A 94 -24.07 -14.46 -9.69
C LEU A 94 -23.04 -13.34 -9.80
N LEU A 95 -22.03 -13.38 -8.90
CA LEU A 95 -20.97 -12.38 -8.82
C LEU A 95 -19.69 -12.76 -9.54
N PHE A 96 -19.24 -11.92 -10.46
CA PHE A 96 -17.96 -12.14 -11.14
C PHE A 96 -16.87 -11.32 -10.45
N ILE A 97 -15.73 -11.95 -10.15
CA ILE A 97 -14.58 -11.29 -9.52
C ILE A 97 -13.33 -11.60 -10.33
N LEU A 98 -12.55 -10.59 -10.65
CA LEU A 98 -11.29 -10.78 -11.35
C LEU A 98 -10.19 -10.16 -10.51
N THR A 99 -9.19 -10.96 -10.09
CA THR A 99 -8.11 -10.41 -9.28
C THR A 99 -7.04 -9.77 -10.17
N ALA A 100 -6.14 -8.95 -9.59
CA ALA A 100 -5.02 -8.32 -10.29
C ALA A 100 -4.05 -9.37 -10.92
N LYS A 101 -4.03 -10.61 -10.34
CA LYS A 101 -3.24 -11.74 -10.80
C LYS A 101 -4.03 -12.61 -11.80
N TYR A 102 -5.14 -12.03 -12.33
CA TYR A 102 -6.06 -12.56 -13.35
C TYR A 102 -6.87 -13.79 -12.88
N ASN A 103 -7.13 -13.88 -11.57
CA ASN A 103 -7.95 -14.95 -11.02
C ASN A 103 -9.41 -14.59 -11.27
N ALA A 104 -10.04 -15.28 -12.22
CA ALA A 104 -11.44 -15.15 -12.59
C ALA A 104 -12.29 -16.17 -11.83
N CYS A 105 -13.48 -15.75 -11.33
CA CYS A 105 -14.41 -16.61 -10.61
C CYS A 105 -15.85 -16.09 -10.62
N ILE A 106 -16.83 -17.01 -10.56
CA ILE A 106 -18.27 -16.76 -10.48
C ILE A 106 -18.73 -17.24 -9.10
N LEU A 107 -19.25 -16.35 -8.28
CA LEU A 107 -19.63 -16.71 -6.92
C LEU A 107 -21.13 -16.58 -6.67
N GLU A 108 -21.71 -17.60 -6.03
CA GLU A 108 -23.13 -17.70 -5.69
C GLU A 108 -23.28 -17.59 -4.17
N TYR A 109 -24.39 -17.00 -3.71
CA TYR A 109 -24.63 -16.88 -2.28
C TYR A 109 -25.38 -18.12 -1.78
N LYS A 110 -24.99 -18.64 -0.61
CA LYS A 110 -25.64 -19.81 -0.01
C LYS A 110 -25.82 -19.66 1.49
N GLN A 111 -27.09 -19.63 1.90
CA GLN A 111 -27.55 -19.50 3.29
C GLN A 111 -28.47 -20.65 3.64
N SER A 112 -28.29 -21.22 4.86
CA SER A 112 -29.09 -22.29 5.43
C SER A 112 -29.04 -22.20 6.96
N GLY A 113 -29.95 -21.40 7.52
CA GLY A 113 -30.05 -21.14 8.95
C GLY A 113 -29.06 -20.09 9.41
N GLU A 114 -28.10 -20.51 10.27
CA GLU A 114 -27.04 -19.64 10.81
C GLU A 114 -25.76 -19.73 9.95
N SER A 115 -25.68 -20.77 9.10
CA SER A 115 -24.55 -21.03 8.21
C SER A 115 -24.69 -20.20 6.93
N ILE A 116 -23.63 -19.44 6.62
CA ILE A 116 -23.48 -18.56 5.46
C ILE A 116 -22.17 -18.91 4.75
N ASP A 117 -22.23 -19.25 3.45
CA ASP A 117 -21.05 -19.66 2.67
C ASP A 117 -21.09 -19.15 1.22
N ILE A 118 -19.95 -18.61 0.73
CA ILE A 118 -19.83 -18.14 -0.66
C ILE A 118 -19.43 -19.35 -1.49
N ILE A 119 -20.15 -19.60 -2.58
CA ILE A 119 -19.90 -20.78 -3.39
C ILE A 119 -19.34 -20.46 -4.76
N THR A 120 -18.20 -21.07 -5.08
CA THR A 120 -17.53 -20.91 -6.37
C THR A 120 -18.28 -21.76 -7.40
N ARG A 121 -18.88 -21.10 -8.39
CA ARG A 121 -19.65 -21.71 -9.46
C ARG A 121 -18.79 -22.05 -10.67
N ALA A 122 -17.69 -21.32 -10.84
CA ALA A 122 -16.72 -21.47 -11.93
C ALA A 122 -15.46 -20.67 -11.58
N HIS A 123 -14.26 -21.18 -11.91
CA HIS A 123 -13.01 -20.47 -11.61
C HIS A 123 -11.86 -20.91 -12.49
N GLY A 124 -11.00 -19.95 -12.79
CA GLY A 124 -9.79 -20.11 -13.60
C GLY A 124 -8.92 -18.87 -13.63
N ASN A 125 -7.76 -18.96 -14.33
CA ASN A 125 -6.81 -17.86 -14.50
C ASN A 125 -6.73 -17.50 -15.97
N VAL A 126 -7.12 -16.28 -16.28
CA VAL A 126 -7.23 -15.74 -17.63
C VAL A 126 -5.95 -14.99 -18.13
N GLN A 127 -4.82 -15.14 -17.42
CA GLN A 127 -3.55 -14.52 -17.80
C GLN A 127 -3.03 -15.07 -19.13
N ASP A 128 -2.51 -14.20 -20.01
CA ASP A 128 -1.94 -14.60 -21.30
C ASP A 128 -0.46 -14.90 -21.12
N ARG A 129 0.01 -15.98 -21.77
CA ARG A 129 1.41 -16.46 -21.79
C ARG A 129 2.43 -15.33 -22.09
N ILE A 130 1.98 -14.27 -22.79
CA ILE A 130 2.72 -13.05 -23.16
C ILE A 130 1.74 -11.88 -23.25
N GLY A 131 2.27 -10.68 -23.42
CA GLY A 131 1.46 -9.48 -23.57
C GLY A 131 1.78 -8.39 -22.58
N ARG A 132 1.70 -7.13 -23.04
CA ARG A 132 1.94 -5.93 -22.26
C ARG A 132 0.60 -5.46 -21.66
N PRO A 133 0.43 -5.51 -20.31
CA PRO A 133 -0.82 -5.05 -19.70
C PRO A 133 -1.09 -3.61 -20.09
N SER A 134 -2.30 -3.34 -20.56
CA SER A 134 -2.70 -2.02 -21.05
C SER A 134 -2.53 -0.87 -20.05
N GLU A 135 -2.42 0.35 -20.59
CA GLU A 135 -2.19 1.62 -19.92
C GLU A 135 -3.35 2.07 -19.03
N THR A 136 -4.59 1.99 -19.53
CA THR A 136 -5.77 2.42 -18.77
C THR A 136 -6.36 1.29 -17.89
N GLY A 137 -5.49 0.36 -17.42
CA GLY A 137 -5.82 -0.75 -16.54
C GLY A 137 -6.71 -1.84 -17.10
N ILE A 138 -7.20 -2.74 -16.20
CA ILE A 138 -8.08 -3.88 -16.50
C ILE A 138 -9.53 -3.39 -16.64
N ILE A 139 -10.22 -3.78 -17.75
CA ILE A 139 -11.64 -3.44 -17.98
C ILE A 139 -12.45 -4.73 -18.02
N GLY A 140 -13.41 -4.86 -17.10
CA GLY A 140 -14.27 -6.05 -17.01
C GLY A 140 -15.74 -5.79 -17.26
N ILE A 141 -16.17 -5.94 -18.53
CA ILE A 141 -17.54 -5.70 -18.99
C ILE A 141 -18.30 -7.01 -19.31
N ILE A 142 -19.64 -6.99 -19.11
CA ILE A 142 -20.53 -8.14 -19.32
C ILE A 142 -21.66 -7.76 -20.28
N ASP A 143 -21.98 -8.64 -21.26
CA ASP A 143 -23.08 -8.49 -22.20
C ASP A 143 -24.42 -8.40 -21.39
N PRO A 144 -25.37 -7.51 -21.77
CA PRO A 144 -26.61 -7.38 -20.98
C PRO A 144 -27.44 -8.66 -20.86
N GLU A 145 -27.40 -9.51 -21.92
CA GLU A 145 -28.13 -10.78 -22.00
C GLU A 145 -27.42 -11.95 -21.28
N CYS A 146 -26.24 -11.69 -20.65
CA CYS A 146 -25.37 -12.65 -19.94
C CYS A 146 -24.79 -13.68 -20.92
N ARG A 147 -24.42 -13.21 -22.12
CA ARG A 147 -23.88 -14.02 -23.21
C ARG A 147 -22.35 -14.23 -23.15
N MET A 148 -21.62 -13.33 -22.48
CA MET A 148 -20.15 -13.38 -22.38
C MET A 148 -19.57 -12.42 -21.32
N ILE A 149 -18.24 -12.47 -21.14
CA ILE A 149 -17.43 -11.61 -20.27
C ILE A 149 -16.34 -11.03 -21.18
N GLY A 150 -16.28 -9.71 -21.28
CA GLY A 150 -15.28 -9.02 -22.08
C GLY A 150 -14.20 -8.44 -21.21
N LEU A 151 -12.92 -8.79 -21.50
CA LEU A 151 -11.79 -8.30 -20.69
C LEU A 151 -10.73 -7.58 -21.50
N ARG A 152 -10.42 -6.36 -21.10
CA ARG A 152 -9.34 -5.64 -21.76
C ARG A 152 -8.17 -5.57 -20.78
N LEU A 153 -7.35 -6.63 -20.81
CA LEU A 153 -6.18 -6.79 -19.95
C LEU A 153 -4.92 -6.40 -20.68
N TYR A 154 -4.88 -6.64 -22.01
CA TYR A 154 -3.70 -6.37 -22.85
C TYR A 154 -4.07 -5.52 -24.08
N ASP A 155 -3.16 -4.62 -24.49
CA ASP A 155 -3.38 -3.75 -25.64
C ASP A 155 -3.31 -4.50 -26.96
N GLY A 156 -4.39 -4.43 -27.72
CA GLY A 156 -4.51 -5.07 -29.03
C GLY A 156 -5.19 -6.43 -29.04
N LEU A 157 -5.82 -6.81 -27.91
CA LEU A 157 -6.55 -8.08 -27.79
C LEU A 157 -7.81 -7.90 -27.00
N PHE A 158 -8.82 -8.73 -27.27
CA PHE A 158 -10.07 -8.70 -26.52
C PHE A 158 -10.49 -10.11 -26.06
N LYS A 159 -10.16 -10.43 -24.79
CA LYS A 159 -10.45 -11.71 -24.15
C LYS A 159 -11.96 -11.87 -23.93
N VAL A 160 -12.51 -13.06 -24.30
CA VAL A 160 -13.94 -13.37 -24.19
C VAL A 160 -14.20 -14.68 -23.42
N ILE A 161 -14.97 -14.58 -22.32
CA ILE A 161 -15.34 -15.72 -21.49
C ILE A 161 -16.88 -15.92 -21.60
N PRO A 162 -17.35 -16.90 -22.40
CA PRO A 162 -18.81 -17.09 -22.56
C PRO A 162 -19.49 -17.68 -21.31
N LEU A 163 -20.45 -16.93 -20.72
CA LEU A 163 -21.19 -17.36 -19.53
C LEU A 163 -22.44 -18.16 -19.89
N LYS A 168 -17.24 -23.52 -16.94
CA LYS A 168 -16.92 -23.96 -15.58
C LYS A 168 -15.44 -23.71 -15.25
N GLU A 169 -14.54 -24.11 -16.15
CA GLU A 169 -13.11 -23.87 -15.96
C GLU A 169 -12.79 -22.46 -16.46
N LEU A 170 -13.86 -21.71 -16.85
CA LEU A 170 -13.85 -20.36 -17.41
C LEU A 170 -12.94 -20.29 -18.66
N LYS A 171 -13.38 -20.99 -19.74
CA LYS A 171 -12.70 -21.07 -21.03
C LYS A 171 -12.62 -19.70 -21.70
N ALA A 172 -11.42 -19.31 -22.21
CA ALA A 172 -11.24 -17.99 -22.82
C ALA A 172 -10.54 -17.99 -24.19
N PHE A 173 -10.84 -16.95 -25.02
CA PHE A 173 -10.27 -16.74 -26.36
C PHE A 173 -10.08 -15.26 -26.69
N ASN A 174 -9.09 -14.97 -27.53
CA ASN A 174 -8.76 -13.60 -27.94
C ASN A 174 -9.18 -13.23 -29.36
N ILE A 175 -9.43 -11.93 -29.56
CA ILE A 175 -9.81 -11.32 -30.82
C ILE A 175 -8.88 -10.12 -31.03
N ARG A 176 -8.08 -10.17 -32.11
CA ARG A 176 -7.12 -9.11 -32.42
C ARG A 176 -7.85 -7.82 -32.76
N LEU A 177 -7.77 -6.87 -31.82
CA LEU A 177 -8.36 -5.55 -31.95
C LEU A 177 -7.33 -4.61 -32.61
N GLU A 178 -7.71 -4.01 -33.74
CA GLU A 178 -6.87 -3.14 -34.56
C GLU A 178 -6.41 -1.86 -33.85
N GLU A 179 -7.29 -1.23 -33.06
CA GLU A 179 -7.03 0.03 -32.34
C GLU A 179 -6.46 -0.27 -30.97
N LEU A 180 -5.12 -0.21 -30.88
CA LEU A 180 -4.31 -0.54 -29.70
C LEU A 180 -4.71 0.21 -28.43
N HIS A 181 -4.77 1.55 -28.51
CA HIS A 181 -5.05 2.43 -27.39
C HIS A 181 -6.54 2.69 -27.15
N VAL A 182 -7.18 1.78 -26.39
CA VAL A 182 -8.59 1.87 -26.01
C VAL A 182 -8.67 2.57 -24.65
N ILE A 183 -9.48 3.63 -24.55
CA ILE A 183 -9.67 4.43 -23.34
C ILE A 183 -10.67 3.75 -22.39
N ASP A 184 -11.92 3.59 -22.82
CA ASP A 184 -13.00 2.93 -22.09
C ASP A 184 -13.88 2.17 -23.08
N VAL A 185 -14.58 1.12 -22.60
CA VAL A 185 -15.45 0.26 -23.40
C VAL A 185 -16.62 -0.25 -22.54
N LYS A 186 -17.75 -0.50 -23.19
CA LYS A 186 -18.97 -1.02 -22.57
C LYS A 186 -19.71 -1.96 -23.55
N PHE A 187 -20.55 -2.86 -23.02
CA PHE A 187 -21.37 -3.74 -23.87
C PHE A 187 -22.66 -2.99 -24.16
N LEU A 188 -22.95 -2.79 -25.46
CA LEU A 188 -24.15 -2.06 -25.89
C LEU A 188 -25.45 -2.81 -25.57
N TYR A 189 -26.50 -2.05 -25.25
CA TYR A 189 -27.83 -2.55 -24.95
C TYR A 189 -28.67 -2.60 -26.24
N GLY A 190 -29.68 -3.47 -26.25
CA GLY A 190 -30.61 -3.64 -27.37
C GLY A 190 -29.92 -4.09 -28.64
N CYS A 191 -29.33 -5.30 -28.60
CA CYS A 191 -28.60 -5.86 -29.73
C CYS A 191 -28.99 -7.32 -30.00
N GLN A 192 -29.23 -7.64 -31.29
CA GLN A 192 -29.55 -9.00 -31.72
C GLN A 192 -28.25 -9.82 -31.72
N ALA A 193 -27.11 -9.13 -32.00
CA ALA A 193 -25.72 -9.65 -32.03
C ALA A 193 -24.87 -8.80 -31.04
N PRO A 194 -24.13 -9.43 -30.06
CA PRO A 194 -23.36 -8.62 -29.11
C PRO A 194 -22.43 -7.60 -29.73
N THR A 195 -22.49 -6.37 -29.20
CA THR A 195 -21.71 -5.24 -29.67
C THR A 195 -21.06 -4.47 -28.50
N ILE A 196 -19.82 -4.03 -28.72
CA ILE A 196 -19.02 -3.23 -27.80
C ILE A 196 -18.74 -1.87 -28.43
N CYS A 197 -18.85 -0.82 -27.62
CA CYS A 197 -18.56 0.53 -28.06
C CYS A 197 -17.40 1.05 -27.23
N PHE A 198 -16.35 1.49 -27.90
CA PHE A 198 -15.14 1.95 -27.25
C PHE A 198 -14.55 3.27 -27.77
N VAL A 199 -13.99 4.07 -26.87
CA VAL A 199 -13.28 5.30 -27.20
C VAL A 199 -11.82 4.88 -27.40
N TYR A 200 -11.24 5.24 -28.54
CA TYR A 200 -9.85 4.90 -28.81
C TYR A 200 -9.08 6.13 -29.28
N GLN A 201 -7.74 6.10 -29.11
CA GLN A 201 -6.93 7.23 -29.55
C GLN A 201 -5.78 6.79 -30.45
N ASP A 202 -5.63 7.50 -31.58
CA ASP A 202 -4.59 7.31 -32.58
C ASP A 202 -3.86 8.66 -32.82
N PRO A 203 -2.71 8.73 -33.54
CA PRO A 203 -2.04 10.04 -33.72
C PRO A 203 -2.91 11.15 -34.32
N GLN A 204 -3.83 10.78 -35.24
CA GLN A 204 -4.76 11.70 -35.92
C GLN A 204 -5.73 12.35 -34.94
N GLY A 205 -6.24 11.58 -33.97
CA GLY A 205 -7.16 12.03 -32.94
C GLY A 205 -7.73 10.94 -32.06
N ARG A 206 -8.76 11.29 -31.27
CA ARG A 206 -9.47 10.36 -30.38
C ARG A 206 -10.90 10.23 -30.92
N HIS A 207 -11.27 9.01 -31.33
CA HIS A 207 -12.56 8.72 -31.97
C HIS A 207 -13.27 7.55 -31.33
N VAL A 208 -14.61 7.57 -31.33
CA VAL A 208 -15.43 6.47 -30.81
C VAL A 208 -15.66 5.44 -31.97
N LYS A 209 -15.69 4.12 -31.65
CA LYS A 209 -15.89 3.05 -32.64
C LYS A 209 -16.76 1.89 -32.11
N THR A 210 -17.32 1.08 -33.03
CA THR A 210 -18.16 -0.08 -32.71
C THR A 210 -17.70 -1.36 -33.43
N TYR A 211 -17.75 -2.50 -32.71
CA TYR A 211 -17.39 -3.81 -33.23
C TYR A 211 -18.42 -4.83 -32.77
N GLU A 212 -18.71 -5.84 -33.61
CA GLU A 212 -19.64 -6.91 -33.28
C GLU A 212 -18.86 -8.17 -32.95
N VAL A 213 -19.08 -8.73 -31.74
CA VAL A 213 -18.40 -9.92 -31.28
C VAL A 213 -19.22 -11.19 -31.54
N SER A 214 -18.67 -12.11 -32.37
CA SER A 214 -19.31 -13.37 -32.72
C SER A 214 -18.60 -14.56 -32.04
N LEU A 215 -19.37 -15.34 -31.28
CA LEU A 215 -18.86 -16.50 -30.56
C LEU A 215 -18.65 -17.69 -31.50
N ARG A 216 -19.64 -17.94 -32.40
CA ARG A 216 -19.62 -19.02 -33.39
C ARG A 216 -18.57 -18.80 -34.50
N GLU A 217 -18.07 -17.56 -34.64
CA GLU A 217 -17.05 -17.20 -35.62
C GLU A 217 -15.70 -16.96 -34.93
N LYS A 218 -15.73 -16.76 -33.58
CA LYS A 218 -14.60 -16.50 -32.67
C LYS A 218 -13.74 -15.29 -33.08
N GLU A 219 -14.34 -14.32 -33.83
CA GLU A 219 -13.69 -13.11 -34.36
C GLU A 219 -14.67 -11.91 -34.33
N PHE A 220 -14.17 -10.71 -34.74
CA PHE A 220 -14.91 -9.45 -34.83
C PHE A 220 -15.36 -9.15 -36.26
N ASN A 221 -16.52 -8.49 -36.38
CA ASN A 221 -17.06 -8.02 -37.66
C ASN A 221 -17.49 -6.56 -37.46
N LYS A 222 -17.52 -5.75 -38.54
CA LYS A 222 -17.86 -4.33 -38.52
C LYS A 222 -19.10 -4.00 -37.66
N GLY A 223 -19.03 -2.87 -36.97
CA GLY A 223 -20.08 -2.41 -36.06
C GLY A 223 -21.30 -1.78 -36.70
N PRO A 224 -22.41 -1.66 -35.93
CA PRO A 224 -23.64 -1.06 -36.48
C PRO A 224 -23.51 0.38 -36.96
N TRP A 225 -22.64 1.21 -36.34
CA TRP A 225 -22.47 2.58 -36.81
C TRP A 225 -21.01 3.04 -36.95
N LYS A 226 -20.85 4.12 -37.75
CA LYS A 226 -19.61 4.78 -38.13
C LYS A 226 -18.73 5.22 -36.96
N GLN A 227 -17.41 5.28 -37.23
CA GLN A 227 -16.37 5.73 -36.32
C GLN A 227 -16.45 7.27 -36.26
N GLU A 228 -17.33 7.76 -35.36
CA GLU A 228 -17.57 9.19 -35.15
C GLU A 228 -16.44 9.77 -34.29
N ASN A 229 -15.93 10.97 -34.65
CA ASN A 229 -14.86 11.63 -33.91
C ASN A 229 -15.40 12.26 -32.62
N VAL A 230 -14.67 12.07 -31.49
CA VAL A 230 -15.04 12.59 -30.16
C VAL A 230 -14.02 13.63 -29.65
N GLU A 231 -14.32 14.25 -28.47
CA GLU A 231 -13.50 15.24 -27.77
C GLU A 231 -12.09 14.70 -27.50
N ALA A 232 -11.06 15.54 -27.61
CA ALA A 232 -9.66 15.16 -27.37
C ALA A 232 -9.41 14.46 -26.02
N GLU A 233 -10.24 14.79 -25.00
CA GLU A 233 -10.18 14.24 -23.64
C GLU A 233 -11.44 13.43 -23.29
N ALA A 234 -11.98 12.67 -24.27
CA ALA A 234 -13.16 11.82 -24.04
C ALA A 234 -12.68 10.63 -23.19
N SER A 235 -13.21 10.52 -21.95
CA SER A 235 -12.76 9.52 -20.97
C SER A 235 -13.71 8.36 -20.70
N MET A 236 -15.02 8.59 -20.46
CA MET A 236 -15.88 7.45 -20.14
C MET A 236 -17.06 7.23 -21.12
N VAL A 237 -17.37 5.94 -21.39
CA VAL A 237 -18.47 5.44 -22.23
C VAL A 237 -19.55 4.94 -21.27
N ILE A 238 -20.76 5.48 -21.37
CA ILE A 238 -21.85 5.04 -20.52
C ILE A 238 -22.85 4.27 -21.34
N ALA A 239 -22.99 2.97 -21.03
CA ALA A 239 -23.93 2.05 -21.67
C ALA A 239 -25.36 2.41 -21.18
N VAL A 240 -26.15 3.00 -22.09
CA VAL A 240 -27.50 3.45 -21.77
C VAL A 240 -28.54 2.41 -22.28
N PRO A 241 -29.47 1.97 -21.40
CA PRO A 241 -30.45 0.95 -21.79
C PRO A 241 -31.51 1.39 -22.82
N GLU A 242 -32.49 0.49 -23.06
CA GLU A 242 -33.63 0.67 -23.96
C GLU A 242 -34.64 1.62 -23.27
N PRO A 243 -35.46 2.40 -24.03
CA PRO A 243 -35.61 2.45 -25.50
C PRO A 243 -34.62 3.36 -26.22
N PHE A 244 -33.65 3.90 -25.46
CA PHE A 244 -32.62 4.82 -25.93
C PHE A 244 -31.57 4.09 -26.77
N GLY A 245 -30.87 3.13 -26.15
CA GLY A 245 -29.78 2.39 -26.76
C GLY A 245 -28.55 3.28 -26.89
N GLY A 246 -27.62 2.93 -27.77
CA GLY A 246 -26.40 3.71 -28.03
C GLY A 246 -25.54 3.98 -26.81
N ALA A 247 -24.63 4.99 -26.92
CA ALA A 247 -23.69 5.38 -25.86
C ALA A 247 -23.54 6.90 -25.60
N ILE A 248 -23.21 7.24 -24.33
CA ILE A 248 -22.95 8.61 -23.85
C ILE A 248 -21.45 8.71 -23.58
N ILE A 249 -20.79 9.65 -24.24
CA ILE A 249 -19.34 9.84 -24.11
C ILE A 249 -19.06 11.10 -23.26
N ILE A 250 -18.45 10.92 -22.08
CA ILE A 250 -18.11 12.02 -21.17
C ILE A 250 -16.64 12.46 -21.38
N GLY A 251 -16.46 13.76 -21.61
CA GLY A 251 -15.17 14.41 -21.79
C GLY A 251 -14.92 15.48 -20.73
N GLN A 252 -13.92 16.33 -20.97
CA GLN A 252 -13.55 17.40 -20.03
C GLN A 252 -14.62 18.48 -19.92
N GLU A 253 -15.09 18.99 -21.06
CA GLU A 253 -16.13 20.03 -21.12
C GLU A 253 -17.43 19.55 -21.76
N SER A 254 -17.38 18.46 -22.56
CA SER A 254 -18.52 17.94 -23.32
C SER A 254 -19.02 16.55 -22.95
N ILE A 255 -20.34 16.38 -23.10
CA ILE A 255 -21.09 15.14 -22.89
C ILE A 255 -21.83 14.90 -24.23
N THR A 256 -21.30 13.99 -25.08
CA THR A 256 -21.91 13.66 -26.38
C THR A 256 -22.68 12.33 -26.31
N TYR A 257 -23.60 12.13 -27.28
CA TYR A 257 -24.42 10.93 -27.40
C TYR A 257 -24.41 10.43 -28.85
N HIS A 258 -24.12 9.13 -29.06
CA HIS A 258 -24.06 8.56 -30.40
C HIS A 258 -24.97 7.35 -30.56
N ASN A 259 -25.79 7.35 -31.63
CA ASN A 259 -26.70 6.25 -31.97
C ASN A 259 -26.92 6.26 -33.50
N GLY A 260 -25.83 6.02 -34.24
CA GLY A 260 -25.82 6.02 -35.70
C GLY A 260 -26.04 7.40 -36.29
N ASP A 261 -27.32 7.74 -36.54
CA ASP A 261 -27.76 9.03 -37.08
C ASP A 261 -28.13 10.01 -35.94
N LYS A 262 -28.70 9.46 -34.82
CA LYS A 262 -29.10 10.19 -33.61
C LYS A 262 -27.85 10.65 -32.85
N TYR A 263 -27.69 11.98 -32.72
CA TYR A 263 -26.55 12.64 -32.09
C TYR A 263 -27.02 13.86 -31.29
N LEU A 264 -26.52 14.01 -30.05
CA LEU A 264 -26.87 15.13 -29.14
C LEU A 264 -25.64 15.51 -28.29
N ALA A 265 -24.98 16.65 -28.63
CA ALA A 265 -23.78 17.18 -27.98
C ALA A 265 -24.02 18.38 -27.04
N ILE A 266 -23.87 18.17 -25.72
CA ILE A 266 -23.99 19.24 -24.73
C ILE A 266 -22.63 19.54 -24.06
N ALA A 267 -22.35 20.83 -23.81
CA ALA A 267 -21.12 21.29 -23.17
C ALA A 267 -21.45 22.25 -21.99
N PRO A 268 -21.78 21.69 -20.81
CA PRO A 268 -22.10 22.58 -19.68
C PRO A 268 -20.83 23.17 -19.04
N PRO A 269 -20.84 24.47 -18.68
CA PRO A 269 -19.64 25.03 -18.03
C PRO A 269 -19.44 24.53 -16.59
N ILE A 270 -20.52 24.05 -15.93
CA ILE A 270 -20.52 23.54 -14.55
C ILE A 270 -19.59 22.29 -14.32
N ILE A 271 -19.25 21.55 -15.40
CA ILE A 271 -18.38 20.37 -15.37
C ILE A 271 -16.92 20.66 -15.84
N LYS A 272 -16.63 21.92 -16.19
CA LYS A 272 -15.31 22.34 -16.69
C LYS A 272 -14.17 22.22 -15.66
N GLN A 273 -14.42 22.61 -14.37
CA GLN A 273 -13.44 22.61 -13.26
C GLN A 273 -12.69 21.31 -13.08
N SER A 274 -13.42 20.21 -12.84
CA SER A 274 -12.85 18.88 -12.62
C SER A 274 -13.42 17.85 -13.61
N THR A 275 -12.66 16.79 -13.87
CA THR A 275 -13.03 15.71 -14.80
C THR A 275 -14.00 14.74 -14.12
N ILE A 276 -15.03 14.26 -14.84
CA ILE A 276 -15.97 13.27 -14.29
C ILE A 276 -15.24 11.93 -14.30
N VAL A 277 -15.09 11.36 -13.10
CA VAL A 277 -14.38 10.10 -12.86
C VAL A 277 -15.29 8.91 -12.62
N CYS A 278 -16.49 9.10 -12.05
CA CYS A 278 -17.38 7.97 -11.79
C CYS A 278 -18.85 8.29 -11.99
N HIS A 279 -19.63 7.29 -12.42
CA HIS A 279 -21.07 7.41 -12.64
C HIS A 279 -21.88 6.28 -11.97
N ASN A 280 -23.21 6.33 -12.12
CA ASN A 280 -24.19 5.34 -11.63
C ASN A 280 -25.55 5.54 -12.27
N ARG A 281 -26.35 4.46 -12.45
CA ARG A 281 -27.68 4.58 -13.04
C ARG A 281 -28.73 4.63 -11.94
N VAL A 282 -29.57 5.68 -11.98
CA VAL A 282 -30.64 5.93 -11.01
C VAL A 282 -31.97 5.28 -11.47
N ASP A 283 -32.39 5.55 -12.73
CA ASP A 283 -33.60 4.98 -13.32
C ASP A 283 -33.19 3.76 -14.17
N PRO A 284 -33.76 2.55 -13.92
CA PRO A 284 -33.33 1.37 -14.69
C PRO A 284 -33.50 1.45 -16.23
N ASN A 285 -34.37 2.35 -16.71
CA ASN A 285 -34.57 2.57 -18.15
C ASN A 285 -33.42 3.36 -18.79
N GLY A 286 -32.83 4.28 -18.02
CA GLY A 286 -31.69 5.11 -18.41
C GLY A 286 -31.97 6.59 -18.60
N SER A 287 -32.82 7.19 -17.73
CA SER A 287 -33.19 8.61 -17.78
C SER A 287 -32.44 9.50 -16.77
N ARG A 288 -31.91 8.88 -15.69
CA ARG A 288 -31.15 9.60 -14.67
C ARG A 288 -29.85 8.86 -14.29
N TYR A 289 -28.73 9.60 -14.31
CA TYR A 289 -27.40 9.12 -13.97
C TYR A 289 -26.75 9.99 -12.92
N LEU A 290 -26.04 9.38 -11.99
CA LEU A 290 -25.28 10.12 -10.99
C LEU A 290 -23.84 10.23 -11.49
N LEU A 291 -23.36 11.44 -11.77
CA LEU A 291 -21.99 11.69 -12.20
C LEU A 291 -21.18 12.18 -10.98
N GLY A 292 -19.87 11.99 -11.04
CA GLY A 292 -18.97 12.38 -9.96
C GLY A 292 -17.60 12.80 -10.45
N ASP A 293 -17.14 13.99 -10.01
CA ASP A 293 -15.82 14.49 -10.38
C ASP A 293 -14.79 14.30 -9.28
N MET A 294 -13.51 14.64 -9.57
CA MET A 294 -12.37 14.48 -8.68
C MET A 294 -12.37 15.42 -7.48
N GLU A 295 -13.14 16.50 -7.52
CA GLU A 295 -13.14 17.46 -6.41
C GLU A 295 -14.22 17.15 -5.33
N GLY A 296 -15.06 16.14 -5.59
CA GLY A 296 -16.11 15.75 -4.66
C GLY A 296 -17.48 16.32 -4.99
N ARG A 297 -17.67 16.80 -6.23
CA ARG A 297 -18.97 17.33 -6.64
C ARG A 297 -19.84 16.18 -7.18
N LEU A 298 -21.16 16.27 -6.96
CA LEU A 298 -22.14 15.27 -7.38
C LEU A 298 -23.10 15.87 -8.41
N PHE A 299 -23.15 15.24 -9.59
CA PHE A 299 -23.97 15.70 -10.70
C PHE A 299 -25.06 14.72 -11.06
N MET A 300 -26.14 15.22 -11.67
CA MET A 300 -27.25 14.42 -12.12
C MET A 300 -27.40 14.62 -13.62
N LEU A 301 -27.15 13.58 -14.42
CA LEU A 301 -27.31 13.67 -15.87
C LEU A 301 -28.72 13.20 -16.21
N LEU A 302 -29.58 14.15 -16.60
CA LEU A 302 -30.99 13.89 -16.94
C LEU A 302 -31.21 13.74 -18.46
N LEU A 303 -32.05 12.73 -18.83
CA LEU A 303 -32.41 12.37 -20.21
C LEU A 303 -33.93 12.48 -20.44
N LEU A 318 -30.30 16.27 -23.27
CA LEU A 318 -29.35 16.07 -22.17
C LEU A 318 -29.21 17.30 -21.28
N ARG A 319 -29.27 17.12 -19.94
CA ARG A 319 -29.15 18.20 -18.97
C ARG A 319 -28.39 17.76 -17.73
N VAL A 320 -27.43 18.58 -17.27
CA VAL A 320 -26.66 18.26 -16.07
C VAL A 320 -26.96 19.26 -14.97
N GLU A 321 -27.21 18.76 -13.76
CA GLU A 321 -27.51 19.56 -12.57
C GLU A 321 -26.62 19.15 -11.40
N LEU A 322 -25.97 20.14 -10.74
CA LEU A 322 -25.11 19.90 -9.58
C LEU A 322 -26.00 19.74 -8.35
N LEU A 323 -25.91 18.56 -7.74
CA LEU A 323 -26.67 18.20 -6.55
C LEU A 323 -26.00 18.76 -5.28
N GLY A 324 -24.70 18.50 -5.11
CA GLY A 324 -23.94 18.99 -3.97
C GLY A 324 -22.56 18.38 -3.88
N GLU A 325 -21.91 18.53 -2.70
CA GLU A 325 -20.55 18.03 -2.44
C GLU A 325 -20.54 16.84 -1.49
N THR A 326 -19.78 15.81 -1.84
CA THR A 326 -19.60 14.56 -1.08
C THR A 326 -18.09 14.37 -0.81
N SER A 327 -17.69 13.18 -0.35
CA SER A 327 -16.29 12.79 -0.23
C SER A 327 -15.83 12.57 -1.67
N ILE A 328 -14.50 12.55 -1.93
CA ILE A 328 -14.00 12.29 -3.28
C ILE A 328 -14.35 10.83 -3.63
N ALA A 329 -15.37 10.67 -4.46
CA ALA A 329 -15.87 9.35 -4.80
C ALA A 329 -15.00 8.62 -5.78
N GLU A 330 -14.73 7.37 -5.45
CA GLU A 330 -14.01 6.39 -6.27
C GLU A 330 -15.11 5.68 -7.07
N CYS A 331 -16.29 5.49 -6.43
CA CYS A 331 -17.46 4.85 -7.01
C CYS A 331 -18.72 5.36 -6.34
N LEU A 332 -19.83 5.32 -7.08
CA LEU A 332 -21.14 5.77 -6.62
C LEU A 332 -22.17 4.69 -6.80
N THR A 333 -23.09 4.57 -5.83
CA THR A 333 -24.21 3.63 -5.91
C THR A 333 -25.51 4.22 -5.38
N TYR A 334 -26.50 4.26 -6.28
CA TYR A 334 -27.85 4.66 -5.94
C TYR A 334 -28.54 3.39 -5.46
N LEU A 335 -29.24 3.51 -4.34
CA LEU A 335 -29.93 2.43 -3.67
C LEU A 335 -31.20 2.92 -2.98
N ASP A 336 -32.29 2.15 -3.13
CA ASP A 336 -33.63 2.43 -2.56
C ASP A 336 -34.19 3.79 -3.03
N ASN A 337 -34.74 4.60 -2.09
CA ASN A 337 -35.35 5.90 -2.35
C ASN A 337 -34.51 7.05 -1.78
N GLY A 338 -33.79 7.73 -2.67
CA GLY A 338 -32.97 8.89 -2.35
C GLY A 338 -31.63 8.67 -1.68
N VAL A 339 -31.40 7.48 -1.10
CA VAL A 339 -30.12 7.21 -0.41
C VAL A 339 -29.03 6.83 -1.44
N VAL A 340 -27.80 7.35 -1.22
CA VAL A 340 -26.65 7.16 -2.09
C VAL A 340 -25.42 6.72 -1.28
N PHE A 341 -24.67 5.77 -1.85
CA PHE A 341 -23.42 5.35 -1.24
C PHE A 341 -22.22 5.98 -1.99
N VAL A 342 -21.44 6.77 -1.25
CA VAL A 342 -20.22 7.40 -1.75
C VAL A 342 -19.09 6.45 -1.38
N GLY A 343 -18.57 5.74 -2.37
CA GLY A 343 -17.47 4.82 -2.18
C GLY A 343 -16.17 5.57 -2.37
N SER A 344 -15.53 6.00 -1.28
CA SER A 344 -14.30 6.79 -1.34
C SER A 344 -13.01 6.03 -0.99
N ARG A 345 -11.91 6.38 -1.72
CA ARG A 345 -10.58 5.82 -1.53
C ARG A 345 -9.65 6.85 -0.87
N LEU A 346 -9.85 8.15 -1.14
CA LEU A 346 -9.04 9.22 -0.54
C LEU A 346 -9.52 9.68 0.84
N GLY A 347 -10.78 9.39 1.14
CA GLY A 347 -11.40 9.75 2.42
C GLY A 347 -12.52 8.82 2.84
N ASP A 348 -13.11 9.14 4.01
CA ASP A 348 -14.20 8.38 4.64
C ASP A 348 -15.37 8.21 3.68
N SER A 349 -15.82 6.96 3.51
CA SER A 349 -16.95 6.60 2.64
C SER A 349 -18.26 7.11 3.23
N GLN A 350 -19.27 7.32 2.39
CA GLN A 350 -20.50 7.91 2.89
C GLN A 350 -21.80 7.24 2.48
N LEU A 351 -22.86 7.67 3.19
CA LEU A 351 -24.29 7.45 2.99
C LEU A 351 -24.86 8.88 2.92
N VAL A 352 -25.45 9.26 1.78
CA VAL A 352 -26.01 10.62 1.61
C VAL A 352 -27.41 10.60 0.99
N LYS A 353 -28.27 11.60 1.36
CA LYS A 353 -29.65 11.73 0.88
C LYS A 353 -29.80 12.78 -0.25
N LEU A 354 -30.44 12.35 -1.37
CA LEU A 354 -30.73 13.17 -2.54
C LEU A 354 -32.16 13.79 -2.55
N ASN A 355 -32.35 14.83 -1.71
CA ASN A 355 -33.60 15.57 -1.58
C ASN A 355 -33.88 16.35 -2.86
N VAL A 356 -35.15 16.40 -3.30
CA VAL A 356 -35.58 17.18 -4.47
C VAL A 356 -35.68 18.66 -4.03
N ASP A 357 -35.65 18.89 -2.69
CA ASP A 357 -35.70 20.19 -2.02
C ASP A 357 -34.30 20.65 -1.59
N SER A 358 -33.79 21.72 -2.23
CA SER A 358 -32.49 22.31 -1.93
C SER A 358 -32.57 23.14 -0.66
N ASN A 359 -31.55 23.02 0.22
CA ASN A 359 -31.49 23.78 1.47
C ASN A 359 -31.15 25.26 1.24
N GLU A 360 -30.84 26.00 2.33
CA GLU A 360 -30.51 27.43 2.30
C GLU A 360 -29.27 27.68 1.43
N GLN A 361 -28.26 26.79 1.54
CA GLN A 361 -27.02 26.81 0.75
C GLN A 361 -27.27 26.38 -0.70
N GLY A 362 -28.40 25.70 -0.94
CA GLY A 362 -28.82 25.23 -2.26
C GLY A 362 -28.46 23.81 -2.59
N SER A 363 -27.91 23.08 -1.60
CA SER A 363 -27.49 21.69 -1.75
C SER A 363 -28.65 20.70 -1.65
N TYR A 364 -28.70 19.77 -2.60
CA TYR A 364 -29.67 18.68 -2.70
C TYR A 364 -29.00 17.39 -2.15
N VAL A 365 -27.96 17.56 -1.29
CA VAL A 365 -27.15 16.47 -0.70
C VAL A 365 -26.99 16.72 0.83
N VAL A 366 -27.41 15.74 1.65
CA VAL A 366 -27.29 15.79 3.12
C VAL A 366 -26.63 14.49 3.63
N ALA A 367 -25.58 14.65 4.48
CA ALA A 367 -24.77 13.56 5.03
C ALA A 367 -25.39 12.82 6.20
N MET A 368 -25.74 11.55 5.95
CA MET A 368 -26.35 10.62 6.90
C MET A 368 -25.27 9.96 7.77
N GLU A 369 -24.44 9.07 7.18
CA GLU A 369 -23.40 8.37 7.92
C GLU A 369 -22.04 8.38 7.25
N THR A 370 -21.00 8.55 8.08
CA THR A 370 -19.59 8.59 7.72
C THR A 370 -18.91 7.30 8.18
N PHE A 371 -18.27 6.60 7.23
CA PHE A 371 -17.54 5.37 7.46
C PHE A 371 -16.03 5.60 7.40
N THR A 372 -15.33 5.39 8.53
CA THR A 372 -13.89 5.60 8.68
C THR A 372 -13.07 4.80 7.63
N ASN A 373 -12.18 5.56 6.94
CA ASN A 373 -11.20 5.13 5.95
C ASN A 373 -9.86 5.77 6.36
N LEU A 374 -8.88 4.94 6.75
CA LEU A 374 -7.56 5.43 7.15
C LEU A 374 -6.69 5.76 5.91
N GLY A 375 -6.96 5.09 4.80
CA GLY A 375 -6.21 5.19 3.56
C GLY A 375 -6.33 6.46 2.73
N PRO A 376 -5.21 6.93 2.13
CA PRO A 376 -3.85 6.37 2.23
C PRO A 376 -3.07 6.80 3.48
N ILE A 377 -2.21 5.92 4.00
CA ILE A 377 -1.35 6.28 5.13
C ILE A 377 -0.02 6.68 4.44
N VAL A 378 0.30 7.96 4.39
CA VAL A 378 1.49 8.46 3.69
C VAL A 378 2.69 8.55 4.65
N ASP A 379 2.38 8.70 5.95
CA ASP A 379 3.33 8.71 7.05
C ASP A 379 2.62 8.33 8.34
N MET A 380 3.41 7.96 9.38
CA MET A 380 2.94 7.55 10.70
C MET A 380 4.07 7.42 11.70
N CYS A 381 3.71 7.40 13.00
CA CYS A 381 4.63 7.16 14.11
C CYS A 381 3.88 6.61 15.32
N VAL A 382 4.61 5.83 16.16
CA VAL A 382 4.11 5.21 17.38
C VAL A 382 4.54 6.10 18.55
N VAL A 383 3.57 6.54 19.37
CA VAL A 383 3.85 7.39 20.53
C VAL A 383 3.14 6.86 21.79
N ASP A 384 3.86 6.85 22.94
CA ASP A 384 3.38 6.45 24.26
C ASP A 384 2.46 7.54 24.87
N LEU A 385 1.37 7.87 24.16
CA LEU A 385 0.40 8.86 24.62
C LEU A 385 -0.45 8.23 25.71
N GLU A 386 -1.11 9.07 26.54
CA GLU A 386 -1.98 8.69 27.67
C GLU A 386 -1.20 7.96 28.78
N ARG A 387 -0.86 6.68 28.57
CA ARG A 387 -0.09 5.87 29.51
C ARG A 387 1.16 5.27 28.84
N GLN A 388 2.27 5.20 29.60
CA GLN A 388 3.54 4.61 29.14
C GLN A 388 3.38 3.09 29.01
N GLY A 389 4.01 2.50 27.99
CA GLY A 389 3.92 1.07 27.68
C GLY A 389 2.82 0.76 26.68
N GLN A 390 1.76 1.60 26.71
CA GLN A 390 0.58 1.59 25.85
C GLN A 390 0.97 2.38 24.60
N GLY A 391 1.11 1.66 23.49
CA GLY A 391 1.47 2.23 22.19
C GLY A 391 0.28 2.72 21.41
N GLN A 392 0.42 3.94 20.87
CA GLN A 392 -0.60 4.56 20.02
C GLN A 392 0.02 4.94 18.70
N LEU A 393 -0.77 4.82 17.61
CA LEU A 393 -0.30 5.08 16.25
C LEU A 393 -1.00 6.26 15.60
N VAL A 394 -0.24 7.35 15.38
CA VAL A 394 -0.77 8.55 14.72
C VAL A 394 -0.30 8.51 13.25
N THR A 395 -1.25 8.64 12.31
CA THR A 395 -0.96 8.57 10.87
C THR A 395 -1.40 9.81 10.09
N CYS A 396 -0.62 10.16 9.04
CA CYS A 396 -0.93 11.17 8.04
C CYS A 396 -1.78 10.39 7.03
N SER A 397 -3.11 10.51 7.14
CA SER A 397 -4.10 9.79 6.36
C SER A 397 -4.95 10.68 5.48
N GLY A 398 -5.27 10.18 4.29
CA GLY A 398 -6.11 10.89 3.33
C GLY A 398 -5.38 11.90 2.46
N ALA A 399 -6.14 12.57 1.57
CA ALA A 399 -5.59 13.56 0.64
C ALA A 399 -6.54 14.71 0.40
N PHE A 400 -5.99 15.87 0.04
CA PHE A 400 -6.72 17.08 -0.30
C PHE A 400 -7.73 17.49 0.80
N LYS A 401 -9.04 17.67 0.45
CA LYS A 401 -10.06 18.10 1.44
C LYS A 401 -10.35 17.06 2.54
N GLU A 402 -10.06 15.76 2.22
CA GLU A 402 -10.25 14.58 3.06
C GLU A 402 -9.06 14.31 3.98
N GLY A 403 -8.05 15.18 3.92
CA GLY A 403 -6.83 15.05 4.71
C GLY A 403 -7.11 15.12 6.20
N SER A 404 -6.48 14.20 6.95
CA SER A 404 -6.72 14.05 8.38
C SER A 404 -5.54 13.44 9.13
N LEU A 405 -5.62 13.47 10.46
CA LEU A 405 -4.71 12.71 11.30
C LEU A 405 -5.58 11.60 11.88
N ARG A 406 -5.02 10.39 12.04
CA ARG A 406 -5.77 9.28 12.59
C ARG A 406 -5.02 8.70 13.74
N ILE A 407 -5.70 8.61 14.90
CA ILE A 407 -5.09 8.03 16.09
C ILE A 407 -5.73 6.68 16.35
N ILE A 408 -4.88 5.62 16.19
CA ILE A 408 -5.25 4.21 16.35
C ILE A 408 -4.60 3.68 17.63
N ARG A 409 -5.48 3.46 18.63
CA ARG A 409 -5.23 3.00 20.00
C ARG A 409 -5.86 1.60 20.17
N ASN A 410 -5.08 0.64 20.70
CA ASN A 410 -5.59 -0.71 20.91
C ASN A 410 -6.45 -0.74 22.17
N GLY A 411 -7.73 -1.03 22.01
CA GLY A 411 -8.68 -1.09 23.13
C GLY A 411 -9.84 -0.11 23.13
N ILE A 412 -10.96 -0.53 23.74
CA ILE A 412 -12.23 0.20 23.90
C ILE A 412 -12.05 1.32 24.93
N GLY A 413 -12.82 2.41 24.77
CA GLY A 413 -12.78 3.57 25.64
C GLY A 413 -14.11 3.90 26.29
N ILE A 414 -14.05 4.64 27.42
CA ILE A 414 -15.23 5.04 28.17
C ILE A 414 -15.34 6.57 28.23
N HIS A 415 -16.55 7.07 27.92
CA HIS A 415 -16.84 8.49 27.94
C HIS A 415 -17.54 8.85 29.23
N GLU A 416 -16.74 9.48 30.14
CA GLU A 416 -17.13 9.90 31.48
C GLU A 416 -18.13 11.05 31.45
N HIS A 417 -19.17 10.96 32.28
CA HIS A 417 -20.24 11.97 32.39
C HIS A 417 -20.47 12.47 33.84
N ALA A 418 -20.05 11.64 34.81
CA ALA A 418 -20.15 11.90 36.24
C ALA A 418 -18.97 11.23 36.93
N SER A 419 -18.48 11.84 38.02
CA SER A 419 -17.36 11.34 38.79
C SER A 419 -17.65 11.65 40.25
N ILE A 420 -17.79 10.63 41.08
CA ILE A 420 -18.08 10.82 42.50
C ILE A 420 -16.99 10.15 43.37
N ASP A 421 -16.53 10.85 44.43
CA ASP A 421 -15.55 10.36 45.38
C ASP A 421 -16.23 9.40 46.38
N LEU A 422 -16.13 8.10 46.10
CA LEU A 422 -16.69 7.07 46.95
C LEU A 422 -15.68 5.96 46.99
N PRO A 423 -14.66 6.05 47.88
CA PRO A 423 -13.64 5.00 47.90
C PRO A 423 -14.13 3.67 48.46
N GLY A 424 -13.43 2.60 48.07
CA GLY A 424 -13.67 1.24 48.52
C GLY A 424 -15.05 0.67 48.31
N ILE A 425 -15.60 0.85 47.09
CA ILE A 425 -16.90 0.30 46.72
C ILE A 425 -16.65 -1.17 46.48
N LYS A 426 -17.44 -2.04 47.11
CA LYS A 426 -17.34 -3.49 46.97
C LYS A 426 -18.49 -4.10 46.12
N GLY A 427 -19.39 -3.26 45.62
CA GLY A 427 -20.52 -3.69 44.81
C GLY A 427 -21.37 -2.56 44.29
N LEU A 428 -21.98 -2.78 43.10
CA LEU A 428 -22.83 -1.83 42.38
C LEU A 428 -24.08 -2.48 41.83
N TRP A 429 -25.27 -1.90 42.06
CA TRP A 429 -26.53 -2.42 41.49
C TRP A 429 -27.54 -1.37 41.10
N PRO A 430 -28.03 -1.45 39.84
CA PRO A 430 -29.05 -0.51 39.38
C PRO A 430 -30.44 -0.95 39.84
N LEU A 431 -31.32 0.03 40.07
CA LEU A 431 -32.69 -0.16 40.53
C LEU A 431 -33.66 0.83 39.89
N ARG A 432 -34.94 0.44 39.83
CA ARG A 432 -36.06 1.27 39.39
C ARG A 432 -37.01 1.32 40.56
N SER A 433 -36.91 2.38 41.38
CA SER A 433 -37.76 2.58 42.56
C SER A 433 -39.22 2.82 42.18
N ASP A 434 -39.44 3.30 40.93
CA ASP A 434 -40.78 3.54 40.40
C ASP A 434 -41.12 2.38 39.45
N PRO A 435 -42.15 1.55 39.80
CA PRO A 435 -42.52 0.42 38.92
C PRO A 435 -43.10 0.87 37.58
N ASN A 436 -43.77 2.05 37.59
CA ASN A 436 -44.40 2.72 36.44
C ASN A 436 -43.34 3.18 35.43
N ARG A 437 -42.17 3.64 35.93
CA ARG A 437 -41.05 4.09 35.10
C ARG A 437 -40.26 2.88 34.58
N GLU A 438 -39.79 2.97 33.33
CA GLU A 438 -39.02 1.89 32.71
C GLU A 438 -37.50 2.09 32.88
N THR A 439 -37.08 3.31 33.31
CA THR A 439 -35.66 3.64 33.54
C THR A 439 -35.25 3.61 35.01
N ASP A 440 -33.95 3.35 35.23
CA ASP A 440 -33.27 3.30 36.53
C ASP A 440 -33.24 4.72 37.14
N ASP A 441 -33.55 4.83 38.43
CA ASP A 441 -33.52 6.10 39.14
C ASP A 441 -32.74 5.98 40.44
N THR A 442 -32.24 4.76 40.72
CA THR A 442 -31.52 4.40 41.93
C THR A 442 -30.25 3.58 41.62
N LEU A 443 -29.19 3.77 42.42
CA LEU A 443 -27.93 3.02 42.32
C LEU A 443 -27.48 2.57 43.73
N VAL A 444 -27.40 1.25 43.97
CA VAL A 444 -27.05 0.75 45.30
C VAL A 444 -25.62 0.28 45.38
N LEU A 445 -24.92 0.88 46.35
CA LEU A 445 -23.51 0.66 46.61
C LEU A 445 -23.27 -0.16 47.87
N SER A 446 -22.32 -1.08 47.76
CA SER A 446 -21.87 -1.99 48.81
C SER A 446 -20.47 -1.58 49.24
N PHE A 447 -20.23 -1.65 50.54
CA PHE A 447 -18.95 -1.30 51.14
C PHE A 447 -18.67 -2.30 52.26
N VAL A 448 -17.48 -2.24 52.86
CA VAL A 448 -17.06 -3.12 53.96
C VAL A 448 -18.08 -2.97 55.09
N GLY A 449 -18.91 -4.00 55.25
CA GLY A 449 -20.00 -4.09 56.24
C GLY A 449 -20.96 -2.91 56.22
N GLN A 450 -21.26 -2.38 55.01
CA GLN A 450 -22.08 -1.19 54.83
C GLN A 450 -22.73 -1.14 53.47
N THR A 451 -23.84 -0.39 53.39
CA THR A 451 -24.61 -0.17 52.17
C THR A 451 -25.12 1.26 52.14
N ARG A 452 -24.81 1.96 51.03
CA ARG A 452 -25.27 3.31 50.71
C ARG A 452 -26.19 3.22 49.46
N VAL A 453 -27.15 4.19 49.34
CA VAL A 453 -28.11 4.26 48.23
C VAL A 453 -28.03 5.64 47.59
N LEU A 454 -27.86 5.67 46.26
CA LEU A 454 -27.82 6.93 45.51
C LEU A 454 -29.05 7.05 44.61
N MET A 455 -29.70 8.23 44.62
CA MET A 455 -30.82 8.50 43.75
C MET A 455 -30.39 9.40 42.60
N LEU A 456 -30.89 9.10 41.41
CA LEU A 456 -30.58 9.82 40.19
C LEU A 456 -31.77 10.66 39.75
N ASN A 457 -31.71 11.95 40.09
CA ASN A 457 -32.71 12.94 39.73
C ASN A 457 -32.16 13.65 38.51
N GLY A 458 -32.24 12.94 37.39
CA GLY A 458 -31.71 13.39 36.11
C GLY A 458 -30.20 13.21 36.10
N GLU A 459 -29.48 14.33 35.93
CA GLU A 459 -28.03 14.34 35.92
C GLU A 459 -27.49 14.46 37.36
N GLU A 460 -28.39 14.75 38.33
CA GLU A 460 -28.07 14.92 39.76
C GLU A 460 -28.08 13.59 40.53
N VAL A 461 -26.93 13.26 41.15
CA VAL A 461 -26.79 12.05 41.96
C VAL A 461 -26.82 12.46 43.44
N GLU A 462 -27.69 11.86 44.24
CA GLU A 462 -27.82 12.22 45.65
C GLU A 462 -27.82 11.04 46.59
N GLU A 463 -27.24 11.22 47.78
CA GLU A 463 -27.20 10.22 48.83
C GLU A 463 -28.60 10.15 49.47
N THR A 464 -29.23 8.96 49.44
CA THR A 464 -30.56 8.72 50.02
C THR A 464 -30.63 7.33 50.71
N GLU A 465 -31.81 7.01 51.27
CA GLU A 465 -32.05 5.75 51.95
C GLU A 465 -33.30 5.08 51.38
N LEU A 466 -33.19 3.80 51.02
CA LEU A 466 -34.32 3.08 50.47
C LEU A 466 -34.99 2.37 51.62
N MET A 467 -36.27 2.71 51.85
CA MET A 467 -37.07 2.11 52.90
C MET A 467 -37.24 0.60 52.68
N GLY A 468 -36.83 -0.19 53.67
CA GLY A 468 -36.90 -1.64 53.63
C GLY A 468 -35.53 -2.25 53.59
N PHE A 469 -34.58 -1.51 53.02
CA PHE A 469 -33.19 -1.91 52.89
C PHE A 469 -32.42 -1.53 54.15
N VAL A 470 -31.35 -2.30 54.42
CA VAL A 470 -30.44 -2.07 55.54
C VAL A 470 -29.20 -1.31 55.06
N ASP A 471 -28.67 -0.42 55.91
CA ASP A 471 -27.45 0.35 55.61
C ASP A 471 -26.26 -0.24 56.34
N ASP A 472 -26.51 -0.92 57.50
CA ASP A 472 -25.53 -1.50 58.42
C ASP A 472 -24.98 -2.88 58.05
N GLN A 473 -25.27 -3.37 56.85
CA GLN A 473 -24.78 -4.68 56.42
C GLN A 473 -24.32 -4.62 54.98
N GLN A 474 -23.22 -5.30 54.68
CA GLN A 474 -22.72 -5.35 53.31
C GLN A 474 -23.66 -6.19 52.45
N THR A 475 -23.97 -5.70 51.24
CA THR A 475 -24.88 -6.29 50.26
C THR A 475 -24.14 -7.16 49.24
N PHE A 476 -24.70 -8.34 48.94
CA PHE A 476 -24.14 -9.23 47.93
C PHE A 476 -24.88 -9.10 46.62
N PHE A 477 -26.13 -8.63 46.70
CA PHE A 477 -27.04 -8.43 45.58
C PHE A 477 -28.26 -7.66 46.04
N CYS A 478 -28.85 -6.92 45.11
CA CYS A 478 -30.11 -6.21 45.22
C CYS A 478 -30.53 -5.78 43.81
N GLY A 479 -31.84 -5.65 43.62
CA GLY A 479 -32.41 -5.28 42.34
C GLY A 479 -33.90 -5.49 42.27
N ASN A 480 -34.50 -5.11 41.12
CA ASN A 480 -35.93 -5.25 40.83
C ASN A 480 -36.27 -6.74 40.64
N VAL A 481 -37.31 -7.21 41.34
CA VAL A 481 -37.71 -8.61 41.25
C VAL A 481 -39.23 -8.74 40.95
N ALA A 482 -39.68 -10.01 40.83
CA ALA A 482 -41.03 -10.43 40.53
C ALA A 482 -42.09 -9.84 41.45
N HIS A 483 -43.26 -9.58 40.87
CA HIS A 483 -44.48 -9.06 41.49
C HIS A 483 -44.28 -7.65 42.02
N GLN A 484 -43.62 -6.78 41.21
CA GLN A 484 -43.34 -5.37 41.52
C GLN A 484 -42.72 -5.19 42.94
N GLN A 485 -41.63 -5.96 43.20
CA GLN A 485 -40.89 -5.98 44.46
C GLN A 485 -39.40 -5.76 44.20
N LEU A 486 -38.66 -5.53 45.30
CA LEU A 486 -37.22 -5.31 45.34
C LEU A 486 -36.63 -6.30 46.33
N ILE A 487 -35.41 -6.74 46.08
CA ILE A 487 -34.71 -7.67 46.97
C ILE A 487 -33.36 -7.10 47.45
N GLN A 488 -32.93 -7.49 48.66
CA GLN A 488 -31.62 -7.15 49.19
C GLN A 488 -31.07 -8.37 49.90
N ILE A 489 -29.97 -8.91 49.36
CA ILE A 489 -29.28 -10.04 49.96
C ILE A 489 -28.05 -9.45 50.65
N THR A 490 -27.97 -9.65 51.96
CA THR A 490 -26.85 -9.20 52.77
C THR A 490 -26.22 -10.40 53.43
N SER A 491 -25.12 -10.17 54.14
CA SER A 491 -24.41 -11.20 54.88
C SER A 491 -25.30 -11.81 55.96
N ALA A 492 -26.40 -11.11 56.36
CA ALA A 492 -27.31 -11.53 57.42
C ALA A 492 -28.58 -12.24 56.95
N SER A 493 -29.36 -11.59 56.08
CA SER A 493 -30.62 -12.13 55.60
C SER A 493 -30.86 -11.92 54.08
N VAL A 494 -32.09 -12.22 53.64
CA VAL A 494 -32.59 -12.02 52.29
C VAL A 494 -33.88 -11.24 52.52
N ARG A 495 -33.86 -9.95 52.18
CA ARG A 495 -34.99 -9.06 52.42
C ARG A 495 -35.77 -8.76 51.15
N LEU A 496 -37.11 -8.97 51.20
CA LEU A 496 -38.02 -8.69 50.10
C LEU A 496 -38.81 -7.45 50.46
N VAL A 497 -38.78 -6.44 49.58
CA VAL A 497 -39.40 -5.13 49.79
C VAL A 497 -40.45 -4.83 48.70
N SER A 498 -41.66 -4.41 49.10
CA SER A 498 -42.71 -4.00 48.17
C SER A 498 -42.39 -2.59 47.62
N GLN A 499 -42.80 -2.28 46.37
CA GLN A 499 -42.55 -0.98 45.71
C GLN A 499 -43.61 0.10 45.97
N GLU A 500 -44.86 -0.30 46.33
CA GLU A 500 -45.96 0.63 46.63
C GLU A 500 -46.70 0.24 47.93
N PRO A 501 -46.31 0.79 49.10
CA PRO A 501 -45.19 1.71 49.34
C PRO A 501 -43.93 0.88 49.64
N LYS A 502 -42.79 1.54 49.92
CA LYS A 502 -41.57 0.84 50.27
C LYS A 502 -41.72 0.37 51.73
N ALA A 503 -41.72 -0.96 51.93
CA ALA A 503 -41.88 -1.61 53.24
C ALA A 503 -41.36 -3.04 53.16
N LEU A 504 -41.07 -3.69 54.30
CA LEU A 504 -40.57 -5.06 54.26
C LEU A 504 -41.72 -6.07 54.26
N VAL A 505 -41.84 -6.82 53.14
CA VAL A 505 -42.87 -7.83 52.95
C VAL A 505 -42.41 -9.21 53.43
N SER A 506 -41.20 -9.63 53.11
CA SER A 506 -40.68 -10.93 53.52
C SER A 506 -39.20 -10.80 53.90
N GLU A 507 -38.71 -11.73 54.76
CA GLU A 507 -37.31 -11.77 55.19
C GLU A 507 -36.88 -13.19 55.51
N TRP A 508 -35.96 -13.73 54.69
CA TRP A 508 -35.43 -15.07 54.87
C TRP A 508 -34.08 -15.05 55.57
N LYS A 509 -33.89 -15.95 56.53
CA LYS A 509 -32.65 -16.14 57.28
C LYS A 509 -32.35 -17.63 57.39
N GLU A 510 -31.06 -17.98 57.47
CA GLU A 510 -30.57 -19.36 57.65
C GLU A 510 -31.04 -19.79 59.07
N PRO A 511 -31.62 -21.01 59.20
CA PRO A 511 -32.14 -21.46 60.53
C PRO A 511 -31.29 -21.16 61.78
N GLN A 512 -29.97 -21.41 61.74
CA GLN A 512 -29.03 -21.15 62.85
C GLN A 512 -28.46 -19.70 62.86
N ALA A 513 -29.17 -18.74 62.19
CA ALA A 513 -28.82 -17.32 62.05
C ALA A 513 -27.42 -17.06 61.46
N LYS A 514 -26.82 -18.12 60.86
CA LYS A 514 -25.51 -18.07 60.22
C LYS A 514 -25.51 -17.06 59.09
N ASN A 515 -24.33 -16.57 58.76
CA ASN A 515 -24.12 -15.61 57.71
C ASN A 515 -24.18 -16.23 56.31
N ILE A 516 -24.76 -15.48 55.35
CA ILE A 516 -24.80 -15.84 53.92
C ILE A 516 -23.40 -15.51 53.40
N SER A 517 -22.75 -16.49 52.77
CA SER A 517 -21.40 -16.35 52.26
C SER A 517 -21.41 -15.85 50.81
N VAL A 518 -22.03 -16.62 49.91
CA VAL A 518 -22.17 -16.35 48.49
C VAL A 518 -23.68 -16.22 48.20
N ALA A 519 -24.04 -15.46 47.13
CA ALA A 519 -25.43 -15.21 46.75
C ALA A 519 -25.54 -14.99 45.26
N SER A 520 -26.60 -15.54 44.67
CA SER A 520 -26.99 -15.42 43.27
C SER A 520 -28.51 -15.20 43.27
N CYS A 521 -28.99 -14.29 42.43
CA CYS A 521 -30.41 -13.95 42.32
C CYS A 521 -30.71 -13.43 40.93
N ASN A 522 -31.89 -13.81 40.38
CA ASN A 522 -32.35 -13.32 39.08
C ASN A 522 -33.59 -12.41 39.26
N SER A 523 -34.81 -12.93 39.03
CA SER A 523 -36.05 -12.16 39.15
C SER A 523 -37.06 -12.91 39.98
N SER A 524 -37.05 -14.22 39.86
CA SER A 524 -37.99 -15.08 40.58
C SER A 524 -37.25 -16.14 41.39
N GLN A 525 -35.93 -16.23 41.22
CA GLN A 525 -35.11 -17.24 41.90
C GLN A 525 -33.91 -16.64 42.60
N VAL A 526 -33.51 -17.29 43.71
CA VAL A 526 -32.38 -16.96 44.57
C VAL A 526 -31.71 -18.28 45.00
N VAL A 527 -30.39 -18.36 44.91
CA VAL A 527 -29.59 -19.47 45.41
C VAL A 527 -28.47 -18.82 46.24
N VAL A 528 -28.41 -19.17 47.54
CA VAL A 528 -27.44 -18.60 48.48
C VAL A 528 -26.62 -19.67 49.15
N ALA A 529 -25.38 -19.33 49.49
CA ALA A 529 -24.47 -20.24 50.16
C ALA A 529 -24.21 -19.77 51.57
N VAL A 530 -24.11 -20.75 52.48
CA VAL A 530 -23.79 -20.61 53.90
C VAL A 530 -22.71 -21.68 54.10
N GLY A 531 -21.50 -21.36 53.64
CA GLY A 531 -20.36 -22.27 53.66
C GLY A 531 -20.47 -23.35 52.60
N ARG A 532 -20.79 -24.59 53.04
CA ARG A 532 -20.98 -25.75 52.17
C ARG A 532 -22.45 -25.86 51.75
N ALA A 533 -23.35 -25.31 52.60
CA ALA A 533 -24.80 -25.32 52.40
C ALA A 533 -25.25 -24.39 51.27
N LEU A 534 -26.28 -24.81 50.53
CA LEU A 534 -26.94 -24.08 49.45
C LEU A 534 -28.44 -24.07 49.70
N TYR A 535 -29.11 -22.95 49.37
CA TYR A 535 -30.54 -22.83 49.56
C TYR A 535 -31.18 -22.23 48.32
N TYR A 536 -32.26 -22.87 47.82
CA TYR A 536 -32.99 -22.38 46.66
C TYR A 536 -34.33 -21.77 47.07
N LEU A 537 -34.50 -20.46 46.80
CA LEU A 537 -35.70 -19.72 47.12
C LEU A 537 -36.35 -19.13 45.88
N GLN A 538 -37.68 -19.08 45.91
CA GLN A 538 -38.46 -18.46 44.85
C GLN A 538 -39.10 -17.15 45.35
N ILE A 539 -39.16 -16.14 44.47
CA ILE A 539 -39.70 -14.81 44.76
C ILE A 539 -41.17 -14.74 44.35
N HIS A 540 -42.04 -14.89 45.34
CA HIS A 540 -43.49 -14.86 45.18
C HIS A 540 -44.06 -13.53 45.71
N PRO A 541 -45.38 -13.22 45.53
CA PRO A 541 -45.91 -11.96 46.08
C PRO A 541 -45.93 -11.98 47.61
N GLN A 542 -45.18 -11.02 48.23
CA GLN A 542 -44.97 -10.84 49.68
C GLN A 542 -44.43 -12.11 50.36
N GLU A 543 -43.66 -12.93 49.60
CA GLU A 543 -43.15 -14.21 50.07
C GLU A 543 -41.87 -14.66 49.35
N LEU A 544 -40.86 -15.06 50.15
CA LEU A 544 -39.60 -15.67 49.70
C LEU A 544 -39.78 -17.15 50.09
N ARG A 545 -40.03 -18.02 49.09
CA ARG A 545 -40.34 -19.43 49.34
C ARG A 545 -39.11 -20.34 49.27
N GLN A 546 -38.76 -21.01 50.40
CA GLN A 546 -37.62 -21.93 50.38
C GLN A 546 -38.03 -23.23 49.72
N ILE A 547 -37.71 -23.38 48.42
CA ILE A 547 -38.02 -24.55 47.62
C ILE A 547 -37.18 -25.75 48.09
N SER A 548 -35.86 -25.71 47.85
CA SER A 548 -34.93 -26.79 48.18
C SER A 548 -33.63 -26.32 48.86
N HIS A 549 -32.81 -27.27 49.34
CA HIS A 549 -31.52 -27.05 50.00
C HIS A 549 -30.63 -28.28 49.81
N THR A 550 -29.31 -28.07 49.84
CA THR A 550 -28.29 -29.12 49.70
C THR A 550 -27.03 -28.73 50.47
N GLU A 551 -26.13 -29.71 50.65
CA GLU A 551 -24.81 -29.52 51.24
C GLU A 551 -23.86 -29.88 50.13
N MET A 552 -22.75 -29.16 50.04
CA MET A 552 -21.80 -29.43 48.99
C MET A 552 -20.60 -30.19 49.55
N GLU A 553 -19.83 -30.84 48.65
CA GLU A 553 -18.61 -31.58 48.98
C GLU A 553 -17.59 -30.67 49.69
N HIS A 554 -17.50 -29.39 49.24
CA HIS A 554 -16.58 -28.38 49.78
C HIS A 554 -17.28 -27.03 49.92
N GLU A 555 -16.52 -26.02 50.42
CA GLU A 555 -16.96 -24.65 50.63
C GLU A 555 -17.30 -24.01 49.28
N VAL A 556 -18.42 -23.28 49.20
CA VAL A 556 -18.88 -22.62 47.98
C VAL A 556 -18.08 -21.32 47.77
N ALA A 557 -17.51 -21.13 46.58
CA ALA A 557 -16.73 -19.94 46.28
C ALA A 557 -17.52 -18.91 45.46
N CYS A 558 -18.30 -19.37 44.47
CA CYS A 558 -19.10 -18.52 43.59
C CYS A 558 -20.37 -19.20 43.07
N LEU A 559 -21.37 -18.39 42.69
CA LEU A 559 -22.66 -18.88 42.21
C LEU A 559 -23.22 -18.08 41.03
N ASP A 560 -24.00 -18.76 40.17
CA ASP A 560 -24.70 -18.13 39.06
C ASP A 560 -25.96 -18.88 38.66
N ILE A 561 -27.06 -18.13 38.50
CA ILE A 561 -28.36 -18.68 38.13
C ILE A 561 -28.97 -17.87 36.97
N THR A 562 -28.13 -17.42 36.01
CA THR A 562 -28.57 -16.66 34.84
C THR A 562 -29.49 -17.54 33.95
N PRO A 563 -30.73 -17.08 33.66
CA PRO A 563 -31.61 -17.88 32.78
C PRO A 563 -31.20 -17.73 31.30
N LEU A 564 -30.83 -18.86 30.66
CA LEU A 564 -30.39 -18.84 29.25
C LEU A 564 -31.39 -19.50 28.29
N GLY A 565 -31.40 -18.98 27.06
CA GLY A 565 -32.28 -19.44 25.99
C GLY A 565 -33.70 -18.90 26.16
N ASP A 566 -34.69 -19.62 25.60
CA ASP A 566 -36.09 -19.20 25.70
C ASP A 566 -36.69 -19.62 27.07
N SER A 567 -35.95 -19.30 28.15
CA SER A 567 -36.28 -19.53 29.55
C SER A 567 -36.79 -18.19 30.10
N ASN A 568 -38.12 -18.10 30.31
CA ASN A 568 -38.79 -16.89 30.77
C ASN A 568 -38.51 -16.59 32.26
N GLY A 569 -37.37 -15.93 32.50
CA GLY A 569 -36.90 -15.52 33.82
C GLY A 569 -36.62 -16.63 34.83
N LEU A 570 -36.82 -17.91 34.44
CA LEU A 570 -36.63 -19.09 35.27
C LEU A 570 -35.50 -19.99 34.76
N SER A 571 -34.42 -20.08 35.54
CA SER A 571 -33.26 -20.90 35.21
C SER A 571 -33.35 -22.28 35.85
N PRO A 572 -33.20 -23.36 35.05
CA PRO A 572 -33.22 -24.71 35.64
C PRO A 572 -31.79 -25.19 35.99
N LEU A 573 -30.80 -24.28 35.85
CA LEU A 573 -29.38 -24.53 36.09
C LEU A 573 -28.77 -23.55 37.10
N CYS A 574 -27.89 -24.08 37.95
CA CYS A 574 -27.14 -23.33 38.93
C CYS A 574 -25.67 -23.67 38.76
N ALA A 575 -24.88 -22.70 38.26
CA ALA A 575 -23.43 -22.82 38.06
C ALA A 575 -22.73 -22.50 39.37
N ILE A 576 -21.84 -23.38 39.82
CA ILE A 576 -21.21 -23.19 41.11
C ILE A 576 -19.73 -23.57 41.13
N GLY A 577 -18.93 -22.70 41.72
CA GLY A 577 -17.51 -22.90 41.95
C GLY A 577 -17.25 -23.29 43.40
N LEU A 578 -16.37 -24.28 43.60
CA LEU A 578 -16.06 -24.74 44.95
C LEU A 578 -14.59 -24.55 45.34
N TRP A 579 -14.33 -24.44 46.66
CA TRP A 579 -12.99 -24.32 47.23
C TRP A 579 -12.34 -25.71 47.24
N THR A 580 -11.03 -25.75 47.59
CA THR A 580 -10.14 -26.90 47.80
C THR A 580 -10.01 -27.85 46.58
N ASP A 581 -11.12 -28.45 46.09
CA ASP A 581 -11.12 -29.35 44.94
C ASP A 581 -10.97 -28.62 43.60
N ILE A 582 -11.22 -27.28 43.61
CA ILE A 582 -11.11 -26.35 42.48
C ILE A 582 -11.95 -26.84 41.29
N SER A 583 -13.29 -26.72 41.41
CA SER A 583 -14.18 -27.20 40.36
C SER A 583 -15.30 -26.24 39.99
N ALA A 584 -15.68 -26.24 38.70
CA ALA A 584 -16.82 -25.51 38.16
C ALA A 584 -17.89 -26.60 37.98
N ARG A 585 -19.06 -26.44 38.62
CA ARG A 585 -20.11 -27.46 38.60
C ARG A 585 -21.45 -26.97 38.09
N ILE A 586 -22.06 -27.71 37.16
CA ILE A 586 -23.38 -27.38 36.62
C ILE A 586 -24.40 -28.26 37.32
N LEU A 587 -25.19 -27.64 38.21
CA LEU A 587 -26.20 -28.29 39.00
C LEU A 587 -27.57 -27.98 38.46
N LYS A 588 -28.54 -28.85 38.74
CA LYS A 588 -29.92 -28.75 38.28
C LYS A 588 -30.79 -28.14 39.38
N LEU A 589 -31.68 -27.20 39.01
CA LEU A 589 -32.63 -26.63 39.97
C LEU A 589 -34.02 -27.26 39.71
N PRO A 590 -34.75 -27.73 40.74
CA PRO A 590 -34.50 -27.60 42.18
C PRO A 590 -33.75 -28.74 42.86
N SER A 591 -33.64 -29.92 42.22
CA SER A 591 -33.01 -31.12 42.78
C SER A 591 -31.62 -30.90 43.41
N PHE A 592 -30.83 -29.95 42.84
CA PHE A 592 -29.43 -29.61 43.16
C PHE A 592 -28.46 -30.69 42.64
N GLU A 593 -28.98 -31.59 41.80
CA GLU A 593 -28.31 -32.73 41.20
C GLU A 593 -27.20 -32.29 40.25
N LEU A 594 -26.02 -32.92 40.35
CA LEU A 594 -24.85 -32.63 39.52
C LEU A 594 -25.05 -33.12 38.10
N LEU A 595 -24.80 -32.25 37.12
CA LEU A 595 -24.90 -32.57 35.70
C LEU A 595 -23.51 -32.68 35.07
N HIS A 596 -22.58 -31.80 35.51
CA HIS A 596 -21.21 -31.77 35.05
C HIS A 596 -20.34 -31.14 36.13
N LYS A 597 -19.08 -31.59 36.20
CA LYS A 597 -18.08 -31.10 37.13
C LYS A 597 -16.73 -30.99 36.38
N GLU A 598 -16.30 -29.75 36.09
CA GLU A 598 -15.01 -29.50 35.42
C GLU A 598 -13.94 -29.31 36.46
N MET A 599 -12.80 -29.98 36.29
CA MET A 599 -11.71 -29.90 37.23
C MET A 599 -10.72 -28.86 36.73
N LEU A 600 -10.94 -27.60 37.15
CA LEU A 600 -10.16 -26.42 36.76
C LEU A 600 -8.66 -26.59 36.99
N GLY A 601 -8.30 -27.26 38.08
CA GLY A 601 -6.92 -27.50 38.44
C GLY A 601 -6.25 -26.30 39.09
N GLY A 602 -5.25 -26.60 39.92
CA GLY A 602 -4.48 -25.58 40.63
C GLY A 602 -4.84 -25.48 42.09
N GLU A 603 -4.22 -24.50 42.77
CA GLU A 603 -4.41 -24.17 44.18
C GLU A 603 -5.29 -22.93 44.27
N ILE A 604 -5.31 -22.12 43.18
CA ILE A 604 -6.09 -20.90 43.08
C ILE A 604 -7.57 -21.24 42.83
N ILE A 605 -8.43 -20.76 43.76
CA ILE A 605 -9.87 -20.97 43.82
C ILE A 605 -10.66 -20.06 42.85
N PRO A 606 -11.78 -20.56 42.24
CA PRO A 606 -12.59 -19.67 41.38
C PRO A 606 -13.19 -18.56 42.25
N ARG A 607 -13.23 -17.32 41.75
CA ARG A 607 -13.78 -16.17 42.48
C ARG A 607 -15.13 -15.73 41.91
N SER A 608 -15.25 -15.75 40.57
CA SER A 608 -16.44 -15.35 39.81
C SER A 608 -16.83 -16.45 38.81
N ILE A 609 -18.13 -16.71 38.68
CA ILE A 609 -18.68 -17.68 37.73
C ILE A 609 -19.91 -17.06 37.04
N LEU A 610 -20.09 -17.29 35.72
CA LEU A 610 -21.19 -16.70 34.95
C LEU A 610 -21.63 -17.53 33.74
N MET A 611 -22.96 -17.69 33.59
CA MET A 611 -23.57 -18.34 32.45
C MET A 611 -24.01 -17.24 31.53
N THR A 612 -23.65 -17.33 30.24
CA THR A 612 -23.97 -16.26 29.30
C THR A 612 -24.33 -16.79 27.89
N THR A 613 -24.88 -15.90 27.02
CA THR A 613 -25.25 -16.19 25.63
C THR A 613 -24.64 -15.16 24.68
N PHE A 614 -23.74 -15.62 23.80
CA PHE A 614 -23.14 -14.78 22.77
C PHE A 614 -23.50 -15.34 21.40
N GLU A 615 -23.99 -14.48 20.46
CA GLU A 615 -24.40 -14.88 19.09
C GLU A 615 -25.24 -16.19 19.09
N SER A 616 -26.22 -16.28 20.02
CA SER A 616 -27.14 -17.42 20.25
C SER A 616 -26.46 -18.70 20.78
N SER A 617 -25.14 -18.66 21.06
CA SER A 617 -24.36 -19.78 21.62
C SER A 617 -24.18 -19.59 23.14
N HIS A 618 -24.44 -20.66 23.91
CA HIS A 618 -24.34 -20.66 25.37
C HIS A 618 -22.94 -20.99 25.90
N TYR A 619 -22.48 -20.20 26.89
CA TYR A 619 -21.14 -20.34 27.46
C TYR A 619 -21.11 -20.31 28.99
N LEU A 620 -20.05 -20.89 29.58
CA LEU A 620 -19.77 -20.76 31.01
C LEU A 620 -18.44 -20.02 31.13
N LEU A 621 -18.44 -18.94 31.93
CA LEU A 621 -17.26 -18.13 32.18
C LEU A 621 -16.89 -18.32 33.64
N CYS A 622 -15.65 -18.69 33.90
CA CYS A 622 -15.20 -18.90 35.27
C CYS A 622 -13.85 -18.26 35.51
N ALA A 623 -13.83 -17.19 36.33
CA ALA A 623 -12.62 -16.44 36.68
C ALA A 623 -11.99 -16.98 37.95
N LEU A 624 -10.65 -17.02 37.96
CA LEU A 624 -9.84 -17.50 39.08
C LEU A 624 -9.21 -16.34 39.84
N GLY A 625 -8.82 -16.60 41.09
CA GLY A 625 -8.16 -15.61 41.94
C GLY A 625 -6.88 -15.04 41.36
N ASP A 626 -6.12 -15.84 40.59
CA ASP A 626 -4.84 -15.47 39.98
C ASP A 626 -4.96 -14.55 38.74
N GLY A 627 -6.19 -14.31 38.28
CA GLY A 627 -6.46 -13.46 37.12
C GLY A 627 -6.85 -14.20 35.85
N ALA A 628 -6.65 -15.54 35.84
CA ALA A 628 -6.97 -16.45 34.73
C ALA A 628 -8.48 -16.64 34.60
N LEU A 629 -8.96 -16.72 33.35
CA LEU A 629 -10.37 -16.91 33.02
C LEU A 629 -10.50 -18.16 32.16
N PHE A 630 -11.39 -19.09 32.58
CA PHE A 630 -11.69 -20.30 31.82
C PHE A 630 -13.00 -20.06 31.11
N TYR A 631 -13.10 -20.53 29.87
CA TYR A 631 -14.35 -20.37 29.17
C TYR A 631 -14.64 -21.60 28.34
N PHE A 632 -15.87 -22.07 28.45
CA PHE A 632 -16.37 -23.27 27.81
C PHE A 632 -17.71 -22.92 27.22
N GLY A 633 -18.18 -23.81 26.36
CA GLY A 633 -19.50 -23.73 25.80
C GLY A 633 -20.34 -24.58 26.71
N LEU A 634 -21.58 -24.19 26.95
CA LEU A 634 -22.47 -24.93 27.82
C LEU A 634 -23.70 -25.43 27.09
N ASN A 635 -24.05 -26.71 27.33
CA ASN A 635 -25.28 -27.24 26.79
C ASN A 635 -26.32 -27.01 27.88
N ILE A 636 -27.38 -26.22 27.57
CA ILE A 636 -28.47 -25.89 28.49
C ILE A 636 -29.23 -27.13 28.98
N GLU A 637 -29.40 -28.15 28.11
CA GLU A 637 -30.14 -29.38 28.42
C GLU A 637 -29.37 -30.36 29.33
N THR A 638 -28.19 -30.81 28.87
CA THR A 638 -27.34 -31.75 29.58
C THR A 638 -26.48 -31.11 30.65
N GLY A 639 -26.06 -29.88 30.42
CA GLY A 639 -25.21 -29.13 31.32
C GLY A 639 -23.75 -29.45 31.09
N LEU A 640 -23.39 -29.81 29.84
CA LEU A 640 -22.03 -30.20 29.49
C LEU A 640 -21.16 -29.04 29.06
N LEU A 641 -19.98 -28.95 29.71
CA LEU A 641 -18.94 -27.98 29.41
C LEU A 641 -17.97 -28.59 28.40
N SER A 642 -17.93 -27.96 27.22
CA SER A 642 -17.09 -28.37 26.10
C SER A 642 -16.16 -27.22 25.72
N ASP A 643 -15.09 -27.54 24.95
CA ASP A 643 -14.10 -26.62 24.38
C ASP A 643 -13.51 -25.65 25.41
N ARG A 644 -12.90 -26.23 26.46
CA ARG A 644 -12.22 -25.50 27.53
C ARG A 644 -11.10 -24.63 26.94
N LYS A 645 -11.15 -23.31 27.18
CA LYS A 645 -10.15 -22.34 26.74
C LYS A 645 -9.72 -21.46 27.91
N LYS A 646 -8.41 -21.27 28.10
CA LYS A 646 -7.89 -20.39 29.15
C LYS A 646 -7.41 -19.07 28.53
N VAL A 647 -7.58 -17.97 29.27
CA VAL A 647 -7.17 -16.63 28.84
C VAL A 647 -6.69 -15.85 30.09
N THR A 648 -5.47 -15.29 30.04
CA THR A 648 -4.95 -14.54 31.18
C THR A 648 -5.36 -13.08 31.03
N LEU A 649 -6.08 -12.55 32.02
CA LEU A 649 -6.56 -11.19 31.97
C LEU A 649 -5.76 -10.24 32.85
N GLY A 650 -5.95 -10.34 34.15
CA GLY A 650 -5.22 -9.52 35.10
C GLY A 650 -4.31 -10.32 36.00
N THR A 651 -3.90 -9.68 37.08
CA THR A 651 -3.03 -10.23 38.13
C THR A 651 -3.93 -10.42 39.36
N GLN A 652 -5.09 -9.72 39.33
CA GLN A 652 -6.13 -9.65 40.37
C GLN A 652 -7.33 -10.54 39.99
N PRO A 653 -8.15 -10.99 40.97
CA PRO A 653 -9.31 -11.83 40.60
C PRO A 653 -10.34 -11.03 39.82
N THR A 654 -10.68 -11.52 38.63
CA THR A 654 -11.64 -10.89 37.71
C THR A 654 -13.10 -11.06 38.19
N VAL A 655 -13.91 -10.01 38.01
CA VAL A 655 -15.34 -9.98 38.39
C VAL A 655 -16.12 -9.80 37.09
N LEU A 656 -16.98 -10.77 36.76
CA LEU A 656 -17.72 -10.76 35.51
C LEU A 656 -19.14 -10.24 35.69
N ARG A 657 -19.46 -9.15 34.99
CA ARG A 657 -20.77 -8.53 35.01
C ARG A 657 -21.22 -8.37 33.57
N THR A 658 -22.48 -8.72 33.33
CA THR A 658 -23.09 -8.65 32.01
C THR A 658 -23.68 -7.25 31.77
N PHE A 659 -23.60 -6.77 30.52
CA PHE A 659 -24.12 -5.47 30.10
C PHE A 659 -24.54 -5.50 28.65
N ARG A 660 -25.60 -4.74 28.29
CA ARG A 660 -26.10 -4.65 26.92
C ARG A 660 -25.55 -3.39 26.22
N SER A 661 -24.81 -3.59 25.13
CA SER A 661 -24.23 -2.51 24.32
C SER A 661 -24.74 -2.67 22.91
N LEU A 662 -25.46 -1.61 22.41
CA LEU A 662 -26.06 -1.53 21.08
C LEU A 662 -26.86 -2.82 20.77
N SER A 663 -27.90 -3.05 21.58
CA SER A 663 -28.80 -4.20 21.50
C SER A 663 -28.07 -5.56 21.38
N THR A 664 -26.94 -5.70 22.12
CA THR A 664 -26.11 -6.92 22.17
C THR A 664 -25.52 -7.15 23.57
N THR A 665 -25.69 -8.39 24.10
CA THR A 665 -25.18 -8.85 25.41
C THR A 665 -23.66 -8.98 25.39
N ASN A 666 -23.01 -8.42 26.43
CA ASN A 666 -21.55 -8.46 26.61
C ASN A 666 -21.20 -8.78 28.05
N VAL A 667 -19.93 -9.09 28.31
CA VAL A 667 -19.43 -9.35 29.64
C VAL A 667 -18.27 -8.41 29.92
N PHE A 668 -18.38 -7.59 30.98
CA PHE A 668 -17.30 -6.70 31.41
C PHE A 668 -16.54 -7.46 32.48
N ALA A 669 -15.23 -7.66 32.24
CA ALA A 669 -14.32 -8.37 33.13
C ALA A 669 -13.47 -7.34 33.91
N CYS A 670 -13.86 -7.07 35.18
CA CYS A 670 -13.23 -6.12 36.07
C CYS A 670 -12.00 -6.71 36.71
N SER A 671 -10.83 -6.16 36.39
CA SER A 671 -9.53 -6.48 36.98
C SER A 671 -8.65 -5.24 36.78
N ASP A 672 -7.33 -5.40 36.90
CA ASP A 672 -6.33 -4.35 36.68
C ASP A 672 -6.02 -4.18 35.18
N ARG A 673 -6.66 -5.02 34.37
CA ARG A 673 -6.65 -5.04 32.91
C ARG A 673 -8.14 -5.18 32.54
N PRO A 674 -9.00 -4.13 32.78
CA PRO A 674 -10.44 -4.29 32.46
C PRO A 674 -10.66 -4.69 31.00
N THR A 675 -11.51 -5.70 30.76
CA THR A 675 -11.73 -6.26 29.42
C THR A 675 -13.20 -6.42 29.08
N VAL A 676 -13.54 -6.37 27.78
CA VAL A 676 -14.89 -6.65 27.29
C VAL A 676 -14.82 -7.99 26.54
N ILE A 677 -15.68 -8.94 26.94
CA ILE A 677 -15.77 -10.27 26.37
C ILE A 677 -16.99 -10.21 25.48
N TYR A 678 -16.74 -10.23 24.16
CA TYR A 678 -17.76 -10.12 23.11
C TYR A 678 -17.66 -11.26 22.10
N SER A 679 -18.59 -11.27 21.13
CA SER A 679 -18.64 -12.31 20.11
C SER A 679 -18.39 -11.72 18.71
N SER A 680 -17.65 -12.49 17.87
CA SER A 680 -17.33 -12.16 16.47
C SER A 680 -17.02 -13.45 15.71
N ASN A 681 -17.93 -13.84 14.78
CA ASN A 681 -17.88 -15.06 13.95
C ASN A 681 -17.88 -16.34 14.83
N HIS A 682 -18.76 -16.32 15.85
CA HIS A 682 -19.03 -17.37 16.83
C HIS A 682 -17.77 -17.84 17.60
N LYS A 683 -16.88 -16.88 17.84
CA LYS A 683 -15.63 -17.03 18.61
C LYS A 683 -15.59 -15.83 19.59
N LEU A 684 -15.25 -16.08 20.87
CA LEU A 684 -15.22 -15.02 21.87
C LEU A 684 -14.01 -14.14 21.70
N VAL A 685 -14.24 -12.84 21.71
CA VAL A 685 -13.18 -11.87 21.55
C VAL A 685 -13.01 -11.11 22.87
N PHE A 686 -11.78 -10.77 23.18
CA PHE A 686 -11.46 -10.06 24.40
C PHE A 686 -10.73 -8.78 24.06
N SER A 687 -11.37 -7.62 24.23
CA SER A 687 -10.65 -6.37 24.00
C SER A 687 -10.55 -5.54 25.26
N ASN A 688 -9.33 -5.10 25.56
CA ASN A 688 -9.00 -4.29 26.72
C ASN A 688 -9.70 -2.92 26.74
N VAL A 689 -10.07 -2.45 27.94
CA VAL A 689 -10.70 -1.16 28.17
C VAL A 689 -9.55 -0.26 28.61
N ASN A 690 -9.49 0.96 28.05
CA ASN A 690 -8.41 1.89 28.38
C ASN A 690 -8.79 2.68 29.64
N LEU A 691 -8.53 2.00 30.78
CA LEU A 691 -8.75 2.41 32.16
C LEU A 691 -7.71 1.68 32.98
N LYS A 692 -7.09 2.40 33.95
CA LYS A 692 -6.02 1.86 34.82
C LYS A 692 -6.41 0.56 35.56
N GLU A 693 -7.70 0.49 36.01
CA GLU A 693 -8.30 -0.60 36.75
C GLU A 693 -9.77 -0.29 37.01
N VAL A 694 -10.60 -1.35 37.03
CA VAL A 694 -12.04 -1.34 37.35
C VAL A 694 -12.22 -2.53 38.28
N ASN A 695 -12.84 -2.29 39.45
CA ASN A 695 -13.06 -3.31 40.47
C ASN A 695 -14.44 -3.88 40.35
N TYR A 696 -15.43 -3.00 40.23
CA TYR A 696 -16.82 -3.37 40.10
C TYR A 696 -17.49 -2.44 39.10
N MET A 697 -18.50 -2.97 38.39
CA MET A 697 -19.30 -2.23 37.43
C MET A 697 -20.68 -2.82 37.32
N CYS A 698 -21.60 -2.03 36.74
CA CYS A 698 -22.97 -2.40 36.47
C CYS A 698 -23.51 -1.47 35.36
N PRO A 699 -24.58 -1.85 34.61
CA PRO A 699 -25.12 -0.94 33.59
C PRO A 699 -26.22 -0.05 34.15
N LEU A 700 -26.19 1.24 33.82
CA LEU A 700 -27.18 2.18 34.32
C LEU A 700 -27.91 2.90 33.20
N ASN A 701 -29.23 2.71 33.12
CA ASN A 701 -30.07 3.39 32.14
C ASN A 701 -31.03 4.33 32.86
N SER A 702 -30.55 5.55 33.17
CA SER A 702 -31.35 6.57 33.86
C SER A 702 -31.73 7.68 32.88
N ASP A 703 -32.70 8.51 33.30
CA ASP A 703 -33.17 9.67 32.56
C ASP A 703 -32.03 10.67 32.28
N GLY A 704 -31.07 10.77 33.19
CA GLY A 704 -29.93 11.64 33.03
C GLY A 704 -28.75 10.95 32.39
N TYR A 705 -28.66 9.62 32.58
CA TYR A 705 -27.57 8.77 32.06
C TYR A 705 -28.17 7.60 31.27
N PRO A 706 -28.57 7.83 29.99
CA PRO A 706 -29.18 6.74 29.21
C PRO A 706 -28.15 5.78 28.65
N ASP A 707 -28.46 4.48 28.70
CA ASP A 707 -27.63 3.36 28.21
C ASP A 707 -26.13 3.54 28.61
N SER A 708 -25.92 3.83 29.92
CA SER A 708 -24.63 4.07 30.55
C SER A 708 -24.14 2.85 31.38
N LEU A 709 -22.91 2.99 31.92
CA LEU A 709 -22.14 2.05 32.73
C LEU A 709 -21.61 2.77 33.99
N ALA A 710 -22.05 2.33 35.18
CA ALA A 710 -21.53 2.84 36.45
C ALA A 710 -20.32 1.96 36.72
N LEU A 711 -19.15 2.58 36.78
CA LEU A 711 -17.88 1.92 36.98
C LEU A 711 -17.27 2.40 38.28
N ALA A 712 -16.73 1.46 39.07
CA ALA A 712 -16.08 1.78 40.34
C ALA A 712 -14.68 1.22 40.39
N ASN A 713 -13.77 1.99 41.00
CA ASN A 713 -12.43 1.55 41.25
C ASN A 713 -12.18 1.62 42.79
N ASN A 714 -10.94 1.91 43.22
CA ASN A 714 -10.56 1.95 44.63
C ASN A 714 -10.93 3.28 45.27
N SER A 715 -10.92 4.36 44.47
CA SER A 715 -11.17 5.72 44.95
C SER A 715 -12.50 6.36 44.52
N THR A 716 -12.90 6.22 43.20
CA THR A 716 -14.09 6.90 42.70
C THR A 716 -15.06 6.08 41.85
N LEU A 717 -16.34 6.52 41.86
CA LEU A 717 -17.46 6.01 41.08
C LEU A 717 -17.62 6.91 39.85
N THR A 718 -17.46 6.34 38.65
CA THR A 718 -17.63 7.06 37.39
C THR A 718 -18.83 6.55 36.63
N ILE A 719 -19.63 7.45 36.07
CA ILE A 719 -20.82 7.12 35.25
C ILE A 719 -20.53 7.61 33.83
N GLY A 720 -20.59 6.69 32.86
CA GLY A 720 -20.26 7.02 31.49
C GLY A 720 -20.77 6.05 30.44
N THR A 721 -20.40 6.31 29.17
CA THR A 721 -20.84 5.52 28.01
C THR A 721 -19.72 4.76 27.36
N ILE A 722 -20.00 3.54 26.89
CA ILE A 722 -18.99 2.72 26.21
C ILE A 722 -18.93 3.06 24.71
N ASP A 723 -17.72 3.01 24.13
CA ASP A 723 -17.50 3.24 22.70
C ASP A 723 -18.01 2.02 21.90
N GLU A 724 -17.53 1.88 20.64
CA GLU A 724 -17.87 0.75 19.77
C GLU A 724 -17.06 -0.44 20.28
N ILE A 725 -17.71 -1.60 20.44
CA ILE A 725 -17.05 -2.82 20.92
C ILE A 725 -16.27 -3.45 19.74
N GLN A 726 -14.95 -3.17 19.66
CA GLN A 726 -13.98 -3.62 18.64
C GLN A 726 -12.53 -3.57 19.19
N LYS A 727 -11.57 -4.24 18.53
CA LYS A 727 -10.17 -4.36 18.99
C LYS A 727 -9.39 -3.04 19.04
N LEU A 728 -9.52 -2.19 18.00
CA LEU A 728 -8.81 -0.90 17.89
C LEU A 728 -9.78 0.25 17.85
N HIS A 729 -9.32 1.42 18.32
CA HIS A 729 -10.11 2.65 18.32
C HIS A 729 -9.47 3.70 17.40
N ILE A 730 -10.30 4.39 16.57
CA ILE A 730 -9.80 5.39 15.61
C ILE A 730 -10.38 6.79 15.86
N ARG A 731 -9.49 7.72 16.24
CA ARG A 731 -9.85 9.14 16.41
C ARG A 731 -9.44 9.87 15.11
N THR A 732 -10.43 10.49 14.44
CA THR A 732 -10.27 11.24 13.20
C THR A 732 -10.14 12.74 13.50
N VAL A 733 -9.00 13.34 13.13
CA VAL A 733 -8.73 14.78 13.31
C VAL A 733 -8.69 15.43 11.89
N PRO A 734 -9.83 15.74 11.23
CA PRO A 734 -9.77 16.34 9.88
C PRO A 734 -8.92 17.59 9.81
N LEU A 735 -8.07 17.66 8.78
CA LEU A 735 -7.15 18.78 8.52
C LEU A 735 -7.66 19.67 7.39
N TYR A 736 -8.47 19.06 6.48
CA TYR A 736 -9.06 19.68 5.30
C TYR A 736 -7.98 20.08 4.28
N GLU A 737 -6.79 19.45 4.41
CA GLU A 737 -5.62 19.63 3.59
C GLU A 737 -4.77 18.37 3.64
N SER A 738 -3.81 18.22 2.71
CA SER A 738 -2.98 17.03 2.62
C SER A 738 -1.86 16.88 3.70
N PRO A 739 -2.00 15.94 4.67
CA PRO A 739 -0.86 15.68 5.59
C PRO A 739 0.16 14.80 4.82
N ARG A 740 1.44 15.12 4.93
CA ARG A 740 2.48 14.40 4.19
C ARG A 740 3.46 13.67 5.10
N LYS A 741 4.08 14.38 6.06
CA LYS A 741 5.03 13.80 7.01
C LYS A 741 4.64 14.10 8.47
N ILE A 742 5.06 13.22 9.40
CA ILE A 742 4.79 13.31 10.85
C ILE A 742 5.93 12.73 11.68
N CYS A 743 6.24 13.42 12.78
CA CYS A 743 7.19 13.02 13.81
C CYS A 743 6.74 13.64 15.16
N TYR A 744 7.40 13.26 16.27
CA TYR A 744 7.01 13.71 17.60
C TYR A 744 8.17 14.30 18.42
N GLN A 745 7.83 15.29 19.27
CA GLN A 745 8.74 15.98 20.19
C GLN A 745 8.07 15.93 21.57
N GLU A 746 8.63 15.11 22.48
CA GLU A 746 8.13 14.89 23.84
C GLU A 746 8.32 16.13 24.71
N VAL A 747 9.50 16.76 24.60
CA VAL A 747 9.91 17.97 25.32
C VAL A 747 8.96 19.17 25.06
N SER A 748 8.15 19.09 23.98
CA SER A 748 7.20 20.12 23.58
C SER A 748 5.73 19.70 23.74
N GLN A 749 5.46 18.37 23.94
CA GLN A 749 4.11 17.78 24.05
C GLN A 749 3.26 18.07 22.80
N CYS A 750 3.92 18.08 21.63
CA CYS A 750 3.32 18.37 20.33
C CYS A 750 3.95 17.53 19.21
N PHE A 751 3.25 17.50 18.06
CA PHE A 751 3.65 16.82 16.84
C PHE A 751 3.99 17.86 15.77
N GLY A 752 5.06 17.59 15.03
CA GLY A 752 5.44 18.36 13.86
C GLY A 752 4.84 17.67 12.64
N VAL A 753 4.03 18.41 11.85
CA VAL A 753 3.38 17.84 10.67
C VAL A 753 3.59 18.68 9.41
N LEU A 754 4.16 18.06 8.36
CA LEU A 754 4.32 18.70 7.06
C LEU A 754 3.03 18.45 6.29
N SER A 755 2.41 19.53 5.81
CA SER A 755 1.14 19.48 5.09
C SER A 755 1.08 20.50 3.96
N SER A 756 0.39 20.16 2.87
CA SER A 756 0.25 21.05 1.74
C SER A 756 -1.20 21.36 1.39
N ARG A 757 -1.47 22.60 0.99
CA ARG A 757 -2.81 22.97 0.57
C ARG A 757 -2.79 23.54 -0.83
N ILE A 758 -3.78 23.17 -1.65
CA ILE A 758 -3.90 23.71 -3.00
C ILE A 758 -4.56 25.10 -2.94
N GLU A 759 -3.98 26.06 -3.67
CA GLU A 759 -4.46 27.42 -3.79
C GLU A 759 -4.45 27.81 -5.27
N VAL A 760 -5.49 28.49 -5.73
CA VAL A 760 -5.52 28.95 -7.13
C VAL A 760 -4.92 30.35 -7.27
N GLN A 761 -4.36 30.65 -8.45
CA GLN A 761 -3.75 31.94 -8.80
C GLN A 761 -4.85 33.00 -8.95
N ASP A 762 -4.81 34.04 -8.09
CA ASP A 762 -5.80 35.12 -8.16
C ASP A 762 -5.32 36.30 -9.02
N THR A 763 -6.23 37.27 -9.29
CA THR A 763 -5.93 38.49 -10.08
C THR A 763 -5.16 39.50 -9.19
N SER A 764 -4.02 39.05 -8.64
CA SER A 764 -3.08 39.74 -7.75
C SER A 764 -1.75 39.00 -7.84
N GLY A 765 -0.68 39.60 -7.27
CA GLY A 765 0.66 39.02 -7.25
C GLY A 765 0.87 37.89 -6.25
N GLY A 766 -0.09 36.97 -6.19
CA GLY A 766 -0.09 35.83 -5.29
C GLY A 766 -1.22 34.86 -5.54
N THR A 767 -1.63 34.12 -4.49
CA THR A 767 -2.68 33.09 -4.58
C THR A 767 -3.74 33.21 -3.48
N THR A 768 -4.89 32.55 -3.70
CA THR A 768 -6.03 32.50 -2.79
C THR A 768 -6.45 31.06 -2.55
N ALA A 769 -6.85 30.73 -1.30
CA ALA A 769 -7.25 29.38 -0.88
C ALA A 769 -8.57 28.92 -1.47
N LEU A 770 -8.80 27.59 -1.47
CA LEU A 770 -10.02 26.97 -2.01
C LEU A 770 -11.12 26.77 -0.95
N ARG A 771 -10.71 26.70 0.33
CA ARG A 771 -11.52 26.51 1.52
C ARG A 771 -10.61 26.70 2.73
N PRO A 772 -11.12 26.98 3.96
CA PRO A 772 -10.22 27.05 5.11
C PRO A 772 -9.76 25.64 5.48
N SER A 773 -8.53 25.53 5.93
CA SER A 773 -7.90 24.27 6.29
C SER A 773 -6.91 24.50 7.40
N ALA A 774 -6.40 23.42 8.01
CA ALA A 774 -5.47 23.43 9.14
C ALA A 774 -4.48 24.56 9.12
N SER A 775 -3.68 24.67 8.04
CA SER A 775 -2.64 25.68 7.87
C SER A 775 -3.15 27.15 7.87
N THR A 776 -4.38 27.37 7.35
CA THR A 776 -5.01 28.68 7.31
C THR A 776 -5.52 29.07 8.71
N GLN A 777 -6.28 28.14 9.35
CA GLN A 777 -6.92 28.30 10.65
C GLN A 777 -6.00 27.99 11.88
N ALA A 778 -4.70 28.30 11.77
CA ALA A 778 -3.75 28.10 12.87
C ALA A 778 -3.96 29.15 13.98
N LEU A 779 -3.75 28.73 15.25
CA LEU A 779 -3.86 29.58 16.45
C LEU A 779 -2.87 30.74 16.29
N SER A 780 -1.58 30.43 16.11
CA SER A 780 -0.52 31.38 15.82
C SER A 780 0.08 31.02 14.45
N SER A 781 0.16 32.01 13.55
CA SER A 781 0.63 31.77 12.19
C SER A 781 1.97 32.43 11.91
N SER A 782 2.79 31.83 11.03
CA SER A 782 4.10 32.37 10.63
C SER A 782 4.49 31.97 9.19
N VAL A 783 5.44 32.71 8.59
CA VAL A 783 5.93 32.49 7.22
C VAL A 783 7.47 32.56 7.15
N SER A 784 8.08 31.77 6.25
CA SER A 784 9.53 31.75 6.06
C SER A 784 10.05 33.03 5.44
N SER A 785 11.15 33.59 5.99
CA SER A 785 11.81 34.79 5.45
C SER A 785 12.93 34.35 4.49
N SER A 786 12.85 34.82 3.22
CA SER A 786 13.78 34.45 2.15
C SER A 786 15.18 35.05 2.26
N LYS A 787 16.19 34.22 1.95
CA LYS A 787 17.61 34.57 1.91
C LYS A 787 18.24 33.90 0.66
N LEU A 788 17.62 32.81 0.16
CA LEU A 788 18.10 32.10 -1.04
C LEU A 788 17.82 32.88 -2.33
N PHE A 789 18.55 32.56 -3.42
CA PHE A 789 18.43 33.19 -4.75
C PHE A 789 17.54 32.32 -5.66
N GLU A 802 -3.69 27.12 -13.57
CA GLU A 802 -2.92 27.74 -12.50
C GLU A 802 -3.46 27.41 -11.09
N GLU A 803 -2.92 26.31 -10.52
CA GLU A 803 -3.20 25.69 -9.21
C GLU A 803 -1.87 25.44 -8.51
N VAL A 804 -1.58 26.19 -7.43
CA VAL A 804 -0.31 26.08 -6.68
C VAL A 804 -0.46 25.27 -5.39
N GLU A 805 0.61 24.56 -5.01
CA GLU A 805 0.71 23.73 -3.80
C GLU A 805 1.52 24.53 -2.75
N VAL A 806 0.87 24.91 -1.64
CA VAL A 806 1.48 25.68 -0.54
C VAL A 806 1.87 24.70 0.58
N HIS A 807 3.13 24.74 1.02
CA HIS A 807 3.68 23.84 2.04
C HIS A 807 3.80 24.48 3.39
N ASN A 808 3.45 23.71 4.43
CA ASN A 808 3.43 24.20 5.80
C ASN A 808 3.89 23.18 6.81
N LEU A 809 4.51 23.66 7.90
CA LEU A 809 4.88 22.85 9.06
C LEU A 809 3.84 23.20 10.11
N LEU A 810 3.05 22.21 10.52
CA LEU A 810 2.01 22.37 11.52
C LEU A 810 2.54 21.87 12.84
N ILE A 811 2.11 22.52 13.93
CA ILE A 811 2.44 22.16 15.31
C ILE A 811 1.11 21.80 15.99
N ILE A 812 0.92 20.50 16.30
CA ILE A 812 -0.32 19.99 16.88
C ILE A 812 -0.10 19.38 18.27
N ASP A 813 -0.85 19.86 19.28
CA ASP A 813 -0.82 19.40 20.67
C ASP A 813 -1.21 17.90 20.75
N GLN A 814 -0.37 17.11 21.47
CA GLN A 814 -0.49 15.66 21.63
C GLN A 814 -1.76 15.17 22.41
N HIS A 815 -2.66 16.08 22.83
CA HIS A 815 -3.88 15.72 23.57
C HIS A 815 -5.12 16.18 22.82
N THR A 816 -5.30 17.52 22.74
CA THR A 816 -6.40 18.21 22.08
C THR A 816 -6.38 17.98 20.57
N PHE A 817 -5.17 17.94 19.98
CA PHE A 817 -4.91 17.84 18.55
C PHE A 817 -5.36 19.12 17.84
N GLU A 818 -4.85 20.26 18.34
CA GLU A 818 -5.21 21.58 17.81
C GLU A 818 -4.02 22.23 17.15
N VAL A 819 -4.27 22.97 16.05
CA VAL A 819 -3.19 23.65 15.32
C VAL A 819 -2.78 24.89 16.12
N LEU A 820 -1.77 24.68 16.97
CA LEU A 820 -1.16 25.68 17.83
C LEU A 820 -0.40 26.68 16.96
N HIS A 821 0.33 26.16 15.95
CA HIS A 821 1.14 26.97 15.05
C HIS A 821 1.16 26.38 13.65
N ALA A 822 1.42 27.26 12.65
CA ALA A 822 1.57 26.89 11.25
C ALA A 822 2.61 27.78 10.61
N HIS A 823 3.74 27.16 10.21
CA HIS A 823 4.82 27.86 9.53
C HIS A 823 4.74 27.58 8.04
N GLN A 824 4.34 28.60 7.27
CA GLN A 824 4.21 28.51 5.83
C GLN A 824 5.59 28.62 5.21
N PHE A 825 5.88 27.70 4.28
CA PHE A 825 7.15 27.71 3.59
C PHE A 825 7.17 28.69 2.44
N LEU A 826 8.34 28.87 1.83
CA LEU A 826 8.56 29.81 0.73
C LEU A 826 7.75 29.46 -0.50
N GLN A 827 7.56 30.48 -1.38
CA GLN A 827 6.86 30.33 -2.64
C GLN A 827 7.68 29.35 -3.48
N ASN A 828 7.04 28.32 -4.06
CA ASN A 828 7.68 27.26 -4.87
C ASN A 828 8.56 26.27 -4.03
N GLU A 829 8.56 26.39 -2.69
CA GLU A 829 9.33 25.53 -1.81
C GLU A 829 8.52 24.31 -1.45
N TYR A 830 9.06 23.11 -1.76
CA TYR A 830 8.40 21.84 -1.54
C TYR A 830 9.05 21.14 -0.33
N ALA A 831 8.34 21.09 0.82
CA ALA A 831 8.85 20.45 2.03
C ALA A 831 8.80 18.93 1.85
N LEU A 832 9.93 18.25 2.06
CA LEU A 832 10.12 16.80 1.82
C LEU A 832 10.33 15.88 3.04
N SER A 833 11.28 16.25 3.91
CA SER A 833 11.64 15.46 5.09
C SER A 833 11.48 16.26 6.38
N LEU A 834 11.19 15.56 7.49
CA LEU A 834 10.96 16.16 8.79
C LEU A 834 11.45 15.27 9.91
N VAL A 835 12.28 15.84 10.82
CA VAL A 835 12.83 15.09 11.95
C VAL A 835 12.90 15.96 13.23
N SER A 836 12.55 15.37 14.41
CA SER A 836 12.59 16.00 15.73
C SER A 836 13.70 15.39 16.59
N CYS A 837 14.78 16.15 16.80
CA CYS A 837 15.97 15.66 17.50
C CYS A 837 16.78 16.73 18.23
N LYS A 838 17.77 16.27 19.03
CA LYS A 838 18.79 17.07 19.69
C LYS A 838 20.09 16.73 18.92
N LEU A 839 20.91 17.75 18.61
CA LEU A 839 22.15 17.54 17.86
C LEU A 839 23.35 18.16 18.56
N GLY A 840 24.51 17.54 18.36
CA GLY A 840 25.78 17.96 18.94
C GLY A 840 25.76 17.97 20.45
N LYS A 841 26.42 19.01 21.04
CA LYS A 841 26.47 19.19 22.49
C LYS A 841 25.20 19.89 23.02
N ASP A 842 24.44 20.54 22.11
CA ASP A 842 23.20 21.28 22.37
C ASP A 842 22.11 20.42 23.04
N PRO A 843 21.48 20.94 24.13
CA PRO A 843 20.45 20.17 24.83
C PRO A 843 19.00 20.46 24.40
N ASN A 844 18.80 21.32 23.38
CA ASN A 844 17.46 21.69 22.91
C ASN A 844 17.00 20.85 21.71
N THR A 845 15.76 20.31 21.78
CA THR A 845 15.17 19.50 20.71
C THR A 845 14.59 20.42 19.64
N TYR A 846 15.09 20.28 18.40
CA TYR A 846 14.70 21.11 17.26
C TYR A 846 13.86 20.33 16.23
N PHE A 847 12.93 21.02 15.55
CA PHE A 847 12.16 20.45 14.46
C PHE A 847 12.89 20.82 13.17
N ILE A 848 13.46 19.82 12.48
CA ILE A 848 14.21 20.08 11.25
C ILE A 848 13.40 19.64 10.02
N VAL A 849 13.41 20.51 8.98
CA VAL A 849 12.68 20.30 7.72
C VAL A 849 13.66 20.35 6.52
N GLY A 850 13.47 19.40 5.62
CA GLY A 850 14.24 19.27 4.39
C GLY A 850 13.39 19.70 3.22
N THR A 851 13.81 20.77 2.55
CA THR A 851 13.03 21.34 1.46
C THR A 851 13.71 21.21 0.11
N ALA A 852 12.96 21.56 -0.94
CA ALA A 852 13.40 21.54 -2.33
C ALA A 852 12.69 22.65 -3.11
N MET A 853 13.46 23.50 -3.82
CA MET A 853 12.89 24.55 -4.66
C MET A 853 12.51 23.93 -6.00
N VAL A 854 11.20 23.85 -6.23
CA VAL A 854 10.61 23.23 -7.41
C VAL A 854 10.10 24.29 -8.36
N TYR A 855 10.53 24.20 -9.62
CA TYR A 855 10.13 25.07 -10.70
C TYR A 855 9.79 24.15 -11.90
N PRO A 856 8.82 24.51 -12.76
CA PRO A 856 8.44 23.58 -13.85
C PRO A 856 9.54 23.30 -14.88
N GLU A 857 10.41 24.30 -15.15
CA GLU A 857 11.52 24.16 -16.09
C GLU A 857 12.60 23.19 -15.55
N GLU A 858 12.90 23.26 -14.24
CA GLU A 858 13.86 22.36 -13.58
C GLU A 858 13.26 20.96 -13.44
N ALA A 859 14.07 19.95 -13.74
CA ALA A 859 13.69 18.56 -13.63
C ALA A 859 14.14 18.11 -12.25
N GLU A 860 15.43 18.25 -11.98
CA GLU A 860 16.00 17.90 -10.71
C GLU A 860 16.20 19.21 -9.93
N PRO A 861 15.59 19.34 -8.72
CA PRO A 861 15.72 20.58 -7.96
C PRO A 861 17.19 20.99 -7.74
N LYS A 862 17.54 22.17 -8.24
CA LYS A 862 18.89 22.72 -8.13
C LYS A 862 19.09 23.41 -6.78
N GLN A 863 18.01 23.69 -6.06
CA GLN A 863 18.13 24.34 -4.76
C GLN A 863 17.32 23.60 -3.69
N GLY A 864 17.62 23.90 -2.43
CA GLY A 864 16.96 23.32 -1.27
C GLY A 864 17.48 23.88 0.04
N ARG A 865 16.77 23.63 1.14
CA ARG A 865 17.17 24.12 2.46
C ARG A 865 17.05 23.04 3.51
N ILE A 866 17.75 23.25 4.65
CA ILE A 866 17.69 22.44 5.88
C ILE A 866 17.38 23.49 6.94
N VAL A 867 16.12 23.56 7.37
CA VAL A 867 15.64 24.58 8.29
C VAL A 867 15.46 24.06 9.72
N VAL A 868 16.21 24.66 10.66
CA VAL A 868 16.21 24.31 12.07
C VAL A 868 15.25 25.24 12.81
N PHE A 869 14.24 24.66 13.49
CA PHE A 869 13.21 25.39 14.24
C PHE A 869 13.19 24.97 15.71
N GLN A 870 12.93 25.94 16.60
CA GLN A 870 12.77 25.71 18.02
C GLN A 870 11.31 26.02 18.40
N TYR A 871 10.62 25.06 19.04
CA TYR A 871 9.25 25.34 19.47
C TYR A 871 9.20 25.70 20.95
N SER A 872 9.11 27.01 21.20
CA SER A 872 9.02 27.63 22.52
C SER A 872 8.08 28.84 22.45
N ASP A 873 7.24 29.02 23.50
CA ASP A 873 6.26 30.10 23.68
C ASP A 873 5.14 30.11 22.61
N GLY A 874 4.76 28.92 22.14
CA GLY A 874 3.71 28.74 21.14
C GLY A 874 4.04 29.25 19.74
N LYS A 875 5.34 29.44 19.44
CA LYS A 875 5.86 29.94 18.17
C LYS A 875 7.14 29.20 17.77
N LEU A 876 7.38 29.05 16.45
CA LEU A 876 8.57 28.39 15.91
C LEU A 876 9.70 29.37 15.61
N GLN A 877 10.75 29.36 16.43
CA GLN A 877 11.91 30.24 16.26
C GLN A 877 12.89 29.57 15.30
N THR A 878 13.22 30.25 14.20
CA THR A 878 14.13 29.71 13.19
C THR A 878 15.59 29.94 13.63
N VAL A 879 16.25 28.83 14.00
CA VAL A 879 17.63 28.73 14.49
C VAL A 879 18.65 28.77 13.33
N ALA A 880 18.44 27.94 12.28
CA ALA A 880 19.34 27.89 11.13
C ALA A 880 18.65 27.64 9.78
N GLU A 881 19.11 28.34 8.75
CA GLU A 881 18.63 28.26 7.35
C GLU A 881 19.86 27.89 6.48
N LYS A 882 20.10 26.57 6.27
CA LYS A 882 21.24 26.08 5.48
C LYS A 882 20.82 25.77 4.06
N GLU A 883 21.30 26.59 3.08
CA GLU A 883 20.99 26.40 1.67
C GLU A 883 21.89 25.34 1.04
N VAL A 884 21.27 24.36 0.35
CA VAL A 884 21.98 23.26 -0.31
C VAL A 884 21.72 23.27 -1.82
N LYS A 885 22.63 22.68 -2.62
CA LYS A 885 22.50 22.65 -4.08
C LYS A 885 21.62 21.48 -4.61
N GLY A 886 20.58 21.13 -3.85
CA GLY A 886 19.64 20.08 -4.24
C GLY A 886 18.48 19.83 -3.31
N ALA A 887 17.64 18.83 -3.66
CA ALA A 887 16.45 18.40 -2.92
C ALA A 887 16.82 17.59 -1.68
N VAL A 888 16.28 17.96 -0.50
CA VAL A 888 16.54 17.25 0.75
C VAL A 888 15.47 16.13 0.90
N TYR A 889 15.64 15.03 0.15
CA TYR A 889 14.72 13.90 0.11
C TYR A 889 14.53 13.20 1.44
N SER A 890 15.60 13.13 2.24
CA SER A 890 15.58 12.44 3.52
C SER A 890 16.65 12.95 4.48
N MET A 891 16.35 12.82 5.79
CA MET A 891 17.17 13.24 6.92
C MET A 891 17.00 12.29 8.07
N VAL A 892 18.08 12.11 8.85
CA VAL A 892 18.07 11.28 10.05
C VAL A 892 19.14 11.73 11.05
N GLU A 893 18.86 11.55 12.36
CA GLU A 893 19.80 11.85 13.44
C GLU A 893 20.78 10.67 13.52
N PHE A 894 22.07 10.97 13.34
CA PHE A 894 23.13 9.98 13.34
C PHE A 894 24.16 10.17 14.48
N ASN A 895 23.94 9.42 15.60
CA ASN A 895 24.78 9.36 16.81
C ASN A 895 25.17 10.74 17.44
N GLY A 896 24.38 11.78 17.15
CA GLY A 896 24.59 13.14 17.64
C GLY A 896 24.88 14.16 16.53
N LYS A 897 24.83 13.69 15.28
CA LYS A 897 25.04 14.50 14.07
C LYS A 897 23.77 14.41 13.22
N LEU A 898 23.66 15.20 12.15
CA LEU A 898 22.50 15.14 11.27
C LEU A 898 22.92 14.70 9.90
N LEU A 899 22.38 13.57 9.47
CA LEU A 899 22.62 13.00 8.16
C LEU A 899 21.44 13.40 7.30
N ALA A 900 21.75 13.94 6.12
CA ALA A 900 20.73 14.40 5.18
C ALA A 900 21.18 14.05 3.79
N SER A 901 20.22 13.98 2.85
CA SER A 901 20.55 13.67 1.47
C SER A 901 20.13 14.80 0.59
N ILE A 902 21.10 15.33 -0.17
CA ILE A 902 20.95 16.44 -1.12
C ILE A 902 21.11 15.79 -2.51
N ASN A 903 19.98 15.35 -3.08
CA ASN A 903 19.86 14.64 -4.35
C ASN A 903 20.59 13.28 -4.32
N SER A 904 21.71 13.18 -5.07
CA SER A 904 22.58 12.01 -5.23
C SER A 904 23.73 11.94 -4.18
N THR A 905 23.88 12.99 -3.34
CA THR A 905 24.93 13.09 -2.31
C THR A 905 24.35 12.81 -0.93
N VAL A 906 25.16 12.24 -0.02
CA VAL A 906 24.78 11.98 1.37
C VAL A 906 25.74 12.79 2.28
N ARG A 907 25.22 13.88 2.88
CA ARG A 907 25.97 14.77 3.75
C ARG A 907 25.79 14.48 5.21
N LEU A 908 26.86 14.67 5.97
CA LEU A 908 26.89 14.55 7.42
C LEU A 908 27.17 15.95 7.97
N TYR A 909 26.26 16.48 8.78
CA TYR A 909 26.37 17.82 9.36
C TYR A 909 26.61 17.74 10.87
N GLU A 910 27.52 18.60 11.38
CA GLU A 910 27.88 18.70 12.78
C GLU A 910 27.24 19.97 13.39
N TRP A 911 26.58 19.85 14.56
CA TRP A 911 25.93 20.98 15.22
C TRP A 911 26.86 21.67 16.24
N THR A 912 27.50 22.76 15.78
CA THR A 912 28.47 23.54 16.56
C THR A 912 27.79 24.41 17.67
N THR A 913 28.64 25.10 18.46
CA THR A 913 28.24 26.02 19.54
C THR A 913 27.57 27.26 18.93
N GLU A 914 28.13 27.72 17.78
CA GLU A 914 27.66 28.87 16.97
C GLU A 914 26.25 28.57 16.38
N LYS A 915 25.68 27.38 16.74
CA LYS A 915 24.36 26.89 16.36
C LYS A 915 24.10 26.99 14.85
N GLU A 916 24.94 26.29 14.08
CA GLU A 916 24.90 26.19 12.62
C GLU A 916 25.44 24.82 12.18
N LEU A 917 24.71 24.12 11.29
CA LEU A 917 25.09 22.80 10.79
C LEU A 917 26.34 22.90 9.92
N ARG A 918 27.40 22.17 10.27
CA ARG A 918 28.68 22.21 9.55
C ARG A 918 28.97 20.92 8.82
N THR A 919 29.13 21.02 7.48
CA THR A 919 29.46 19.95 6.53
C THR A 919 30.72 19.22 6.99
N GLU A 920 30.62 17.91 7.21
CA GLU A 920 31.72 17.07 7.68
C GLU A 920 32.27 16.24 6.49
N CYS A 921 31.61 15.12 6.17
CA CYS A 921 31.99 14.21 5.09
C CYS A 921 30.84 14.03 4.10
N ASN A 922 31.18 13.91 2.80
CA ASN A 922 30.22 13.75 1.72
C ASN A 922 30.43 12.47 0.93
N HIS A 923 29.38 11.64 0.84
CA HIS A 923 29.46 10.45 0.01
C HIS A 923 28.65 10.70 -1.25
N TYR A 924 29.32 10.63 -2.41
CA TYR A 924 28.71 10.82 -3.74
C TYR A 924 28.36 9.43 -4.26
N ASN A 925 27.04 9.16 -4.35
CA ASN A 925 26.46 7.83 -4.59
C ASN A 925 26.15 7.41 -6.02
N ASN A 926 26.01 8.34 -6.99
CA ASN A 926 25.62 7.99 -8.37
C ASN A 926 24.15 7.51 -8.44
N ILE A 927 23.51 7.34 -7.26
CA ILE A 927 22.09 7.01 -7.09
C ILE A 927 21.48 8.06 -6.19
N MET A 928 20.27 8.51 -6.55
CA MET A 928 19.49 9.48 -5.80
C MET A 928 19.17 8.88 -4.43
N ALA A 929 19.44 9.60 -3.35
CA ALA A 929 19.21 9.06 -2.01
C ALA A 929 17.85 9.42 -1.38
N LEU A 930 16.77 8.81 -1.90
CA LEU A 930 15.39 9.02 -1.43
C LEU A 930 15.20 8.42 -0.05
N TYR A 931 15.69 7.19 0.13
CA TYR A 931 15.60 6.51 1.41
C TYR A 931 16.89 6.63 2.15
N LEU A 932 16.79 6.97 3.44
CA LEU A 932 17.92 7.16 4.34
C LEU A 932 17.48 6.68 5.73
N LYS A 933 17.99 5.49 6.12
CA LYS A 933 17.69 4.84 7.41
C LYS A 933 19.01 4.49 8.13
N THR A 934 18.99 4.46 9.48
CA THR A 934 20.22 4.18 10.23
C THR A 934 20.03 3.34 11.51
N LYS A 935 21.14 2.68 11.90
CA LYS A 935 21.32 1.83 13.07
C LYS A 935 22.82 1.92 13.43
N GLY A 936 23.11 2.54 14.57
CA GLY A 936 24.47 2.73 15.04
C GLY A 936 25.29 3.56 14.06
N ASP A 937 26.48 3.04 13.69
CA ASP A 937 27.41 3.70 12.76
C ASP A 937 27.25 3.24 11.30
N PHE A 938 26.13 2.53 10.99
CA PHE A 938 25.85 2.04 9.64
C PHE A 938 24.55 2.67 9.08
N ILE A 939 24.64 3.15 7.83
CA ILE A 939 23.61 3.87 7.08
C ILE A 939 23.11 3.05 5.89
N LEU A 940 21.79 3.16 5.59
CA LEU A 940 21.16 2.52 4.43
C LEU A 940 20.72 3.61 3.44
N VAL A 941 21.16 3.50 2.19
CA VAL A 941 20.80 4.42 1.11
C VAL A 941 19.86 3.67 0.13
N GLY A 942 18.74 4.33 -0.22
CA GLY A 942 17.71 3.76 -1.07
C GLY A 942 17.25 4.66 -2.19
N ASP A 943 17.21 4.08 -3.38
CA ASP A 943 16.79 4.65 -4.65
C ASP A 943 15.34 4.16 -4.95
N LEU A 944 14.59 4.88 -5.79
CA LEU A 944 13.26 4.42 -6.16
C LEU A 944 13.29 3.09 -6.94
N MET A 945 14.47 2.68 -7.43
CA MET A 945 14.61 1.49 -8.26
C MET A 945 15.26 0.36 -7.54
N ARG A 946 15.02 0.27 -6.21
CA ARG A 946 15.47 -0.81 -5.32
C ARG A 946 17.02 -0.94 -5.33
N SER A 947 17.69 0.18 -5.65
CA SER A 947 19.14 0.21 -5.66
C SER A 947 19.52 0.60 -4.25
N VAL A 948 19.94 -0.40 -3.47
CA VAL A 948 20.36 -0.25 -2.07
C VAL A 948 21.88 -0.21 -2.00
N LEU A 949 22.43 0.63 -1.12
CA LEU A 949 23.85 0.69 -0.82
C LEU A 949 24.02 1.02 0.64
N LEU A 950 24.89 0.27 1.30
CA LEU A 950 25.18 0.41 2.73
C LEU A 950 26.41 1.23 2.97
N LEU A 951 26.28 2.25 3.80
CA LEU A 951 27.40 3.10 4.17
C LEU A 951 27.73 2.89 5.62
N ALA A 952 28.96 3.23 6.01
CA ALA A 952 29.43 3.16 7.38
C ALA A 952 30.35 4.35 7.64
N TYR A 953 30.05 5.14 8.68
CA TYR A 953 30.87 6.27 9.04
C TYR A 953 32.03 5.79 9.91
N LYS A 954 33.26 6.10 9.48
CA LYS A 954 34.48 5.73 10.20
C LYS A 954 34.81 6.84 11.22
N PRO A 955 34.63 6.62 12.56
CA PRO A 955 34.91 7.70 13.53
C PRO A 955 36.32 8.30 13.47
N MET A 956 37.36 7.45 13.38
CA MET A 956 38.74 7.92 13.32
C MET A 956 39.10 8.57 11.97
N GLU A 957 38.50 8.09 10.85
CA GLU A 957 38.78 8.61 9.50
C GLU A 957 37.95 9.85 9.11
N GLY A 958 36.72 9.94 9.64
CA GLY A 958 35.77 11.02 9.35
C GLY A 958 35.36 10.98 7.89
N ASN A 959 34.98 9.78 7.43
CA ASN A 959 34.62 9.49 6.04
C ASN A 959 33.52 8.41 6.01
N PHE A 960 33.00 8.11 4.80
CA PHE A 960 32.00 7.07 4.56
C PHE A 960 32.62 5.91 3.78
N GLU A 961 32.35 4.68 4.24
CA GLU A 961 32.82 3.44 3.61
C GLU A 961 31.62 2.64 3.09
N GLU A 962 31.58 2.40 1.76
CA GLU A 962 30.52 1.63 1.11
C GLU A 962 30.70 0.12 1.41
N ILE A 963 29.94 -0.39 2.42
CA ILE A 963 29.95 -1.80 2.85
C ILE A 963 29.52 -2.68 1.67
N ALA A 964 28.21 -2.77 1.42
CA ALA A 964 27.65 -3.59 0.35
C ALA A 964 26.62 -2.85 -0.53
N ARG A 965 26.52 -3.26 -1.80
CA ARG A 965 25.54 -2.69 -2.71
C ARG A 965 24.75 -3.80 -3.46
N ASP A 966 23.55 -3.43 -3.94
CA ASP A 966 22.61 -4.27 -4.68
C ASP A 966 21.97 -3.38 -5.74
N PHE A 967 21.72 -3.93 -6.93
CA PHE A 967 21.10 -3.18 -8.01
C PHE A 967 20.17 -4.07 -8.80
N ASN A 968 18.96 -4.24 -8.28
CA ASN A 968 17.95 -5.04 -8.96
C ASN A 968 16.76 -4.17 -9.27
N PRO A 969 16.76 -3.54 -10.48
CA PRO A 969 15.66 -2.62 -10.85
C PRO A 969 14.24 -3.14 -10.67
N ASN A 970 13.52 -2.46 -9.79
CA ASN A 970 12.11 -2.63 -9.47
C ASN A 970 11.72 -1.45 -8.62
N TRP A 971 10.49 -0.96 -8.76
CA TRP A 971 10.03 0.19 -7.97
C TRP A 971 10.00 -0.12 -6.47
N MET A 972 10.62 0.72 -5.64
CA MET A 972 10.68 0.52 -4.19
C MET A 972 9.96 1.67 -3.52
N SER A 973 8.95 1.38 -2.68
CA SER A 973 8.11 2.41 -2.05
C SER A 973 8.48 2.79 -0.62
N ALA A 974 9.10 1.86 0.12
CA ALA A 974 9.51 2.05 1.50
C ALA A 974 10.60 1.04 1.83
N VAL A 975 11.40 1.33 2.85
CA VAL A 975 12.49 0.48 3.34
C VAL A 975 12.78 0.79 4.83
N GLU A 976 13.00 -0.28 5.64
CA GLU A 976 13.32 -0.19 7.07
C GLU A 976 14.46 -1.14 7.44
N ILE A 977 15.26 -0.78 8.46
CA ILE A 977 16.33 -1.65 8.95
C ILE A 977 15.73 -2.51 10.05
N LEU A 978 15.70 -3.84 9.86
CA LEU A 978 15.13 -4.79 10.83
C LEU A 978 16.05 -5.00 12.03
N ASP A 979 17.35 -5.22 11.74
CA ASP A 979 18.43 -5.47 12.69
C ASP A 979 19.77 -5.09 12.04
N ASP A 980 20.90 -5.40 12.71
CA ASP A 980 22.26 -5.10 12.26
C ASP A 980 22.58 -5.68 10.87
N ASP A 981 22.00 -6.85 10.53
CA ASP A 981 22.27 -7.57 9.26
C ASP A 981 21.13 -7.57 8.25
N ASN A 982 19.87 -7.52 8.71
CA ASN A 982 18.69 -7.55 7.84
C ASN A 982 18.02 -6.20 7.65
N PHE A 983 17.25 -6.08 6.57
CA PHE A 983 16.43 -4.90 6.29
C PHE A 983 15.30 -5.21 5.31
N LEU A 984 14.11 -4.71 5.68
CA LEU A 984 12.83 -4.92 5.02
C LEU A 984 12.47 -3.79 4.05
N GLY A 985 11.84 -4.13 2.95
CA GLY A 985 11.40 -3.14 1.97
C GLY A 985 10.15 -3.53 1.24
N ALA A 986 9.49 -2.54 0.64
CA ALA A 986 8.29 -2.68 -0.16
C ALA A 986 8.66 -2.44 -1.64
N GLU A 987 8.55 -3.50 -2.46
CA GLU A 987 8.92 -3.61 -3.87
C GLU A 987 7.67 -3.61 -4.73
N ASN A 988 7.82 -3.26 -6.04
CA ASN A 988 6.74 -3.20 -7.03
C ASN A 988 6.02 -4.51 -7.21
N ALA A 989 4.70 -4.35 -7.43
CA ALA A 989 3.56 -5.24 -7.56
C ALA A 989 3.16 -5.74 -6.17
N PHE A 990 3.01 -4.78 -5.22
CA PHE A 990 2.55 -4.99 -3.83
C PHE A 990 3.30 -6.09 -3.06
N ASN A 991 4.63 -6.14 -3.23
CA ASN A 991 5.47 -7.14 -2.59
C ASN A 991 6.33 -6.60 -1.47
N LEU A 992 6.76 -7.49 -0.57
CA LEU A 992 7.70 -7.21 0.52
C LEU A 992 8.94 -8.06 0.24
N PHE A 993 10.09 -7.62 0.76
CA PHE A 993 11.34 -8.34 0.61
C PHE A 993 12.28 -8.06 1.76
N VAL A 994 13.27 -8.93 1.97
CA VAL A 994 14.31 -8.75 2.99
C VAL A 994 15.70 -9.04 2.42
N CYS A 995 16.63 -8.08 2.53
CA CYS A 995 18.03 -8.24 2.13
C CYS A 995 18.82 -8.49 3.42
N GLN A 996 19.84 -9.38 3.39
CA GLN A 996 20.69 -9.79 4.51
C GLN A 996 22.16 -9.49 4.13
N LYS A 997 23.12 -9.62 5.10
CA LYS A 997 24.55 -9.38 4.85
C LYS A 997 25.33 -10.66 4.57
N THR A 1002 32.58 -14.51 3.32
CA THR A 1002 33.91 -14.41 3.94
C THR A 1002 34.90 -13.63 3.07
N THR A 1003 34.83 -13.82 1.74
CA THR A 1003 35.68 -13.12 0.76
C THR A 1003 35.16 -11.70 0.55
N ASP A 1004 36.04 -10.76 0.15
CA ASP A 1004 35.70 -9.35 -0.08
C ASP A 1004 34.51 -9.16 -1.05
N GLU A 1005 34.46 -9.98 -2.12
CA GLU A 1005 33.39 -9.97 -3.13
C GLU A 1005 32.07 -10.44 -2.52
N GLU A 1006 32.13 -11.36 -1.53
CA GLU A 1006 30.97 -11.90 -0.84
C GLU A 1006 30.37 -10.87 0.13
N ARG A 1007 31.22 -10.27 1.00
CA ARG A 1007 30.82 -9.28 2.00
C ARG A 1007 30.35 -7.94 1.41
N GLN A 1008 30.85 -7.56 0.20
CA GLN A 1008 30.47 -6.32 -0.50
C GLN A 1008 29.18 -6.46 -1.35
N HIS A 1009 28.47 -7.62 -1.23
CA HIS A 1009 27.23 -7.87 -1.96
C HIS A 1009 26.16 -8.50 -1.06
N LEU A 1010 24.97 -7.85 -1.06
CA LEU A 1010 23.79 -8.19 -0.27
C LEU A 1010 23.01 -9.36 -0.84
N GLN A 1011 22.32 -10.12 0.05
CA GLN A 1011 21.55 -11.32 -0.33
C GLN A 1011 20.07 -11.20 0.02
N GLU A 1012 19.20 -11.36 -1.00
CA GLU A 1012 17.74 -11.32 -0.92
C GLU A 1012 17.28 -12.64 -0.29
N VAL A 1013 16.88 -12.59 0.99
CA VAL A 1013 16.48 -13.75 1.81
C VAL A 1013 14.94 -13.88 2.07
N GLY A 1014 14.17 -12.87 1.68
CA GLY A 1014 12.73 -12.84 1.88
C GLY A 1014 12.00 -12.27 0.69
N LEU A 1015 10.98 -12.98 0.22
CA LEU A 1015 10.13 -12.57 -0.90
C LEU A 1015 8.73 -12.94 -0.53
N PHE A 1016 7.78 -11.97 -0.69
CA PHE A 1016 6.40 -12.17 -0.29
C PHE A 1016 5.44 -11.25 -1.01
N HIS A 1017 4.33 -11.78 -1.59
CA HIS A 1017 3.34 -10.90 -2.19
C HIS A 1017 2.37 -10.47 -1.11
N LEU A 1018 2.42 -9.18 -0.71
CA LEU A 1018 1.57 -8.66 0.35
C LEU A 1018 0.14 -8.38 -0.08
N GLY A 1019 0.00 -7.83 -1.28
CA GLY A 1019 -1.29 -7.43 -1.81
C GLY A 1019 -1.57 -5.98 -1.47
N GLU A 1020 -0.61 -5.31 -0.82
CA GLU A 1020 -0.74 -3.91 -0.44
C GLU A 1020 0.47 -3.06 -0.83
N PHE A 1021 0.24 -1.77 -1.01
CA PHE A 1021 1.27 -0.81 -1.35
C PHE A 1021 1.71 -0.07 -0.09
N VAL A 1022 2.78 -0.54 0.55
CA VAL A 1022 3.35 0.06 1.77
C VAL A 1022 3.99 1.41 1.46
N ASN A 1023 3.63 2.46 2.23
CA ASN A 1023 4.21 3.80 2.11
C ASN A 1023 5.19 4.11 3.25
N VAL A 1024 4.95 3.53 4.43
CA VAL A 1024 5.74 3.76 5.64
C VAL A 1024 5.94 2.48 6.45
N PHE A 1025 7.16 2.32 7.00
CA PHE A 1025 7.61 1.30 7.94
C PHE A 1025 7.95 2.07 9.20
N CYS A 1026 7.72 1.45 10.36
CA CYS A 1026 7.88 2.12 11.64
C CYS A 1026 8.08 1.13 12.79
N HIS A 1027 9.17 1.31 13.56
CA HIS A 1027 9.43 0.48 14.72
C HIS A 1027 8.52 0.90 15.88
N GLY A 1028 7.68 -0.03 16.34
CA GLY A 1028 6.75 0.19 17.44
C GLY A 1028 5.79 -0.97 17.61
N SER A 1029 4.82 -0.82 18.55
CA SER A 1029 3.77 -1.81 18.82
C SER A 1029 2.60 -1.16 19.53
N LEU A 1030 1.38 -1.62 19.23
CA LEU A 1030 0.15 -1.10 19.84
C LEU A 1030 -0.25 -1.84 21.13
N VAL A 1031 0.51 -2.92 21.47
CA VAL A 1031 0.31 -3.82 22.61
C VAL A 1031 1.25 -3.50 23.81
N MET A 1032 0.68 -3.53 25.04
CA MET A 1032 1.32 -3.26 26.33
C MET A 1032 2.53 -4.17 26.59
N THR A 1040 11.61 -14.69 24.70
CA THR A 1040 10.34 -14.33 24.05
C THR A 1040 10.11 -15.12 22.73
N PRO A 1041 8.85 -15.26 22.22
CA PRO A 1041 8.62 -16.05 20.99
C PRO A 1041 9.23 -15.48 19.69
N THR A 1042 9.11 -14.14 19.53
CA THR A 1042 9.53 -13.35 18.36
C THR A 1042 10.50 -12.21 18.73
N GLN A 1043 11.32 -11.77 17.75
CA GLN A 1043 12.33 -10.70 17.89
C GLN A 1043 11.90 -9.45 17.08
N GLY A 1044 11.76 -8.31 17.77
CA GLY A 1044 11.41 -7.02 17.17
C GLY A 1044 9.99 -6.83 16.68
N SER A 1045 9.64 -5.58 16.27
CA SER A 1045 8.32 -5.21 15.78
C SER A 1045 8.35 -3.98 14.86
N VAL A 1046 7.95 -4.19 13.59
CA VAL A 1046 7.88 -3.15 12.56
C VAL A 1046 6.46 -3.12 12.04
N LEU A 1047 5.81 -1.96 12.20
CA LEU A 1047 4.47 -1.70 11.73
C LEU A 1047 4.56 -1.08 10.35
N PHE A 1048 3.54 -1.28 9.49
CA PHE A 1048 3.56 -0.70 8.15
C PHE A 1048 2.20 -0.13 7.76
N GLY A 1049 2.22 1.03 7.09
CA GLY A 1049 1.02 1.73 6.68
C GLY A 1049 0.85 1.70 5.18
N THR A 1050 -0.34 1.29 4.68
CA THR A 1050 -0.55 1.17 3.24
C THR A 1050 -1.52 2.22 2.65
N VAL A 1051 -1.66 2.17 1.32
CA VAL A 1051 -2.47 3.09 0.52
C VAL A 1051 -3.96 2.84 0.75
N ASN A 1052 -4.33 1.57 0.97
CA ASN A 1052 -5.71 1.17 1.19
C ASN A 1052 -6.20 1.29 2.66
N GLY A 1053 -5.35 1.79 3.56
CA GLY A 1053 -5.69 1.91 4.98
C GLY A 1053 -5.31 0.69 5.81
N MET A 1054 -4.74 -0.33 5.17
CA MET A 1054 -4.29 -1.55 5.85
C MET A 1054 -3.03 -1.25 6.65
N ILE A 1055 -3.02 -1.66 7.93
CA ILE A 1055 -1.85 -1.57 8.82
C ILE A 1055 -1.41 -3.02 9.01
N GLY A 1056 -0.10 -3.24 9.11
CA GLY A 1056 0.44 -4.58 9.28
C GLY A 1056 1.59 -4.62 10.25
N LEU A 1057 1.98 -5.82 10.66
CA LEU A 1057 3.07 -6.01 11.62
C LEU A 1057 4.02 -7.07 11.10
N VAL A 1058 5.32 -6.79 11.21
CA VAL A 1058 6.36 -7.71 10.79
C VAL A 1058 7.28 -7.95 11.99
N THR A 1059 7.50 -9.21 12.33
CA THR A 1059 8.40 -9.63 13.41
C THR A 1059 9.35 -10.73 12.91
N SER A 1060 10.41 -11.06 13.69
CA SER A 1060 11.39 -12.10 13.33
C SER A 1060 11.11 -13.43 14.02
N LEU A 1061 11.50 -14.54 13.36
CA LEU A 1061 11.28 -15.90 13.85
C LEU A 1061 12.57 -16.71 13.79
N SER A 1062 12.64 -17.76 14.62
CA SER A 1062 13.77 -18.70 14.62
C SER A 1062 13.62 -19.70 13.46
N GLU A 1063 14.75 -20.32 13.04
CA GLU A 1063 14.78 -21.31 11.96
C GLU A 1063 13.71 -22.38 12.19
N SER A 1064 13.64 -22.91 13.43
CA SER A 1064 12.70 -23.94 13.86
C SER A 1064 11.24 -23.49 13.85
N TRP A 1065 10.95 -22.32 14.45
CA TRP A 1065 9.61 -21.76 14.50
C TRP A 1065 9.11 -21.47 13.10
N TYR A 1066 10.00 -20.99 12.21
CA TYR A 1066 9.66 -20.70 10.81
C TYR A 1066 9.19 -21.96 10.10
N ASN A 1067 10.00 -23.02 10.15
CA ASN A 1067 9.71 -24.31 9.53
C ASN A 1067 8.45 -24.95 10.11
N LEU A 1068 8.23 -24.83 11.45
CA LEU A 1068 7.05 -25.35 12.15
C LEU A 1068 5.79 -24.76 11.52
N LEU A 1069 5.79 -23.43 11.40
CA LEU A 1069 4.70 -22.66 10.86
C LEU A 1069 4.57 -22.78 9.35
N LEU A 1070 5.70 -22.96 8.63
CA LEU A 1070 5.67 -23.15 7.18
C LEU A 1070 5.03 -24.50 6.86
N ASP A 1071 5.36 -25.54 7.66
CA ASP A 1071 4.81 -26.88 7.52
C ASP A 1071 3.31 -26.78 7.80
N MET A 1072 2.95 -26.10 8.91
CA MET A 1072 1.57 -25.86 9.33
C MET A 1072 0.75 -25.13 8.24
N GLN A 1073 1.37 -24.16 7.52
CA GLN A 1073 0.73 -23.40 6.44
C GLN A 1073 0.24 -24.31 5.34
N ASN A 1074 1.09 -25.25 4.91
CA ASN A 1074 0.78 -26.19 3.83
C ASN A 1074 -0.36 -27.07 4.24
N ARG A 1075 -0.36 -27.50 5.51
CA ARG A 1075 -1.39 -28.34 6.12
C ARG A 1075 -2.71 -27.57 6.28
N LEU A 1076 -2.66 -26.31 6.74
CA LEU A 1076 -3.82 -25.43 6.90
C LEU A 1076 -4.50 -25.17 5.57
N ASN A 1077 -3.71 -25.14 4.49
CA ASN A 1077 -4.21 -24.85 3.17
C ASN A 1077 -4.97 -25.99 2.55
N LYS A 1078 -4.75 -27.22 3.06
CA LYS A 1078 -5.39 -28.42 2.59
C LYS A 1078 -6.81 -28.54 3.14
N VAL A 1079 -7.07 -27.87 4.29
CA VAL A 1079 -8.34 -27.81 5.02
C VAL A 1079 -9.18 -26.61 4.54
N ILE A 1080 -8.69 -25.37 4.85
CA ILE A 1080 -9.30 -24.08 4.54
C ILE A 1080 -9.80 -23.98 3.09
N LYS A 1081 -11.07 -23.57 2.94
CA LYS A 1081 -11.73 -23.38 1.68
C LYS A 1081 -11.47 -21.93 1.23
N SER A 1082 -10.91 -21.76 0.01
CA SER A 1082 -10.53 -20.46 -0.55
C SER A 1082 -11.63 -19.88 -1.44
N VAL A 1083 -12.02 -18.59 -1.18
CA VAL A 1083 -13.03 -17.90 -1.96
C VAL A 1083 -12.49 -17.74 -3.37
N GLY A 1084 -13.21 -18.32 -4.32
CA GLY A 1084 -12.85 -18.32 -5.73
C GLY A 1084 -11.89 -19.43 -6.08
N LYS A 1085 -11.56 -20.30 -5.07
CA LYS A 1085 -10.66 -21.46 -5.15
C LYS A 1085 -9.26 -21.06 -5.74
N ILE A 1086 -8.65 -20.01 -5.14
CA ILE A 1086 -7.33 -19.47 -5.46
C ILE A 1086 -6.32 -20.19 -4.54
N GLU A 1087 -5.20 -20.66 -5.09
CA GLU A 1087 -4.18 -21.30 -4.25
C GLU A 1087 -3.46 -20.23 -3.39
N HIS A 1088 -3.36 -20.44 -2.06
CA HIS A 1088 -2.70 -19.50 -1.15
C HIS A 1088 -1.26 -19.23 -1.60
N SER A 1089 -0.50 -20.33 -1.94
CA SER A 1089 0.88 -20.35 -2.44
C SER A 1089 1.08 -19.48 -3.69
N PHE A 1090 0.04 -19.41 -4.55
CA PHE A 1090 -0.01 -18.60 -5.76
C PHE A 1090 -0.17 -17.11 -5.38
N TRP A 1091 -1.19 -16.81 -4.57
CA TRP A 1091 -1.51 -15.48 -4.08
C TRP A 1091 -0.31 -14.80 -3.41
N ARG A 1092 0.47 -15.58 -2.64
CA ARG A 1092 1.62 -15.05 -1.93
C ARG A 1092 2.91 -15.02 -2.74
N SER A 1093 2.89 -15.61 -3.96
CA SER A 1093 4.04 -15.65 -4.85
C SER A 1093 4.46 -14.27 -5.26
N PHE A 1094 5.77 -13.98 -5.10
CA PHE A 1094 6.38 -12.73 -5.51
C PHE A 1094 6.01 -12.55 -6.97
N HIS A 1095 5.43 -11.41 -7.31
CA HIS A 1095 4.96 -11.19 -8.65
C HIS A 1095 5.30 -9.82 -9.18
N THR A 1096 5.78 -9.81 -10.43
CA THR A 1096 6.09 -8.66 -11.29
C THR A 1096 5.71 -9.12 -12.69
N GLU A 1097 5.60 -8.17 -13.64
CA GLU A 1097 5.25 -8.40 -15.05
C GLU A 1097 6.10 -9.55 -15.61
N ARG A 1098 7.38 -9.64 -15.14
CA ARG A 1098 8.34 -10.69 -15.49
C ARG A 1098 8.21 -11.93 -14.58
N LYS A 1099 9.09 -12.09 -13.56
CA LYS A 1099 9.12 -13.25 -12.69
C LYS A 1099 7.98 -13.33 -11.67
N THR A 1100 7.54 -14.59 -11.40
CA THR A 1100 6.52 -14.97 -10.42
C THR A 1100 7.07 -16.14 -9.62
N GLU A 1101 7.99 -15.83 -8.71
CA GLU A 1101 8.70 -16.77 -7.82
C GLU A 1101 7.86 -17.05 -6.54
N PRO A 1102 7.83 -18.29 -5.98
CA PRO A 1102 7.08 -18.51 -4.73
C PRO A 1102 7.64 -17.76 -3.54
N ALA A 1103 6.80 -17.44 -2.55
CA ALA A 1103 7.21 -16.72 -1.36
C ALA A 1103 8.26 -17.48 -0.55
N THR A 1104 9.23 -16.75 0.01
CA THR A 1104 10.36 -17.26 0.79
C THR A 1104 10.64 -16.37 2.00
N GLY A 1105 11.06 -16.99 3.11
CA GLY A 1105 11.41 -16.33 4.36
C GLY A 1105 10.29 -15.52 5.01
N PHE A 1106 9.02 -15.87 4.70
CA PHE A 1106 7.84 -15.17 5.20
C PHE A 1106 6.71 -16.13 5.56
N ILE A 1107 6.05 -15.84 6.71
CA ILE A 1107 4.91 -16.61 7.22
C ILE A 1107 3.69 -15.70 7.21
N ASP A 1108 2.59 -16.16 6.55
CA ASP A 1108 1.33 -15.41 6.48
C ASP A 1108 0.60 -15.58 7.82
N GLY A 1109 0.80 -14.58 8.69
CA GLY A 1109 0.19 -14.49 10.02
C GLY A 1109 -1.30 -14.65 9.99
N ASP A 1110 -1.96 -14.05 8.96
CA ASP A 1110 -3.39 -14.13 8.67
C ASP A 1110 -3.87 -15.57 8.40
N LEU A 1111 -2.99 -16.42 7.83
CA LEU A 1111 -3.33 -17.82 7.57
C LEU A 1111 -3.11 -18.61 8.85
N ILE A 1112 -1.98 -18.38 9.52
CA ILE A 1112 -1.60 -19.03 10.78
C ILE A 1112 -2.63 -18.75 11.90
N GLU A 1113 -3.18 -17.51 11.96
CA GLU A 1113 -4.17 -17.13 12.96
C GLU A 1113 -5.53 -17.84 12.75
N SER A 1114 -5.84 -18.25 11.50
CA SER A 1114 -7.10 -18.96 11.24
C SER A 1114 -7.09 -20.44 11.69
N PHE A 1115 -6.02 -20.89 12.41
CA PHE A 1115 -5.92 -22.22 12.99
C PHE A 1115 -6.78 -22.23 14.25
N LEU A 1116 -6.80 -21.08 14.97
CA LEU A 1116 -7.59 -20.91 16.19
C LEU A 1116 -9.08 -20.81 15.86
N ASP A 1117 -9.41 -20.70 14.56
CA ASP A 1117 -10.78 -20.53 14.06
C ASP A 1117 -11.38 -21.81 13.49
N ILE A 1118 -10.56 -22.72 12.90
CA ILE A 1118 -11.04 -23.99 12.31
C ILE A 1118 -11.61 -24.95 13.37
N SER A 1119 -12.47 -25.90 12.94
CA SER A 1119 -13.07 -26.91 13.81
C SER A 1119 -11.98 -27.73 14.51
N ARG A 1120 -12.22 -28.14 15.78
CA ARG A 1120 -11.26 -28.95 16.56
C ARG A 1120 -10.88 -30.26 15.85
N PRO A 1121 -11.82 -31.01 15.17
CA PRO A 1121 -11.39 -32.19 14.39
C PRO A 1121 -10.50 -31.84 13.18
N LYS A 1122 -10.59 -30.59 12.68
CA LYS A 1122 -9.76 -30.10 11.59
C LYS A 1122 -8.42 -29.65 12.11
N MET A 1123 -8.34 -29.17 13.38
CA MET A 1123 -7.07 -28.81 14.04
C MET A 1123 -6.27 -30.08 14.23
N GLN A 1124 -6.98 -31.17 14.57
CA GLN A 1124 -6.42 -32.49 14.79
C GLN A 1124 -5.83 -33.04 13.50
N GLU A 1125 -6.50 -32.74 12.37
CA GLU A 1125 -6.08 -33.16 11.03
C GLU A 1125 -4.76 -32.44 10.66
N VAL A 1126 -4.72 -31.10 10.84
CA VAL A 1126 -3.57 -30.20 10.62
C VAL A 1126 -2.35 -30.65 11.47
N VAL A 1127 -2.55 -30.90 12.79
CA VAL A 1127 -1.48 -31.29 13.73
C VAL A 1127 -1.01 -32.74 13.57
N ALA A 1128 -1.76 -33.57 12.82
CA ALA A 1128 -1.42 -34.99 12.65
C ALA A 1128 -0.11 -35.14 11.90
N ASN A 1129 0.91 -35.66 12.62
CA ASN A 1129 2.29 -35.92 12.17
C ASN A 1129 3.07 -34.62 11.81
N LEU A 1130 2.65 -33.44 12.38
CA LEU A 1130 3.23 -32.12 12.10
C LEU A 1130 4.70 -31.97 12.55
N GLN A 1131 5.02 -32.26 13.85
CA GLN A 1131 6.39 -32.18 14.42
C GLN A 1131 6.92 -30.74 14.50
N LYS A 1139 13.75 -35.04 14.92
CA LYS A 1139 12.36 -34.58 15.03
C LYS A 1139 11.84 -34.63 16.48
N ARG A 1140 10.81 -33.80 16.79
CA ARG A 1140 10.11 -33.68 18.09
C ARG A 1140 8.61 -33.62 17.78
N GLU A 1141 7.76 -34.28 18.59
CA GLU A 1141 6.30 -34.35 18.33
C GLU A 1141 5.55 -33.09 18.74
N ALA A 1142 4.53 -32.75 17.91
CA ALA A 1142 3.69 -31.56 18.04
C ALA A 1142 2.26 -31.88 18.46
N THR A 1143 1.90 -31.46 19.68
CA THR A 1143 0.57 -31.66 20.26
C THR A 1143 -0.34 -30.53 19.79
N ALA A 1144 -1.63 -30.84 19.58
CA ALA A 1144 -2.66 -29.87 19.21
C ALA A 1144 -2.75 -28.76 20.27
N ASP A 1145 -2.63 -29.12 21.57
CA ASP A 1145 -2.67 -28.17 22.71
C ASP A 1145 -1.38 -27.32 22.77
N ASP A 1146 -0.27 -27.82 22.19
CA ASP A 1146 1.00 -27.09 22.12
C ASP A 1146 0.90 -26.02 21.03
N LEU A 1147 0.35 -26.41 19.87
CA LEU A 1147 0.14 -25.54 18.71
C LEU A 1147 -0.95 -24.49 18.96
N ILE A 1148 -1.82 -24.70 19.97
CA ILE A 1148 -2.83 -23.71 20.36
C ILE A 1148 -2.08 -22.61 21.10
N LYS A 1149 -1.16 -22.99 22.03
CA LYS A 1149 -0.35 -22.05 22.83
C LYS A 1149 0.57 -21.16 21.98
N VAL A 1150 1.28 -21.77 20.98
CA VAL A 1150 2.18 -21.13 20.01
C VAL A 1150 1.40 -20.07 19.20
N VAL A 1151 0.28 -20.49 18.58
CA VAL A 1151 -0.58 -19.63 17.77
C VAL A 1151 -1.27 -18.54 18.62
N GLU A 1152 -1.69 -18.87 19.87
CA GLU A 1152 -2.31 -17.90 20.81
C GLU A 1152 -1.33 -16.76 21.09
N GLU A 1153 -0.06 -17.14 21.39
CA GLU A 1153 1.11 -16.29 21.68
C GLU A 1153 1.36 -15.28 20.53
N LEU A 1154 1.28 -15.76 19.27
CA LEU A 1154 1.46 -14.96 18.06
C LEU A 1154 0.30 -13.98 17.80
N THR A 1155 -0.89 -14.25 18.36
CA THR A 1155 -2.03 -13.34 18.16
C THR A 1155 -1.90 -12.14 19.10
N ARG A 1156 -1.09 -12.31 20.16
CA ARG A 1156 -0.84 -11.29 21.19
C ARG A 1156 0.06 -10.14 20.71
N ILE A 1157 0.95 -10.38 19.72
CA ILE A 1157 1.86 -9.37 19.15
C ILE A 1157 1.12 -8.11 18.65
N HIS A 1158 -0.14 -8.28 18.21
CA HIS A 1158 -0.97 -7.20 17.71
C HIS A 1158 -2.33 -7.13 18.41
N MET B 71 22.64 25.88 -43.42
CA MET B 71 22.18 24.51 -43.21
C MET B 71 23.13 23.49 -43.88
N ILE B 72 23.18 22.23 -43.33
CA ILE B 72 24.03 21.12 -43.81
C ILE B 72 23.34 20.37 -44.95
N ASN B 73 24.03 20.24 -46.09
CA ASN B 73 23.50 19.53 -47.23
C ASN B 73 24.01 18.08 -47.31
N PHE B 74 25.14 17.73 -46.61
CA PHE B 74 25.72 16.38 -46.61
C PHE B 74 24.66 15.32 -46.23
N ASP B 75 24.69 14.16 -46.93
CA ASP B 75 23.76 13.04 -46.72
C ASP B 75 24.19 12.20 -45.48
N THR B 76 23.54 12.47 -44.33
CA THR B 76 23.79 11.84 -43.03
C THR B 76 23.63 10.32 -43.02
N SER B 77 23.10 9.75 -44.10
CA SER B 77 22.95 8.31 -44.23
C SER B 77 24.26 7.69 -44.73
N LEU B 78 25.03 8.42 -45.57
CA LEU B 78 26.31 7.98 -46.13
C LEU B 78 27.31 7.36 -45.12
N PRO B 79 27.60 7.94 -43.91
CA PRO B 79 28.56 7.28 -43.01
C PRO B 79 28.08 5.89 -42.51
N THR B 80 26.82 5.80 -42.06
CA THR B 80 26.12 4.60 -41.53
C THR B 80 26.20 3.33 -42.43
N SER B 81 26.32 3.54 -43.77
CA SER B 81 26.35 2.51 -44.80
C SER B 81 27.76 1.98 -45.17
N HIS B 82 28.80 2.52 -44.52
CA HIS B 82 30.21 2.12 -44.65
C HIS B 82 30.67 1.79 -46.10
N MET B 83 30.39 2.73 -47.03
CA MET B 83 30.73 2.61 -48.45
C MET B 83 32.19 2.34 -48.76
N TYR B 84 33.11 2.85 -47.91
CA TYR B 84 34.57 2.66 -48.04
C TYR B 84 34.93 1.17 -48.01
N LEU B 85 34.08 0.37 -47.34
CA LEU B 85 34.15 -1.07 -47.16
C LEU B 85 33.76 -1.76 -48.47
N GLY B 86 33.15 -0.98 -49.36
CA GLY B 86 32.68 -1.42 -50.66
C GLY B 86 31.23 -1.84 -50.58
N SER B 87 30.53 -1.76 -51.72
CA SER B 87 29.14 -2.23 -51.82
C SER B 87 29.23 -3.69 -52.31
N ASP B 88 28.12 -4.28 -52.78
CA ASP B 88 28.07 -5.65 -53.28
C ASP B 88 28.52 -6.65 -52.18
N MET B 89 27.87 -6.55 -51.00
CA MET B 89 28.12 -7.42 -49.85
C MET B 89 26.93 -8.33 -49.66
N GLU B 90 27.22 -9.58 -49.23
CA GLU B 90 26.23 -10.62 -48.94
C GLU B 90 25.41 -10.16 -47.74
N GLU B 91 24.07 -10.04 -47.92
CA GLU B 91 23.20 -9.58 -46.85
C GLU B 91 22.47 -10.71 -46.17
N PHE B 92 22.46 -10.65 -44.85
CA PHE B 92 21.75 -11.63 -44.03
C PHE B 92 20.71 -10.91 -43.18
N HIS B 93 19.48 -11.41 -43.31
CA HIS B 93 18.21 -10.99 -42.74
C HIS B 93 17.94 -11.67 -41.38
N GLY B 94 17.89 -13.03 -41.39
CA GLY B 94 17.65 -13.92 -40.24
C GLY B 94 18.33 -13.47 -38.97
N ARG B 95 17.57 -13.45 -37.87
CA ARG B 95 18.08 -12.98 -36.58
C ARG B 95 18.08 -14.08 -35.53
N THR B 96 19.19 -14.18 -34.79
CA THR B 96 19.38 -15.11 -33.67
C THR B 96 19.35 -14.27 -32.39
N LEU B 97 18.62 -14.76 -31.37
CA LEU B 97 18.53 -14.17 -30.04
C LEU B 97 18.53 -15.29 -29.01
N HIS B 98 19.46 -15.22 -28.05
CA HIS B 98 19.57 -16.22 -27.00
C HIS B 98 18.67 -15.86 -25.84
N ASP B 99 18.13 -16.88 -25.17
CA ASP B 99 17.25 -16.68 -24.01
C ASP B 99 18.01 -15.94 -22.91
N ASP B 100 17.27 -15.26 -22.03
CA ASP B 100 17.86 -14.52 -20.92
C ASP B 100 18.45 -15.48 -19.89
N ASP B 101 19.53 -15.01 -19.22
CA ASP B 101 20.29 -15.73 -18.20
C ASP B 101 20.90 -17.02 -18.72
N SER B 102 20.67 -17.34 -20.01
CA SER B 102 21.22 -18.53 -20.63
C SER B 102 22.71 -18.42 -20.81
N CYS B 103 23.37 -19.55 -20.67
CA CYS B 103 24.79 -19.63 -20.83
C CYS B 103 25.08 -19.99 -22.29
N GLN B 104 26.08 -19.32 -22.89
CA GLN B 104 26.47 -19.54 -24.27
C GLN B 104 28.00 -19.49 -24.41
N VAL B 105 28.53 -20.19 -25.42
CA VAL B 105 29.96 -20.20 -25.72
C VAL B 105 30.14 -19.56 -27.11
N ILE B 106 30.68 -18.35 -27.11
CA ILE B 106 30.77 -17.56 -28.34
C ILE B 106 32.23 -17.19 -28.66
N PRO B 107 32.65 -17.27 -29.94
CA PRO B 107 34.03 -16.90 -30.27
C PRO B 107 34.30 -15.40 -30.14
N VAL B 108 35.56 -15.04 -29.90
CA VAL B 108 36.02 -13.67 -29.75
C VAL B 108 37.06 -13.40 -30.83
N LEU B 109 36.96 -12.24 -31.49
CA LEU B 109 37.92 -11.86 -32.52
C LEU B 109 39.19 -11.31 -31.89
N PRO B 110 40.35 -11.91 -32.21
CA PRO B 110 41.60 -11.51 -31.55
C PRO B 110 42.06 -10.08 -31.69
N HIS B 111 41.63 -9.36 -32.72
CA HIS B 111 42.14 -8.00 -32.90
C HIS B 111 41.13 -6.90 -32.66
N VAL B 112 39.93 -7.23 -32.16
CA VAL B 112 38.92 -6.24 -31.81
C VAL B 112 39.29 -5.85 -30.41
N MET B 113 39.44 -4.57 -30.16
CA MET B 113 39.75 -4.09 -28.83
C MET B 113 38.70 -3.07 -28.36
N VAL B 114 37.84 -2.59 -29.28
CA VAL B 114 36.73 -1.69 -28.97
C VAL B 114 35.59 -2.43 -28.26
N MET B 115 34.72 -1.62 -27.65
CA MET B 115 33.51 -2.00 -26.93
C MET B 115 32.32 -1.71 -27.82
N LEU B 116 31.44 -2.69 -27.94
CA LEU B 116 30.25 -2.56 -28.74
C LEU B 116 29.04 -2.45 -27.83
N ILE B 117 28.13 -1.52 -28.15
CA ILE B 117 26.87 -1.30 -27.45
C ILE B 117 25.77 -2.03 -28.27
N PRO B 118 24.71 -2.66 -27.65
CA PRO B 118 23.64 -3.24 -28.47
C PRO B 118 23.06 -2.20 -29.43
N GLY B 119 22.84 -2.62 -30.68
CA GLY B 119 22.30 -1.79 -31.74
C GLY B 119 23.34 -1.08 -32.58
N GLN B 120 24.55 -0.89 -32.04
CA GLN B 120 25.70 -0.23 -32.68
C GLN B 120 26.28 -1.12 -33.79
N THR B 121 26.55 -0.53 -34.96
CA THR B 121 27.15 -1.15 -36.15
C THR B 121 28.68 -1.23 -35.97
N LEU B 122 29.26 -2.39 -36.23
CA LEU B 122 30.70 -2.61 -36.09
C LEU B 122 31.27 -3.04 -37.45
N PRO B 123 32.05 -2.17 -38.12
CA PRO B 123 32.63 -2.58 -39.41
C PRO B 123 33.97 -3.29 -39.16
N LEU B 124 34.22 -4.39 -39.89
CA LEU B 124 35.47 -5.12 -39.72
C LEU B 124 36.15 -5.38 -41.05
N GLN B 125 37.48 -5.39 -41.01
CA GLN B 125 38.30 -5.71 -42.17
C GLN B 125 39.34 -6.70 -41.65
N LEU B 126 39.05 -8.00 -41.82
CA LEU B 126 39.91 -9.08 -41.33
C LEU B 126 40.81 -9.67 -42.44
N PHE B 127 42.08 -9.93 -42.12
CA PHE B 127 43.10 -10.45 -43.05
C PHE B 127 44.04 -11.50 -42.42
N HIS B 128 43.95 -11.74 -41.10
CA HIS B 128 44.77 -12.77 -40.45
C HIS B 128 44.10 -14.12 -40.69
N PRO B 129 44.85 -15.13 -41.21
CA PRO B 129 44.22 -16.41 -41.56
C PRO B 129 43.29 -17.04 -40.54
N GLN B 130 43.61 -16.94 -39.25
CA GLN B 130 42.82 -17.53 -38.17
C GLN B 130 41.51 -16.79 -37.95
N GLU B 131 41.52 -15.43 -38.04
CA GLU B 131 40.33 -14.59 -37.90
C GLU B 131 39.44 -14.80 -39.13
N VAL B 132 40.06 -14.87 -40.33
CA VAL B 132 39.36 -15.13 -41.57
C VAL B 132 38.63 -16.49 -41.50
N SER B 133 39.34 -17.58 -41.15
CA SER B 133 38.70 -18.90 -41.05
C SER B 133 37.61 -18.95 -40.03
N MET B 134 37.82 -18.27 -38.89
CA MET B 134 36.86 -18.17 -37.82
C MET B 134 35.52 -17.65 -38.33
N VAL B 135 35.49 -16.43 -38.91
CA VAL B 135 34.26 -15.81 -39.42
C VAL B 135 33.68 -16.53 -40.61
N ARG B 136 34.55 -17.11 -41.44
CA ARG B 136 34.14 -17.87 -42.59
C ARG B 136 33.26 -19.06 -42.09
N ASN B 137 33.66 -19.68 -40.97
CA ASN B 137 32.93 -20.81 -40.37
C ASN B 137 31.69 -20.32 -39.60
N LEU B 138 31.75 -19.08 -39.13
CA LEU B 138 30.71 -18.40 -38.36
C LEU B 138 29.47 -18.11 -39.22
N ILE B 139 29.69 -17.78 -40.49
CA ILE B 139 28.69 -17.48 -41.50
C ILE B 139 27.81 -18.70 -41.77
N GLN B 140 28.44 -19.90 -41.69
CA GLN B 140 27.83 -21.21 -41.90
C GLN B 140 26.88 -21.59 -40.78
N LYS B 141 26.90 -20.85 -39.67
CA LYS B 141 26.03 -21.11 -38.54
C LYS B 141 25.42 -19.85 -37.96
N ASP B 142 25.61 -19.65 -36.63
CA ASP B 142 25.12 -18.60 -35.74
C ASP B 142 25.24 -17.17 -36.23
N ARG B 143 26.35 -16.82 -36.93
CA ARG B 143 26.71 -15.49 -37.43
C ARG B 143 27.00 -14.50 -36.32
N THR B 144 26.96 -14.97 -35.07
CA THR B 144 27.26 -14.12 -33.90
C THR B 144 28.63 -14.44 -33.28
N PHE B 145 29.30 -13.42 -32.79
CA PHE B 145 30.57 -13.48 -32.08
C PHE B 145 30.50 -12.54 -30.85
N ALA B 146 31.46 -12.63 -29.94
CA ALA B 146 31.43 -11.82 -28.74
C ALA B 146 32.44 -10.70 -28.80
N VAL B 147 32.05 -9.52 -28.33
CA VAL B 147 32.90 -8.34 -28.28
C VAL B 147 33.02 -8.03 -26.79
N LEU B 148 34.25 -8.05 -26.27
CA LEU B 148 34.53 -7.82 -24.85
C LEU B 148 34.80 -6.36 -24.48
N ALA B 149 34.24 -5.95 -23.34
CA ALA B 149 34.40 -4.63 -22.78
C ALA B 149 35.59 -4.74 -21.81
N TYR B 150 36.79 -4.47 -22.33
CA TYR B 150 38.03 -4.58 -21.59
C TYR B 150 38.17 -3.54 -20.46
N SER B 151 38.37 -4.06 -19.23
CA SER B 151 38.60 -3.32 -17.99
C SER B 151 40.07 -2.89 -17.97
N ASN B 152 40.95 -3.76 -18.51
CA ASN B 152 42.39 -3.57 -18.69
C ASN B 152 42.72 -4.14 -20.06
N VAL B 153 42.82 -3.26 -21.06
CA VAL B 153 43.07 -3.68 -22.44
C VAL B 153 44.45 -4.37 -22.58
N ARG B 154 45.48 -3.90 -21.84
CA ARG B 154 46.83 -4.47 -21.86
C ARG B 154 46.83 -5.90 -21.32
N GLU B 155 46.22 -6.12 -20.14
CA GLU B 155 46.18 -7.45 -19.56
C GLU B 155 44.97 -8.27 -20.07
N ARG B 156 44.26 -7.72 -21.09
CA ARG B 156 43.12 -8.32 -21.79
C ARG B 156 42.06 -8.89 -20.81
N GLU B 157 41.71 -8.07 -19.80
CA GLU B 157 40.73 -8.38 -18.76
C GLU B 157 39.37 -7.83 -19.12
N ALA B 158 38.34 -8.67 -19.12
CA ALA B 158 36.98 -8.26 -19.45
C ALA B 158 35.98 -9.12 -18.72
N HIS B 159 35.05 -8.47 -18.00
CA HIS B 159 34.00 -9.15 -17.24
C HIS B 159 32.64 -9.01 -17.93
N PHE B 160 32.56 -8.09 -18.91
CA PHE B 160 31.34 -7.79 -19.67
C PHE B 160 31.61 -7.71 -21.16
N GLY B 161 30.54 -7.82 -21.95
CA GLY B 161 30.61 -7.70 -23.39
C GLY B 161 29.27 -7.71 -24.10
N THR B 162 29.29 -7.61 -25.44
CA THR B 162 28.07 -7.64 -26.25
C THR B 162 28.28 -8.60 -27.40
N THR B 163 27.22 -9.32 -27.77
CA THR B 163 27.19 -10.22 -28.91
C THR B 163 27.05 -9.34 -30.15
N ALA B 164 27.67 -9.77 -31.25
CA ALA B 164 27.66 -9.07 -32.53
C ALA B 164 27.19 -10.05 -33.58
N GLU B 165 26.10 -9.74 -34.28
CA GLU B 165 25.54 -10.60 -35.33
C GLU B 165 25.92 -10.01 -36.69
N ILE B 166 26.60 -10.80 -37.56
CA ILE B 166 27.00 -10.34 -38.90
C ILE B 166 25.78 -10.11 -39.80
N TYR B 167 25.69 -8.92 -40.42
CA TYR B 167 24.55 -8.59 -41.28
C TYR B 167 24.96 -8.38 -42.74
N ALA B 168 26.20 -7.92 -42.98
CA ALA B 168 26.82 -7.73 -44.29
C ALA B 168 28.19 -8.42 -44.25
N TYR B 169 28.54 -9.13 -45.32
CA TYR B 169 29.73 -9.99 -45.42
C TYR B 169 30.32 -10.05 -46.85
N ARG B 170 31.65 -10.10 -47.00
CA ARG B 170 32.28 -10.20 -48.32
C ARG B 170 33.66 -10.81 -48.29
N GLU B 171 33.87 -11.84 -49.13
CA GLU B 171 35.16 -12.51 -49.23
C GLU B 171 35.93 -12.05 -50.48
N GLU B 172 37.21 -11.77 -50.32
CA GLU B 172 38.08 -11.38 -51.43
C GLU B 172 39.38 -12.11 -51.26
N GLN B 173 40.07 -12.26 -52.35
CA GLN B 173 41.36 -12.88 -52.38
C GLN B 173 42.20 -11.87 -53.13
N GLU B 174 43.31 -11.52 -52.56
CA GLU B 174 44.18 -10.50 -53.11
C GLU B 174 45.50 -10.59 -52.42
N TYR B 175 46.54 -10.12 -53.07
CA TYR B 175 47.91 -10.02 -52.53
C TYR B 175 48.43 -11.25 -51.82
N GLY B 176 47.99 -12.41 -52.28
CA GLY B 176 48.42 -13.69 -51.75
C GLY B 176 47.67 -14.15 -50.53
N ILE B 177 46.64 -13.40 -50.12
CA ILE B 177 45.86 -13.70 -48.90
C ILE B 177 44.37 -13.82 -49.13
N GLU B 178 43.71 -14.45 -48.17
CA GLU B 178 42.26 -14.60 -48.12
C GLU B 178 41.84 -13.57 -47.10
N THR B 179 40.97 -12.65 -47.53
CA THR B 179 40.51 -11.53 -46.74
C THR B 179 38.99 -11.43 -46.68
N VAL B 180 38.47 -10.90 -45.57
CA VAL B 180 37.03 -10.80 -45.39
C VAL B 180 36.65 -9.47 -44.73
N LYS B 181 35.53 -8.91 -45.18
CA LYS B 181 34.98 -7.65 -44.70
C LYS B 181 33.59 -7.92 -44.17
N VAL B 182 33.29 -7.45 -42.97
CA VAL B 182 31.98 -7.66 -42.36
C VAL B 182 31.40 -6.37 -41.79
N LYS B 183 30.07 -6.36 -41.62
CA LYS B 183 29.30 -5.32 -40.97
C LYS B 183 28.44 -6.08 -39.99
N ALA B 184 28.66 -5.84 -38.71
CA ALA B 184 27.94 -6.55 -37.66
C ALA B 184 27.20 -5.57 -36.78
N ILE B 185 26.27 -6.07 -35.97
CA ILE B 185 25.47 -5.21 -35.09
C ILE B 185 25.34 -5.81 -33.70
N GLY B 186 25.48 -4.96 -32.70
CA GLY B 186 25.33 -5.33 -31.29
C GLY B 186 23.93 -5.82 -31.01
N ARG B 187 23.84 -6.91 -30.28
CA ARG B 187 22.56 -7.51 -30.00
C ARG B 187 22.29 -7.59 -28.50
N GLN B 188 22.95 -8.51 -27.83
CA GLN B 188 22.75 -8.85 -26.43
C GLN B 188 24.00 -8.66 -25.57
N ARG B 189 23.84 -7.98 -24.41
CA ARG B 189 24.92 -7.78 -23.44
C ARG B 189 25.10 -9.10 -22.70
N PHE B 190 26.31 -9.34 -22.19
CA PHE B 190 26.57 -10.57 -21.46
C PHE B 190 27.56 -10.35 -20.32
N LYS B 191 27.65 -11.36 -19.46
CA LYS B 191 28.52 -11.46 -18.30
C LYS B 191 29.53 -12.59 -18.62
N VAL B 192 30.84 -12.31 -18.55
CA VAL B 192 31.90 -13.29 -18.82
C VAL B 192 31.98 -14.28 -17.66
N LEU B 193 32.04 -15.58 -17.99
CA LEU B 193 32.14 -16.62 -16.98
C LEU B 193 33.57 -17.18 -16.93
N GLU B 194 34.16 -17.40 -18.10
CA GLU B 194 35.53 -17.90 -18.29
C GLU B 194 35.96 -17.66 -19.74
N ILE B 195 37.24 -17.26 -19.96
CA ILE B 195 37.75 -17.08 -21.33
C ILE B 195 38.76 -18.20 -21.65
N ARG B 196 38.28 -19.26 -22.30
CA ARG B 196 39.12 -20.38 -22.73
C ARG B 196 39.79 -19.97 -24.05
N THR B 197 40.97 -20.52 -24.35
CA THR B 197 41.72 -20.17 -25.55
C THR B 197 41.97 -21.40 -26.46
N GLN B 198 41.96 -21.16 -27.78
CA GLN B 198 42.19 -22.19 -28.81
C GLN B 198 43.60 -22.08 -29.38
N SER B 199 44.07 -23.22 -29.93
CA SER B 199 45.39 -23.41 -30.55
C SER B 199 45.70 -22.40 -31.66
N ASP B 200 44.71 -22.10 -32.54
CA ASP B 200 44.84 -21.14 -33.64
C ASP B 200 44.98 -19.67 -33.19
N GLY B 201 44.79 -19.42 -31.90
CA GLY B 201 44.90 -18.10 -31.29
C GLY B 201 43.59 -17.45 -30.91
N ILE B 202 42.49 -17.78 -31.62
CA ILE B 202 41.18 -17.16 -31.35
C ILE B 202 40.56 -17.79 -30.07
N GLN B 203 40.01 -16.93 -29.20
CA GLN B 203 39.41 -17.33 -27.93
C GLN B 203 37.93 -17.65 -28.00
N GLN B 204 37.43 -18.27 -26.94
CA GLN B 204 36.03 -18.66 -26.78
C GLN B 204 35.58 -18.16 -25.42
N ALA B 205 34.34 -17.67 -25.33
CA ALA B 205 33.90 -17.17 -24.06
C ALA B 205 32.61 -17.80 -23.58
N LYS B 206 32.67 -18.44 -22.39
CA LYS B 206 31.49 -19.00 -21.71
C LYS B 206 30.92 -17.75 -21.08
N VAL B 207 29.75 -17.35 -21.57
CA VAL B 207 29.11 -16.11 -21.15
C VAL B 207 27.69 -16.35 -20.74
N GLN B 208 27.12 -15.43 -19.95
CA GLN B 208 25.73 -15.51 -19.51
C GLN B 208 25.01 -14.28 -20.02
N ILE B 209 23.93 -14.47 -20.82
CA ILE B 209 23.16 -13.36 -21.38
C ILE B 209 22.48 -12.56 -20.27
N LEU B 210 22.67 -11.23 -20.29
CA LEU B 210 22.05 -10.35 -19.33
C LEU B 210 20.69 -9.91 -19.88
N PRO B 211 19.58 -10.10 -19.13
CA PRO B 211 18.27 -9.66 -19.62
C PRO B 211 18.10 -8.15 -19.57
N GLU B 212 17.42 -7.59 -20.58
CA GLU B 212 17.10 -6.17 -20.61
C GLU B 212 15.92 -6.04 -19.67
N ARG B 213 16.06 -5.22 -18.60
CA ARG B 213 15.01 -5.12 -17.59
C ARG B 213 14.05 -3.95 -17.89
N VAL B 214 12.81 -4.33 -18.22
CA VAL B 214 11.74 -3.40 -18.55
C VAL B 214 10.81 -3.29 -17.35
N LEU B 215 10.53 -2.05 -16.94
CA LEU B 215 9.66 -1.81 -15.80
C LEU B 215 8.39 -1.10 -16.23
N PRO B 216 7.25 -1.27 -15.53
CA PRO B 216 6.03 -0.56 -15.93
C PRO B 216 6.05 0.89 -15.46
N SER B 217 4.95 1.66 -15.66
CA SER B 217 4.84 3.03 -15.17
C SER B 217 5.04 3.01 -13.67
N THR B 218 5.63 4.07 -13.11
CA THR B 218 5.83 4.21 -11.66
C THR B 218 4.46 4.08 -10.95
N MET B 219 3.42 4.65 -11.59
CA MET B 219 2.03 4.73 -11.16
C MET B 219 1.19 3.50 -11.41
N SER B 220 1.61 2.59 -12.31
CA SER B 220 0.89 1.35 -12.66
C SER B 220 0.31 0.60 -11.43
N ALA B 221 1.16 0.33 -10.43
CA ALA B 221 0.82 -0.36 -9.18
C ALA B 221 -0.16 0.45 -8.29
N VAL B 222 0.15 1.74 -8.05
CA VAL B 222 -0.67 2.58 -7.19
C VAL B 222 -2.08 2.87 -7.80
N GLN B 223 -2.24 2.86 -9.15
CA GLN B 223 -3.56 3.11 -9.75
C GLN B 223 -4.23 1.82 -10.36
N LEU B 224 -5.16 1.27 -9.59
CA LEU B 224 -6.07 0.16 -9.91
C LEU B 224 -7.44 0.76 -9.48
N GLN B 225 -7.81 1.87 -10.19
CA GLN B 225 -8.98 2.71 -9.91
C GLN B 225 -9.64 3.38 -11.16
N SER B 226 -10.61 4.28 -10.89
CA SER B 226 -11.41 5.06 -11.84
C SER B 226 -10.61 6.17 -12.56
N LEU B 227 -9.51 6.61 -11.94
CA LEU B 227 -8.64 7.67 -12.46
C LEU B 227 -7.62 7.16 -13.49
N SER B 228 -7.61 5.83 -13.73
CA SER B 228 -6.72 5.10 -14.65
C SER B 228 -6.84 5.53 -16.10
N ARG B 229 -8.09 5.73 -16.56
CA ARG B 229 -8.42 6.13 -17.93
C ARG B 229 -8.21 7.64 -18.16
N ARG B 230 -6.94 8.07 -18.04
CA ARG B 230 -6.45 9.42 -18.25
C ARG B 230 -5.16 9.22 -19.03
N HIS B 231 -5.28 9.17 -20.36
CA HIS B 231 -4.19 8.92 -21.29
C HIS B 231 -3.26 10.12 -21.43
N ILE B 232 -2.07 9.87 -21.99
CA ILE B 232 -1.01 10.84 -22.26
C ILE B 232 -1.46 11.92 -23.27
N ARG B 244 7.59 25.34 -29.23
CA ARG B 244 6.78 26.23 -28.39
C ARG B 244 5.28 25.88 -28.42
N ALA B 245 4.56 26.24 -27.32
CA ALA B 245 3.15 26.04 -26.97
C ALA B 245 2.89 24.71 -26.24
N PHE B 246 3.58 23.63 -26.65
CA PHE B 246 3.49 22.30 -26.06
C PHE B 246 4.42 22.14 -24.81
N ARG B 247 4.85 23.27 -24.21
CA ARG B 247 5.65 23.30 -22.98
C ARG B 247 4.69 22.94 -21.84
N GLN B 248 3.45 23.50 -21.92
CA GLN B 248 2.36 23.31 -20.96
C GLN B 248 1.82 21.89 -21.03
N TRP B 249 1.96 21.24 -22.20
CA TRP B 249 1.55 19.85 -22.43
C TRP B 249 2.33 18.96 -21.47
N TRP B 250 3.65 19.19 -21.37
CA TRP B 250 4.53 18.42 -20.51
C TRP B 250 4.25 18.60 -19.02
N GLN B 251 3.70 19.77 -18.62
CA GLN B 251 3.31 20.02 -17.24
C GLN B 251 1.97 19.31 -16.98
N LYS B 252 1.00 19.43 -17.93
CA LYS B 252 -0.30 18.77 -17.86
C LYS B 252 -0.10 17.24 -17.82
N TYR B 253 0.91 16.75 -18.57
CA TYR B 253 1.34 15.36 -18.63
C TYR B 253 1.79 14.89 -17.23
N GLN B 254 2.68 15.67 -16.57
CA GLN B 254 3.17 15.35 -15.22
C GLN B 254 2.01 15.37 -14.24
N LYS B 255 1.19 16.42 -14.31
CA LYS B 255 0.05 16.61 -13.43
C LYS B 255 -0.91 15.42 -13.54
N ARG B 256 -1.19 14.98 -14.77
CA ARG B 256 -2.12 13.89 -15.06
C ARG B 256 -1.54 12.50 -14.76
N LYS B 257 -0.42 12.13 -15.41
CA LYS B 257 0.20 10.81 -15.27
C LYS B 257 0.50 10.44 -13.81
N PHE B 258 1.09 11.37 -13.05
CA PHE B 258 1.54 11.15 -11.68
C PHE B 258 0.60 11.73 -10.63
N HIS B 259 -0.68 11.91 -10.97
CA HIS B 259 -1.67 12.43 -10.03
C HIS B 259 -1.74 11.58 -8.78
N CYS B 260 -1.70 10.25 -8.95
CA CYS B 260 -1.77 9.30 -7.87
C CYS B 260 -0.52 9.23 -6.96
N ALA B 261 0.45 10.15 -7.16
CA ALA B 261 1.64 10.29 -6.31
C ALA B 261 1.14 10.80 -4.96
N SER B 262 -0.09 11.37 -4.96
CA SER B 262 -0.74 11.93 -3.79
C SER B 262 -1.11 10.82 -2.81
N LEU B 263 -1.20 9.57 -3.32
CA LEU B 263 -1.51 8.36 -2.57
C LEU B 263 -0.26 7.84 -1.94
N THR B 264 0.90 8.28 -2.45
CA THR B 264 2.21 7.84 -2.01
C THR B 264 2.93 8.89 -1.15
N SER B 265 4.22 8.63 -0.84
CA SER B 265 5.09 9.47 -0.02
C SER B 265 6.08 10.30 -0.88
N TRP B 266 5.84 10.34 -2.21
CA TRP B 266 6.67 11.09 -3.15
C TRP B 266 5.86 12.03 -4.08
N PRO B 267 6.44 13.20 -4.47
CA PRO B 267 5.71 14.12 -5.35
C PRO B 267 5.80 13.79 -6.84
N PRO B 268 4.82 14.29 -7.65
CA PRO B 268 4.82 13.97 -9.10
C PRO B 268 6.11 14.33 -9.83
N TRP B 269 6.81 15.38 -9.37
CA TRP B 269 8.06 15.82 -9.96
C TRP B 269 9.18 14.86 -9.70
N LEU B 270 9.07 14.02 -8.63
CA LEU B 270 10.07 13.02 -8.34
C LEU B 270 9.89 11.84 -9.31
N TYR B 271 8.64 11.38 -9.49
CA TYR B 271 8.28 10.29 -10.39
C TYR B 271 8.71 10.53 -11.82
N SER B 272 8.69 11.82 -12.27
CA SER B 272 9.13 12.24 -13.62
C SER B 272 10.60 11.90 -13.82
N LEU B 273 11.43 11.95 -12.74
CA LEU B 273 12.85 11.64 -12.80
C LEU B 273 13.07 10.17 -13.11
N TYR B 274 11.98 9.36 -13.05
CA TYR B 274 12.04 7.95 -13.38
C TYR B 274 11.09 7.58 -14.52
N ASP B 275 10.49 8.58 -15.19
CA ASP B 275 9.58 8.34 -16.31
C ASP B 275 10.37 8.17 -17.56
N ALA B 276 10.17 7.06 -18.29
CA ALA B 276 10.90 6.85 -19.53
C ALA B 276 10.59 7.95 -20.55
N GLU B 277 9.29 8.25 -20.81
CA GLU B 277 8.91 9.30 -21.77
C GLU B 277 9.55 10.64 -21.47
N THR B 278 9.57 11.03 -20.20
CA THR B 278 10.14 12.29 -19.70
C THR B 278 11.66 12.35 -19.97
N LEU B 279 12.40 11.37 -19.45
CA LEU B 279 13.85 11.24 -19.56
C LEU B 279 14.28 11.23 -21.03
N MET B 280 13.45 10.65 -21.93
CA MET B 280 13.71 10.62 -23.36
C MET B 280 13.62 12.01 -23.92
N GLU B 281 12.56 12.76 -23.56
CA GLU B 281 12.46 14.12 -24.03
C GLU B 281 13.60 15.00 -23.55
N ARG B 282 14.13 14.75 -22.32
CA ARG B 282 15.25 15.49 -21.74
C ARG B 282 16.54 15.25 -22.54
N VAL B 283 16.69 14.02 -23.09
CA VAL B 283 17.82 13.59 -23.92
C VAL B 283 17.61 14.19 -25.32
N LYS B 284 16.42 13.95 -25.98
CA LYS B 284 16.04 14.49 -27.30
C LYS B 284 16.32 15.99 -27.40
N ARG B 285 16.27 16.69 -26.24
CA ARG B 285 16.55 18.11 -26.10
C ARG B 285 18.01 18.41 -26.54
N GLN B 286 18.99 17.53 -26.18
CA GLN B 286 20.39 17.67 -26.60
C GLN B 286 20.66 17.04 -27.98
N LEU B 287 19.91 16.00 -28.36
CA LEU B 287 20.04 15.32 -29.66
C LEU B 287 19.65 16.23 -30.85
N HIS B 288 18.80 17.25 -30.59
CA HIS B 288 18.39 18.26 -31.57
C HIS B 288 19.41 19.44 -31.60
N GLU B 289 20.22 19.59 -30.53
CA GLU B 289 21.32 20.56 -30.43
C GLU B 289 22.54 20.09 -31.28
N TRP B 290 22.60 18.79 -31.61
CA TRP B 290 23.66 18.17 -32.42
C TRP B 290 23.16 17.90 -33.84
N ASP B 291 21.88 17.49 -33.97
CA ASP B 291 21.26 17.24 -35.25
C ASP B 291 20.14 18.26 -35.47
N GLU B 292 20.53 19.38 -36.08
CA GLU B 292 19.72 20.55 -36.40
C GLU B 292 18.64 20.21 -37.43
N ASN B 293 18.98 19.31 -38.39
CA ASN B 293 18.10 18.80 -39.44
C ASN B 293 17.48 17.41 -39.09
N LEU B 294 17.34 17.09 -37.77
CA LEU B 294 16.76 15.82 -37.31
C LEU B 294 15.25 15.79 -37.42
N LYS B 295 14.73 14.69 -38.00
CA LYS B 295 13.32 14.35 -38.13
C LYS B 295 13.07 13.24 -37.09
N ASP B 296 12.06 13.42 -36.22
CA ASP B 296 11.74 12.49 -35.14
C ASP B 296 11.39 11.06 -35.59
N GLU B 297 11.09 10.88 -36.88
CA GLU B 297 10.75 9.60 -37.54
C GLU B 297 11.94 8.63 -37.47
N SER B 298 13.18 9.17 -37.61
CA SER B 298 14.45 8.42 -37.59
C SER B 298 14.73 7.82 -36.21
N LEU B 299 14.49 8.62 -35.14
CA LEU B 299 14.69 8.26 -33.74
C LEU B 299 13.82 7.10 -33.27
N PRO B 300 14.36 6.21 -32.41
CA PRO B 300 13.54 5.10 -31.92
C PRO B 300 12.56 5.56 -30.86
N THR B 301 11.32 5.09 -30.96
CA THR B 301 10.25 5.39 -30.01
C THR B 301 10.54 4.63 -28.72
N ASN B 302 11.02 3.36 -28.85
CA ASN B 302 11.35 2.45 -27.76
C ASN B 302 12.48 3.00 -26.89
N PRO B 303 12.27 3.08 -25.54
CA PRO B 303 13.34 3.60 -24.66
C PRO B 303 14.56 2.69 -24.56
N ILE B 304 14.39 1.36 -24.79
CA ILE B 304 15.48 0.39 -24.77
C ILE B 304 16.47 0.77 -25.89
N ASP B 305 15.99 0.83 -27.16
CA ASP B 305 16.78 1.19 -28.35
C ASP B 305 17.37 2.61 -28.19
N PHE B 306 16.50 3.55 -27.81
CA PHE B 306 16.88 4.94 -27.61
C PHE B 306 18.00 5.09 -26.57
N SER B 307 17.92 4.39 -25.41
CA SER B 307 18.96 4.53 -24.39
C SER B 307 20.31 4.10 -24.95
N TYR B 308 20.33 2.97 -25.70
CA TYR B 308 21.53 2.41 -26.33
C TYR B 308 22.14 3.25 -27.43
N ARG B 309 21.30 3.73 -28.38
CA ARG B 309 21.71 4.61 -29.49
C ARG B 309 22.50 5.76 -28.92
N VAL B 310 21.92 6.41 -27.92
CA VAL B 310 22.50 7.55 -27.22
C VAL B 310 23.82 7.20 -26.52
N ALA B 311 23.96 5.97 -25.99
CA ALA B 311 25.17 5.56 -25.27
C ALA B 311 26.36 5.48 -26.23
N ALA B 312 26.07 4.91 -27.41
CA ALA B 312 27.02 4.69 -28.49
C ALA B 312 27.59 5.97 -29.13
N CYS B 313 26.94 7.14 -28.93
CA CYS B 313 27.41 8.40 -29.50
C CYS B 313 27.90 9.40 -28.43
N LEU B 314 28.11 8.93 -27.20
CA LEU B 314 28.66 9.78 -26.13
C LEU B 314 30.18 9.65 -26.04
N PRO B 315 30.92 10.76 -26.32
CA PRO B 315 32.40 10.71 -26.24
C PRO B 315 32.93 10.62 -24.81
N ILE B 316 32.82 9.42 -24.20
CA ILE B 316 33.25 9.19 -22.82
C ILE B 316 34.35 8.13 -22.74
N ASP B 317 35.10 8.13 -21.62
CA ASP B 317 36.19 7.17 -21.37
C ASP B 317 35.70 5.75 -21.18
N ASP B 318 36.61 4.78 -21.25
CA ASP B 318 36.25 3.36 -21.16
C ASP B 318 35.64 2.99 -19.84
N ALA B 319 36.17 3.53 -18.73
CA ALA B 319 35.66 3.26 -17.37
C ALA B 319 34.17 3.60 -17.25
N LEU B 320 33.78 4.73 -17.84
CA LEU B 320 32.42 5.23 -17.83
C LEU B 320 31.50 4.44 -18.78
N ARG B 321 32.01 4.05 -19.96
CA ARG B 321 31.29 3.25 -20.96
C ARG B 321 30.94 1.88 -20.41
N ILE B 322 31.89 1.23 -19.70
CA ILE B 322 31.65 -0.09 -19.09
C ILE B 322 30.51 0.03 -18.07
N GLN B 323 30.52 1.10 -17.23
CA GLN B 323 29.50 1.37 -16.23
C GLN B 323 28.12 1.49 -16.85
N LEU B 324 28.04 2.10 -18.03
CA LEU B 324 26.81 2.22 -18.83
C LEU B 324 26.39 0.83 -19.40
N LEU B 325 27.37 -0.03 -19.71
CA LEU B 325 27.09 -1.36 -20.27
C LEU B 325 26.52 -2.32 -19.20
N LYS B 326 26.90 -2.09 -17.92
CA LYS B 326 26.43 -2.89 -16.79
C LYS B 326 24.90 -2.63 -16.58
N ILE B 327 24.46 -1.36 -16.81
CA ILE B 327 23.08 -0.91 -16.64
C ILE B 327 22.11 -1.84 -17.37
N GLY B 328 21.13 -2.35 -16.63
CA GLY B 328 20.11 -3.25 -17.16
C GLY B 328 18.82 -2.56 -17.56
N SER B 329 18.47 -1.44 -16.88
CA SER B 329 17.25 -0.69 -17.19
C SER B 329 17.53 0.49 -18.11
N ALA B 330 16.58 0.74 -19.03
CA ALA B 330 16.61 1.89 -19.93
C ALA B 330 16.49 3.19 -19.12
N ILE B 331 15.72 3.17 -18.01
CA ILE B 331 15.52 4.30 -17.10
C ILE B 331 16.87 4.68 -16.47
N GLN B 332 17.52 3.71 -15.78
CA GLN B 332 18.82 3.89 -15.11
C GLN B 332 19.81 4.40 -16.11
N ARG B 333 19.72 3.89 -17.37
CA ARG B 333 20.61 4.28 -18.45
C ARG B 333 20.42 5.74 -18.86
N LEU B 334 19.18 6.18 -19.18
CA LEU B 334 18.87 7.55 -19.56
C LEU B 334 19.27 8.51 -18.46
N ARG B 335 19.00 8.13 -17.20
CA ARG B 335 19.36 8.96 -16.05
C ARG B 335 20.89 9.13 -15.98
N CYS B 336 21.65 8.02 -16.23
CA CYS B 336 23.11 8.02 -16.24
C CYS B 336 23.58 8.90 -17.39
N GLU B 337 23.02 8.71 -18.59
CA GLU B 337 23.33 9.47 -19.81
C GLU B 337 23.07 10.94 -19.70
N LEU B 338 21.98 11.35 -19.02
CA LEU B 338 21.68 12.76 -18.80
C LEU B 338 22.71 13.35 -17.87
N ASP B 339 23.08 12.60 -16.82
CA ASP B 339 24.10 13.02 -15.84
C ASP B 339 25.41 13.32 -16.56
N ILE B 340 25.86 12.38 -17.42
CA ILE B 340 27.05 12.52 -18.25
C ILE B 340 26.88 13.76 -19.13
N MET B 341 25.77 13.84 -19.91
CA MET B 341 25.48 14.95 -20.81
C MET B 341 25.58 16.31 -20.18
N ASN B 342 25.18 16.44 -18.91
CA ASN B 342 25.21 17.72 -18.20
C ASN B 342 26.60 18.08 -17.71
N LYS B 343 27.33 17.09 -17.14
CA LYS B 343 28.71 17.28 -16.64
C LYS B 343 29.72 17.49 -17.76
N CYS B 344 29.46 16.89 -18.97
CA CYS B 344 30.24 16.97 -20.23
C CYS B 344 30.34 18.48 -20.55
N THR B 345 31.57 18.99 -20.61
CA THR B 345 31.82 20.42 -20.92
C THR B 345 32.95 20.52 -21.97
N SER B 346 34.18 20.13 -21.57
CA SER B 346 35.37 20.21 -22.40
C SER B 346 36.06 18.87 -22.63
N LEU B 347 36.51 18.65 -23.87
CA LEU B 347 37.21 17.45 -24.28
C LEU B 347 38.67 17.76 -24.54
N CYS B 348 39.53 17.09 -23.76
CA CYS B 348 40.97 17.28 -23.73
C CYS B 348 41.75 16.19 -24.34
N CYS B 349 43.06 16.40 -24.43
CA CYS B 349 44.01 15.44 -24.91
C CYS B 349 44.25 14.49 -23.75
N LYS B 350 43.91 13.19 -23.90
CA LYS B 350 44.10 12.17 -22.84
C LYS B 350 45.53 12.13 -22.35
N GLN B 351 46.49 12.42 -23.25
CA GLN B 351 47.91 12.39 -22.96
C GLN B 351 48.38 13.59 -22.16
N CYS B 352 47.92 14.81 -22.52
CA CYS B 352 48.31 16.04 -21.83
C CYS B 352 47.52 16.16 -20.57
N GLN B 353 46.24 15.78 -20.68
CA GLN B 353 45.17 15.87 -19.71
C GLN B 353 44.64 17.30 -19.64
N ASP B 354 45.53 18.33 -19.72
CA ASP B 354 45.17 19.75 -19.60
C ASP B 354 44.98 20.49 -20.93
N THR B 355 45.53 19.97 -22.05
CA THR B 355 45.34 20.63 -23.35
C THR B 355 43.89 20.41 -23.79
N GLU B 356 43.06 21.50 -23.87
CA GLU B 356 41.68 21.42 -24.35
C GLU B 356 41.67 21.41 -25.89
N ILE B 357 41.01 20.42 -26.49
CA ILE B 357 40.93 20.22 -27.94
C ILE B 357 39.58 20.67 -28.48
N THR B 358 38.48 20.36 -27.79
CA THR B 358 37.13 20.78 -28.24
C THR B 358 36.16 20.79 -27.07
N THR B 359 34.98 21.27 -27.32
CA THR B 359 33.94 21.40 -26.32
C THR B 359 32.67 20.64 -26.76
N LYS B 360 31.70 20.49 -25.85
CA LYS B 360 30.41 19.83 -26.09
C LYS B 360 29.61 20.60 -27.16
N ASN B 361 29.78 21.93 -27.20
CA ASN B 361 29.08 22.80 -28.14
C ASN B 361 29.51 22.63 -29.58
N GLU B 362 30.67 22.01 -29.84
CA GLU B 362 31.16 21.84 -31.22
C GLU B 362 30.72 20.52 -31.83
N ILE B 363 30.24 19.59 -30.99
CA ILE B 363 29.74 18.26 -31.34
C ILE B 363 28.49 18.41 -32.22
N PHE B 364 28.43 17.63 -33.31
CA PHE B 364 27.30 17.63 -34.23
C PHE B 364 27.17 16.27 -34.92
N SER B 365 25.93 15.82 -35.17
CA SER B 365 25.68 14.53 -35.79
C SER B 365 25.78 14.58 -37.32
N LEU B 366 26.95 14.22 -37.88
CA LEU B 366 27.16 14.18 -39.32
C LEU B 366 26.63 12.86 -39.92
N SER B 367 26.27 11.92 -39.05
CA SER B 367 25.71 10.60 -39.36
C SER B 367 24.38 10.47 -38.61
N LEU B 368 23.51 9.57 -39.05
CA LEU B 368 22.23 9.32 -38.36
C LEU B 368 22.45 8.59 -37.03
N CYS B 369 23.57 7.83 -36.93
CA CYS B 369 24.00 7.08 -35.75
C CYS B 369 24.24 7.95 -34.53
N GLY B 370 24.43 9.25 -34.79
CA GLY B 370 24.74 10.27 -33.81
C GLY B 370 26.07 10.93 -34.14
N PRO B 371 26.60 11.77 -33.23
CA PRO B 371 27.89 12.41 -33.49
C PRO B 371 29.09 11.46 -33.54
N MET B 372 29.03 10.31 -32.87
CA MET B 372 30.12 9.33 -32.86
C MET B 372 29.72 7.95 -33.41
N ALA B 373 30.66 7.29 -34.11
CA ALA B 373 30.50 5.95 -34.72
C ALA B 373 31.83 5.21 -34.90
N ALA B 374 31.78 3.87 -34.96
CA ALA B 374 32.96 3.05 -35.19
C ALA B 374 33.19 2.91 -36.69
N TYR B 375 34.41 3.21 -37.16
CA TYR B 375 34.84 3.06 -38.54
C TYR B 375 36.17 2.27 -38.58
N VAL B 376 36.48 1.55 -39.71
CA VAL B 376 37.71 0.75 -39.87
C VAL B 376 38.65 1.37 -40.84
N ASN B 377 39.93 1.35 -40.49
CA ASN B 377 40.96 1.81 -41.41
C ASN B 377 41.38 0.64 -42.35
N PRO B 378 42.31 0.81 -43.34
CA PRO B 378 42.61 -0.31 -44.24
C PRO B 378 43.34 -1.49 -43.60
N HIS B 379 43.70 -1.37 -42.29
CA HIS B 379 44.41 -2.42 -41.56
C HIS B 379 43.56 -3.00 -40.45
N GLY B 380 42.25 -2.81 -40.56
CA GLY B 380 41.28 -3.37 -39.63
C GLY B 380 41.16 -2.70 -38.27
N TYR B 381 41.95 -1.63 -38.03
CA TYR B 381 41.89 -0.91 -36.77
C TYR B 381 40.66 -0.03 -36.72
N ILE B 382 39.85 -0.25 -35.67
CA ILE B 382 38.59 0.42 -35.42
C ILE B 382 38.82 1.66 -34.60
N HIS B 383 38.41 2.81 -35.18
CA HIS B 383 38.51 4.13 -34.58
C HIS B 383 37.09 4.65 -34.39
N GLU B 384 36.64 4.81 -33.13
CA GLU B 384 35.33 5.42 -32.88
C GLU B 384 35.59 6.92 -32.97
N THR B 385 35.08 7.56 -34.05
CA THR B 385 35.30 8.98 -34.32
C THR B 385 34.06 9.84 -34.09
N LEU B 386 34.30 10.99 -33.41
CA LEU B 386 33.35 12.05 -33.04
C LEU B 386 33.53 13.23 -33.97
N THR B 387 32.43 13.67 -34.57
CA THR B 387 32.40 14.79 -35.51
C THR B 387 32.15 16.12 -34.77
N VAL B 388 33.09 17.09 -34.90
CA VAL B 388 33.02 18.41 -34.29
C VAL B 388 33.30 19.50 -35.33
N TYR B 389 32.62 20.66 -35.22
CA TYR B 389 32.79 21.76 -36.18
C TYR B 389 34.11 22.51 -36.03
N LYS B 390 34.54 22.73 -34.78
CA LYS B 390 35.78 23.43 -34.47
C LYS B 390 36.54 22.69 -33.37
N ALA B 391 37.85 22.52 -33.59
CA ALA B 391 38.79 21.86 -32.67
C ALA B 391 39.87 22.88 -32.38
N CYS B 392 40.80 22.64 -31.43
CA CYS B 392 41.68 23.72 -31.12
C CYS B 392 43.15 23.42 -31.16
N ASN B 393 43.74 22.78 -30.15
CA ASN B 393 45.21 22.70 -30.22
C ASN B 393 45.68 21.63 -31.15
N LEU B 394 45.15 21.62 -32.38
CA LEU B 394 45.51 20.64 -33.38
C LEU B 394 46.46 21.18 -34.39
N ASN B 395 47.35 20.29 -34.85
CA ASN B 395 48.35 20.51 -35.86
C ASN B 395 48.12 19.40 -36.85
N LEU B 396 48.22 19.72 -38.15
CA LEU B 396 48.00 18.77 -39.23
C LEU B 396 49.35 18.44 -39.82
N SER B 397 49.43 17.28 -40.50
CA SER B 397 50.62 16.82 -41.19
C SER B 397 50.24 16.09 -42.47
N GLY B 398 51.01 16.35 -43.51
CA GLY B 398 50.76 15.76 -44.82
C GLY B 398 49.63 16.48 -45.54
N ARG B 399 49.37 16.08 -46.79
CA ARG B 399 48.37 16.72 -47.60
C ARG B 399 47.05 15.95 -47.56
N PRO B 400 45.84 16.56 -47.78
CA PRO B 400 44.60 15.75 -47.71
C PRO B 400 44.58 14.56 -48.67
N SER B 401 43.82 13.53 -48.27
CA SER B 401 43.63 12.29 -49.02
C SER B 401 42.17 11.89 -48.98
N THR B 402 41.68 11.25 -50.05
CA THR B 402 40.29 10.79 -50.14
C THR B 402 40.26 9.30 -50.06
N GLU B 403 41.45 8.71 -50.07
CA GLU B 403 41.66 7.27 -50.01
C GLU B 403 41.09 6.67 -48.71
N HIS B 404 40.04 5.85 -48.86
CA HIS B 404 39.35 5.12 -47.79
C HIS B 404 38.63 6.05 -46.84
N SER B 405 38.15 7.22 -47.35
CA SER B 405 37.44 8.17 -46.48
C SER B 405 36.15 7.61 -45.94
N TRP B 406 35.90 7.89 -44.66
CA TRP B 406 34.69 7.43 -43.98
C TRP B 406 33.49 8.33 -44.26
N PHE B 407 33.70 9.56 -44.78
CA PHE B 407 32.66 10.54 -45.12
C PHE B 407 32.84 10.89 -46.58
N PRO B 408 32.04 10.25 -47.48
CA PRO B 408 32.23 10.47 -48.91
C PRO B 408 31.98 11.91 -49.33
N GLY B 409 32.98 12.49 -49.98
CA GLY B 409 32.92 13.87 -50.42
C GLY B 409 33.91 14.69 -49.63
N TYR B 410 34.47 14.10 -48.55
CA TYR B 410 35.46 14.72 -47.68
C TYR B 410 36.81 14.06 -47.79
N ALA B 411 37.86 14.88 -47.65
CA ALA B 411 39.24 14.44 -47.65
C ALA B 411 39.79 14.60 -46.26
N TRP B 412 40.53 13.60 -45.81
CA TRP B 412 41.13 13.59 -44.47
C TRP B 412 42.62 13.94 -44.48
N THR B 413 43.07 14.54 -43.37
CA THR B 413 44.44 14.92 -43.14
C THR B 413 44.72 14.69 -41.63
N ILE B 414 45.79 13.95 -41.29
CA ILE B 414 46.16 13.63 -39.91
C ILE B 414 46.28 14.88 -39.04
N ALA B 415 45.61 14.85 -37.86
CA ALA B 415 45.60 15.89 -36.82
C ALA B 415 46.18 15.32 -35.54
N GLN B 416 47.05 16.09 -34.90
CA GLN B 416 47.71 15.69 -33.67
C GLN B 416 47.70 16.83 -32.68
N CYS B 417 47.81 16.51 -31.38
CA CYS B 417 47.91 17.46 -30.31
C CYS B 417 49.16 18.33 -30.51
N ARG B 418 48.99 19.68 -30.50
CA ARG B 418 50.06 20.67 -30.68
C ARG B 418 51.11 20.49 -29.62
N ILE B 419 50.68 20.16 -28.40
CA ILE B 419 51.59 20.02 -27.28
C ILE B 419 52.40 18.72 -27.31
N CYS B 420 51.74 17.55 -27.22
CA CYS B 420 52.42 16.26 -27.09
C CYS B 420 52.54 15.47 -28.37
N GLY B 421 51.86 15.89 -29.42
CA GLY B 421 51.89 15.18 -30.69
C GLY B 421 50.99 13.96 -30.81
N ASN B 422 50.10 13.78 -29.83
CA ASN B 422 49.17 12.66 -29.78
C ASN B 422 48.26 12.67 -31.00
N HIS B 423 48.05 11.50 -31.68
CA HIS B 423 47.14 11.45 -32.82
C HIS B 423 45.70 11.58 -32.32
N MET B 424 45.08 12.71 -32.67
CA MET B 424 43.75 13.06 -32.20
C MET B 424 42.65 12.67 -33.16
N GLY B 425 43.01 12.49 -34.39
CA GLY B 425 42.06 12.15 -35.42
C GLY B 425 42.45 12.79 -36.71
N TRP B 426 41.47 13.38 -37.39
CA TRP B 426 41.65 14.00 -38.69
C TRP B 426 40.82 15.25 -38.87
N LYS B 427 41.22 16.06 -39.87
CA LYS B 427 40.48 17.23 -40.29
C LYS B 427 39.89 16.80 -41.61
N PHE B 428 38.57 16.90 -41.70
CA PHE B 428 37.90 16.58 -42.94
C PHE B 428 37.55 17.84 -43.67
N THR B 429 37.94 17.90 -44.93
CA THR B 429 37.77 19.07 -45.78
C THR B 429 37.06 18.65 -47.05
N ALA B 430 35.97 19.37 -47.41
CA ALA B 430 35.15 19.08 -48.59
C ALA B 430 35.94 19.16 -49.90
N THR B 431 35.64 18.25 -50.83
CA THR B 431 36.29 18.19 -52.15
C THR B 431 35.53 19.01 -53.20
N LYS B 432 34.32 19.48 -52.85
CA LYS B 432 33.50 20.32 -53.72
C LYS B 432 33.02 21.55 -52.94
N LYS B 433 33.15 22.72 -53.60
CA LYS B 433 32.78 24.06 -53.13
C LYS B 433 31.34 24.21 -52.55
N ASP B 434 30.39 23.42 -53.05
CA ASP B 434 28.96 23.47 -52.70
C ASP B 434 28.54 22.65 -51.48
N MET B 435 29.49 21.92 -50.86
CA MET B 435 29.25 21.04 -49.73
C MET B 435 29.18 21.76 -48.40
N SER B 436 28.24 21.32 -47.53
CA SER B 436 28.05 21.83 -46.18
C SER B 436 28.06 20.66 -45.17
N PRO B 437 28.96 20.65 -44.14
CA PRO B 437 29.97 21.66 -43.82
C PRO B 437 31.17 21.63 -44.75
N GLN B 438 31.83 22.77 -44.93
CA GLN B 438 32.98 22.82 -45.81
C GLN B 438 34.25 22.14 -45.15
N LYS B 439 34.26 22.09 -43.80
CA LYS B 439 35.26 21.42 -42.96
C LYS B 439 34.62 21.00 -41.64
N PHE B 440 35.16 19.94 -41.02
CA PHE B 440 34.81 19.42 -39.71
C PHE B 440 36.00 18.63 -39.21
N TRP B 441 35.89 18.07 -37.99
CA TRP B 441 36.98 17.30 -37.39
C TRP B 441 36.49 15.95 -36.95
N GLY B 442 37.26 14.93 -37.28
CA GLY B 442 36.97 13.56 -36.90
C GLY B 442 37.88 13.17 -35.77
N LEU B 443 37.44 13.36 -34.52
CA LEU B 443 38.29 13.07 -33.36
C LEU B 443 38.06 11.67 -32.80
N THR B 444 39.13 10.88 -32.58
CA THR B 444 39.03 9.52 -32.04
C THR B 444 38.85 9.56 -30.54
N ARG B 445 37.75 8.94 -30.03
CA ARG B 445 37.42 8.99 -28.61
C ARG B 445 38.50 8.42 -27.66
N SER B 446 39.41 7.59 -28.16
CA SER B 446 40.48 7.06 -27.31
C SER B 446 41.52 8.15 -27.02
N ALA B 447 41.56 9.22 -27.83
CA ALA B 447 42.55 10.30 -27.73
C ALA B 447 42.08 11.41 -26.84
N LEU B 448 40.79 11.34 -26.50
CA LEU B 448 40.03 12.33 -25.76
C LEU B 448 39.79 11.96 -24.32
N LEU B 449 39.60 12.99 -23.49
CA LEU B 449 39.38 12.90 -22.06
C LEU B 449 38.41 13.99 -21.65
N PRO B 450 37.21 13.63 -21.14
CA PRO B 450 36.23 14.65 -20.75
C PRO B 450 36.65 15.56 -19.57
N ARG B 451 37.85 15.34 -19.00
CA ARG B 451 38.48 16.06 -17.88
C ARG B 451 37.93 17.47 -17.58
ZN ZN C . 48.40 16.28 -25.95
C1 LVY D . 41.50 6.78 -42.09
C2 LVY D . 41.53 8.31 -42.38
C3 LVY D . 40.15 8.90 -42.08
C4 LVY D . 39.10 8.17 -42.88
N5 LVY D . 39.30 6.87 -43.22
C6 LVY D . 40.41 6.14 -42.91
C7 LVY D . 44.72 4.90 -42.10
C8 LVY D . 44.62 5.26 -43.44
C9 LVY D . 43.36 6.07 -43.70
N10 LVY D . 42.77 6.12 -42.36
C11 LVY D . 43.50 5.47 -41.42
C12 LVY D . 46.81 3.80 -42.53
C13 LVY D . 46.71 4.18 -43.89
C14 LVY D . 45.61 4.92 -44.38
C15 LVY D . 45.80 4.14 -41.61
O16 LVY D . 43.28 5.32 -40.21
N17 LVY D . 45.48 5.30 -45.69
O18 LVY D . 40.53 4.96 -43.23
O19 LVY D . 38.07 8.76 -43.19
#